data_1R21
#
_entry.id   1R21
#
_entity_poly.entity_id   1
_entity_poly.type   'polypeptide(L)'
_entity_poly.pdbx_seq_one_letter_code
;GSPEFPGGMWPTRRLVTIKRSGVDGPHFPLSLSTCLFGRGIECDIRIQLPVVSKQHCKIEIHEQEAILHNFSSTNPTQVN
GSVIDEPVRLKHGDVITIIDRSFRYENESLQNGRKSTEFPRKIREQEP
;
_entity_poly.pdbx_strand_id   A
#
# COMPACT_ATOMS: atom_id res chain seq x y z
N MET A 9 -9.31 18.49 -11.84
CA MET A 9 -7.88 18.81 -11.52
C MET A 9 -7.48 18.05 -10.28
N TRP A 10 -8.46 17.40 -9.68
CA TRP A 10 -8.24 16.64 -8.48
C TRP A 10 -8.56 15.15 -8.69
N PRO A 11 -7.69 14.42 -9.33
CA PRO A 11 -7.91 12.97 -9.57
C PRO A 11 -7.98 12.25 -8.24
N THR A 12 -7.37 12.88 -7.26
CA THR A 12 -7.35 12.36 -5.91
C THR A 12 -7.24 10.84 -5.86
N ARG A 13 -6.02 10.35 -5.75
CA ARG A 13 -5.78 8.92 -5.61
C ARG A 13 -5.40 8.71 -4.17
N ARG A 14 -6.36 8.28 -3.37
CA ARG A 14 -6.13 8.15 -1.94
C ARG A 14 -5.82 6.73 -1.50
N LEU A 15 -4.95 6.64 -0.51
CA LEU A 15 -4.61 5.37 0.08
C LEU A 15 -5.18 5.35 1.50
N VAL A 16 -6.25 4.61 1.69
CA VAL A 16 -6.88 4.54 3.01
C VAL A 16 -6.37 3.33 3.75
N THR A 17 -5.95 3.54 4.97
CA THR A 17 -5.45 2.46 5.79
C THR A 17 -6.50 2.02 6.78
N ILE A 18 -7.01 0.80 6.62
CA ILE A 18 -8.02 0.30 7.54
C ILE A 18 -7.37 0.12 8.90
N LYS A 19 -7.90 0.81 9.90
CA LYS A 19 -7.33 0.73 11.23
C LYS A 19 -7.34 -0.70 11.71
N ARG A 20 -8.54 -1.26 11.79
CA ARG A 20 -8.70 -2.64 12.21
C ARG A 20 -9.82 -3.28 11.41
N SER A 21 -10.09 -4.54 11.67
CA SER A 21 -11.13 -5.25 10.94
C SER A 21 -12.51 -4.68 11.22
N GLY A 22 -13.04 -3.88 10.29
CA GLY A 22 -14.39 -3.36 10.46
C GLY A 22 -14.53 -1.83 10.31
N VAL A 23 -13.46 -1.07 10.55
CA VAL A 23 -13.59 0.39 10.46
C VAL A 23 -12.49 1.05 9.65
N ASP A 24 -12.82 2.24 9.13
CA ASP A 24 -11.88 3.02 8.35
C ASP A 24 -10.93 3.76 9.27
N GLY A 25 -9.67 3.85 8.87
CA GLY A 25 -8.65 4.55 9.66
C GLY A 25 -8.22 5.84 8.96
N PRO A 26 -7.13 6.40 9.40
CA PRO A 26 -6.58 7.66 8.81
C PRO A 26 -6.25 7.49 7.33
N HIS A 27 -6.45 8.55 6.56
CA HIS A 27 -6.18 8.50 5.13
C HIS A 27 -4.74 8.93 4.83
N PHE A 28 -4.30 8.67 3.60
CA PHE A 28 -2.94 9.03 3.22
C PHE A 28 -2.90 9.62 1.82
N PRO A 29 -2.99 10.92 1.69
CA PRO A 29 -2.94 11.61 0.36
C PRO A 29 -1.61 11.35 -0.35
N LEU A 30 -1.66 11.23 -1.68
CA LEU A 30 -0.44 10.97 -2.43
C LEU A 30 0.19 12.27 -2.93
N SER A 31 1.34 12.61 -2.37
CA SER A 31 2.06 13.80 -2.78
C SER A 31 3.19 13.42 -3.71
N LEU A 32 3.62 12.16 -3.61
CA LEU A 32 4.71 11.66 -4.44
C LEU A 32 4.19 10.59 -5.40
N SER A 33 4.76 10.57 -6.61
CA SER A 33 4.33 9.60 -7.61
C SER A 33 4.70 8.18 -7.18
N THR A 34 5.60 8.07 -6.21
CA THR A 34 6.03 6.76 -5.73
C THR A 34 5.69 6.58 -4.24
N CYS A 35 4.93 5.53 -3.96
CA CYS A 35 4.55 5.23 -2.57
C CYS A 35 5.34 4.05 -2.03
N LEU A 36 5.98 4.23 -0.88
CA LEU A 36 6.79 3.19 -0.27
C LEU A 36 6.23 2.80 1.11
N PHE A 37 6.28 1.50 1.42
CA PHE A 37 5.77 0.98 2.69
C PHE A 37 6.90 0.49 3.58
N GLY A 38 6.76 0.67 4.90
CA GLY A 38 7.79 0.19 5.82
C GLY A 38 8.00 1.11 7.01
N ARG A 39 8.75 0.59 7.98
CA ARG A 39 9.07 1.32 9.20
C ARG A 39 9.91 2.56 8.91
N GLY A 40 10.86 2.42 8.00
CA GLY A 40 11.74 3.52 7.66
C GLY A 40 10.93 4.80 7.39
N ILE A 41 11.45 5.92 7.88
CA ILE A 41 10.78 7.21 7.69
C ILE A 41 10.77 7.55 6.20
N GLU A 42 11.74 7.03 5.48
CA GLU A 42 11.85 7.26 4.05
C GLU A 42 10.61 6.71 3.32
N CYS A 43 9.86 5.84 3.99
CA CYS A 43 8.68 5.27 3.39
C CYS A 43 7.51 6.24 3.43
N ASP A 44 6.86 6.42 2.29
CA ASP A 44 5.72 7.33 2.21
C ASP A 44 4.62 6.82 3.11
N ILE A 45 4.50 5.49 3.16
CA ILE A 45 3.50 4.86 4.01
C ILE A 45 4.19 4.24 5.21
N ARG A 46 4.42 5.08 6.22
CA ARG A 46 5.10 4.65 7.44
C ARG A 46 4.26 3.66 8.22
N ILE A 47 4.88 2.55 8.61
CA ILE A 47 4.20 1.52 9.37
C ILE A 47 4.96 1.21 10.67
N GLN A 48 4.26 1.25 11.80
CA GLN A 48 4.92 0.98 13.07
C GLN A 48 4.69 -0.47 13.51
N LEU A 49 5.48 -1.37 12.93
CA LEU A 49 5.39 -2.79 13.28
C LEU A 49 6.72 -3.48 12.97
N PRO A 50 7.40 -4.00 13.96
CA PRO A 50 8.72 -4.68 13.76
C PRO A 50 8.69 -5.75 12.66
N VAL A 51 7.58 -6.47 12.56
CA VAL A 51 7.45 -7.52 11.56
C VAL A 51 7.54 -6.95 10.13
N VAL A 52 6.93 -5.80 9.90
CA VAL A 52 6.95 -5.17 8.58
C VAL A 52 8.36 -4.68 8.24
N SER A 53 8.78 -4.84 6.99
CA SER A 53 10.12 -4.44 6.56
C SER A 53 10.21 -2.94 6.24
N LYS A 54 11.44 -2.43 6.17
CA LYS A 54 11.67 -1.02 5.87
C LYS A 54 11.14 -0.69 4.47
N GLN A 55 11.38 -1.62 3.55
CA GLN A 55 10.92 -1.46 2.17
C GLN A 55 10.07 -2.68 1.83
N HIS A 56 9.05 -2.90 2.65
CA HIS A 56 8.16 -4.04 2.51
C HIS A 56 7.45 -4.07 1.17
N CYS A 57 6.82 -2.95 0.81
CA CYS A 57 6.10 -2.88 -0.44
C CYS A 57 6.12 -1.48 -1.00
N LYS A 58 5.86 -1.35 -2.28
CA LYS A 58 5.88 -0.04 -2.93
C LYS A 58 4.81 0.08 -4.00
N ILE A 59 4.06 1.17 -3.94
CA ILE A 59 3.03 1.43 -4.94
C ILE A 59 3.49 2.51 -5.90
N GLU A 60 3.73 2.14 -7.15
CA GLU A 60 4.17 3.09 -8.15
C GLU A 60 2.97 3.62 -8.92
N ILE A 61 2.73 4.92 -8.77
CA ILE A 61 1.61 5.55 -9.42
C ILE A 61 1.89 5.85 -10.89
N HIS A 62 0.94 5.48 -11.74
CA HIS A 62 1.07 5.71 -13.17
C HIS A 62 0.04 6.72 -13.64
N GLU A 63 0.14 7.10 -14.91
CA GLU A 63 -0.78 8.07 -15.49
C GLU A 63 -2.20 7.88 -14.95
N GLN A 64 -2.64 6.62 -14.86
CA GLN A 64 -4.00 6.34 -14.37
C GLN A 64 -4.06 5.05 -13.56
N GLU A 65 -2.90 4.51 -13.19
CA GLU A 65 -2.90 3.24 -12.44
C GLU A 65 -1.85 3.21 -11.33
N ALA A 66 -2.16 2.44 -10.27
CA ALA A 66 -1.23 2.28 -9.16
C ALA A 66 -0.63 0.87 -9.25
N ILE A 67 0.69 0.79 -9.20
CA ILE A 67 1.35 -0.51 -9.34
C ILE A 67 2.14 -0.88 -8.09
N LEU A 68 1.86 -2.07 -7.55
CA LEU A 68 2.55 -2.55 -6.36
C LEU A 68 3.94 -3.09 -6.71
N HIS A 69 4.89 -2.90 -5.80
CA HIS A 69 6.24 -3.38 -6.00
C HIS A 69 6.77 -3.98 -4.70
N ASN A 70 6.33 -5.22 -4.44
CA ASN A 70 6.72 -5.95 -3.23
C ASN A 70 8.18 -6.39 -3.26
N PHE A 71 8.88 -6.15 -2.16
CA PHE A 71 10.28 -6.52 -2.05
C PHE A 71 10.45 -7.70 -1.07
N SER A 72 9.56 -7.79 -0.09
CA SER A 72 9.62 -8.85 0.91
C SER A 72 9.41 -10.23 0.30
N SER A 73 10.24 -11.18 0.73
CA SER A 73 10.13 -12.55 0.22
C SER A 73 9.47 -13.46 1.25
N THR A 74 10.02 -13.49 2.47
CA THR A 74 9.48 -14.33 3.53
C THR A 74 8.05 -13.91 3.87
N ASN A 75 7.86 -12.60 4.04
CA ASN A 75 6.54 -12.06 4.34
C ASN A 75 6.10 -11.13 3.22
N PRO A 76 5.59 -11.68 2.14
CA PRO A 76 5.15 -10.88 0.97
C PRO A 76 3.85 -10.14 1.23
N THR A 77 3.70 -8.99 0.57
CA THR A 77 2.49 -8.21 0.70
C THR A 77 1.34 -9.01 0.09
N GLN A 78 0.11 -8.65 0.42
CA GLN A 78 -1.03 -9.40 -0.09
C GLN A 78 -2.09 -8.50 -0.72
N VAL A 79 -2.76 -9.01 -1.74
CA VAL A 79 -3.82 -8.26 -2.41
C VAL A 79 -5.09 -9.10 -2.50
N ASN A 80 -6.21 -8.49 -2.13
CA ASN A 80 -7.50 -9.19 -2.18
C ASN A 80 -7.38 -10.58 -1.58
N GLY A 81 -6.47 -10.74 -0.62
CA GLY A 81 -6.28 -12.03 0.03
C GLY A 81 -5.44 -12.97 -0.82
N SER A 82 -4.69 -12.41 -1.75
CA SER A 82 -3.84 -13.21 -2.63
C SER A 82 -2.38 -12.82 -2.43
N VAL A 83 -1.53 -13.83 -2.24
CA VAL A 83 -0.10 -13.58 -2.03
C VAL A 83 0.53 -12.99 -3.29
N ILE A 84 1.46 -12.08 -3.06
CA ILE A 84 2.14 -11.40 -4.16
C ILE A 84 3.57 -11.89 -4.31
N ASP A 85 3.85 -12.62 -5.39
CA ASP A 85 5.19 -13.12 -5.64
C ASP A 85 6.10 -12.01 -6.15
N GLU A 86 5.56 -11.21 -7.08
CA GLU A 86 6.32 -10.11 -7.67
C GLU A 86 5.38 -8.91 -7.88
N PRO A 87 5.89 -7.80 -8.32
CA PRO A 87 5.07 -6.58 -8.55
C PRO A 87 3.85 -6.90 -9.42
N VAL A 88 2.70 -6.35 -9.05
CA VAL A 88 1.47 -6.62 -9.80
C VAL A 88 0.67 -5.35 -10.06
N ARG A 89 -0.26 -5.43 -11.01
CA ARG A 89 -1.11 -4.31 -11.37
C ARG A 89 -2.32 -4.26 -10.45
N LEU A 90 -2.72 -3.04 -10.09
CA LEU A 90 -3.85 -2.87 -9.18
C LEU A 90 -5.06 -2.22 -9.86
N LYS A 91 -6.24 -2.61 -9.38
CA LYS A 91 -7.48 -2.06 -9.88
C LYS A 91 -8.06 -1.13 -8.82
N HIS A 92 -8.94 -0.22 -9.22
CA HIS A 92 -9.55 0.69 -8.26
C HIS A 92 -10.41 -0.08 -7.26
N GLY A 93 -10.19 0.19 -5.98
CA GLY A 93 -10.94 -0.48 -4.93
C GLY A 93 -10.22 -1.70 -4.41
N ASP A 94 -9.03 -1.97 -4.96
CA ASP A 94 -8.24 -3.12 -4.53
C ASP A 94 -7.74 -2.92 -3.11
N VAL A 95 -7.62 -4.02 -2.36
CA VAL A 95 -7.16 -3.95 -0.98
C VAL A 95 -5.79 -4.61 -0.84
N ILE A 96 -4.87 -3.90 -0.21
CA ILE A 96 -3.52 -4.41 -0.01
C ILE A 96 -3.33 -4.75 1.47
N THR A 97 -2.80 -5.92 1.74
CA THR A 97 -2.58 -6.35 3.12
C THR A 97 -1.16 -6.84 3.34
N ILE A 98 -0.53 -6.32 4.38
CA ILE A 98 0.83 -6.72 4.73
C ILE A 98 0.76 -7.79 5.82
N ILE A 99 1.72 -7.83 6.74
CA ILE A 99 1.71 -8.85 7.77
C ILE A 99 0.51 -8.70 8.71
N ASP A 100 0.20 -7.47 9.15
CA ASP A 100 -0.92 -7.27 10.06
C ASP A 100 -1.68 -5.99 9.77
N ARG A 101 -1.40 -5.33 8.65
CA ARG A 101 -2.12 -4.10 8.32
C ARG A 101 -2.67 -4.15 6.91
N SER A 102 -3.69 -3.34 6.65
CA SER A 102 -4.31 -3.31 5.34
C SER A 102 -4.40 -1.89 4.79
N PHE A 103 -4.24 -1.77 3.48
CA PHE A 103 -4.32 -0.49 2.81
C PHE A 103 -5.28 -0.57 1.64
N ARG A 104 -5.96 0.53 1.35
CA ARG A 104 -6.92 0.56 0.26
C ARG A 104 -6.45 1.55 -0.80
N TYR A 105 -6.55 1.16 -2.06
CA TYR A 105 -6.15 2.03 -3.14
C TYR A 105 -7.37 2.49 -3.92
N GLU A 106 -7.74 3.76 -3.73
CA GLU A 106 -8.94 4.30 -4.39
C GLU A 106 -8.60 5.44 -5.34
N ASN A 107 -9.01 5.27 -6.59
CA ASN A 107 -8.78 6.28 -7.61
C ASN A 107 -10.12 6.91 -8.00
N GLU A 108 -10.39 8.11 -7.49
CA GLU A 108 -11.65 8.78 -7.79
C GLU A 108 -11.57 9.53 -9.11
N MET A 9 -12.68 22.52 -5.26
CA MET A 9 -12.89 21.19 -5.89
C MET A 9 -11.60 20.72 -6.53
N TRP A 10 -10.95 19.72 -5.92
CA TRP A 10 -9.70 19.20 -6.46
C TRP A 10 -9.48 17.77 -6.00
N PRO A 11 -10.26 16.86 -6.51
CA PRO A 11 -10.17 15.41 -6.15
C PRO A 11 -8.80 14.83 -6.48
N THR A 12 -8.33 13.93 -5.61
CA THR A 12 -7.04 13.31 -5.81
C THR A 12 -7.08 11.88 -5.31
N ARG A 13 -6.13 11.07 -5.75
CA ARG A 13 -6.06 9.68 -5.34
C ARG A 13 -5.67 9.63 -3.86
N ARG A 14 -6.32 8.75 -3.10
CA ARG A 14 -6.03 8.68 -1.68
C ARG A 14 -5.92 7.23 -1.21
N LEU A 15 -5.10 7.02 -0.20
CA LEU A 15 -4.93 5.69 0.36
C LEU A 15 -5.49 5.66 1.77
N VAL A 16 -6.32 4.67 2.09
CA VAL A 16 -6.90 4.57 3.43
C VAL A 16 -6.38 3.33 4.13
N THR A 17 -5.97 3.50 5.38
CA THR A 17 -5.46 2.37 6.13
C THR A 17 -6.53 1.80 7.04
N ILE A 18 -7.02 0.61 6.70
CA ILE A 18 -8.04 -0.04 7.50
C ILE A 18 -7.44 -0.49 8.82
N LYS A 19 -8.08 -0.11 9.92
CA LYS A 19 -7.58 -0.47 11.24
C LYS A 19 -8.59 -1.29 12.02
N ARG A 20 -8.09 -2.12 12.93
CA ARG A 20 -8.94 -2.97 13.73
C ARG A 20 -9.91 -3.73 12.84
N SER A 21 -9.52 -3.92 11.58
CA SER A 21 -10.35 -4.64 10.62
C SER A 21 -11.83 -4.37 10.85
N GLY A 22 -12.16 -3.14 11.23
CA GLY A 22 -13.54 -2.79 11.47
C GLY A 22 -13.86 -1.40 10.91
N VAL A 23 -13.89 -0.41 11.80
CA VAL A 23 -14.17 0.96 11.39
C VAL A 23 -12.97 1.53 10.64
N ASP A 24 -13.26 2.30 9.60
CA ASP A 24 -12.20 2.90 8.80
C ASP A 24 -11.39 3.88 9.66
N GLY A 25 -10.08 3.85 9.49
CA GLY A 25 -9.20 4.72 10.25
C GLY A 25 -8.75 5.92 9.43
N PRO A 26 -7.73 6.59 9.88
CA PRO A 26 -7.17 7.79 9.20
C PRO A 26 -6.70 7.47 7.78
N HIS A 27 -6.83 8.44 6.90
CA HIS A 27 -6.43 8.25 5.51
C HIS A 27 -5.03 8.80 5.26
N PHE A 28 -4.54 8.56 4.06
CA PHE A 28 -3.20 9.02 3.69
C PHE A 28 -3.22 9.69 2.31
N PRO A 29 -2.85 10.94 2.20
CA PRO A 29 -2.84 11.66 0.89
C PRO A 29 -1.70 11.21 -0.02
N LEU A 30 -1.91 11.32 -1.33
CA LEU A 30 -0.90 10.93 -2.29
C LEU A 30 -0.32 12.16 -2.98
N SER A 31 0.99 12.33 -2.87
CA SER A 31 1.67 13.48 -3.49
C SER A 31 2.87 13.02 -4.30
N LEU A 32 3.64 12.10 -3.72
CA LEU A 32 4.82 11.57 -4.38
C LEU A 32 4.44 10.51 -5.41
N SER A 33 5.11 10.52 -6.55
CA SER A 33 4.83 9.56 -7.61
C SER A 33 5.18 8.14 -7.19
N THR A 34 6.04 8.01 -6.17
CA THR A 34 6.45 6.69 -5.69
C THR A 34 6.09 6.53 -4.21
N CYS A 35 5.18 5.60 -3.92
CA CYS A 35 4.78 5.35 -2.54
C CYS A 35 5.53 4.14 -1.98
N LEU A 36 6.23 4.37 -0.88
CA LEU A 36 7.02 3.31 -0.24
C LEU A 36 6.44 2.97 1.15
N PHE A 37 6.44 1.67 1.46
CA PHE A 37 5.88 1.18 2.72
C PHE A 37 6.98 0.66 3.65
N GLY A 38 6.78 0.81 4.97
CA GLY A 38 7.75 0.31 5.94
C GLY A 38 7.99 1.28 7.09
N ARG A 39 8.69 0.78 8.11
CA ARG A 39 9.02 1.57 9.30
C ARG A 39 9.92 2.74 8.96
N GLY A 40 10.89 2.51 8.08
CA GLY A 40 11.81 3.56 7.70
C GLY A 40 11.09 4.86 7.40
N ILE A 41 11.74 5.99 7.67
CA ILE A 41 11.14 7.28 7.40
C ILE A 41 10.96 7.47 5.91
N GLU A 42 11.96 7.01 5.16
CA GLU A 42 11.95 7.12 3.71
C GLU A 42 10.68 6.48 3.14
N CYS A 43 9.93 5.77 3.97
CA CYS A 43 8.70 5.15 3.52
C CYS A 43 7.58 6.19 3.50
N ASP A 44 7.01 6.41 2.32
CA ASP A 44 5.92 7.37 2.20
C ASP A 44 4.76 6.92 3.06
N ILE A 45 4.60 5.60 3.13
CA ILE A 45 3.54 5.01 3.95
C ILE A 45 4.19 4.34 5.16
N ARG A 46 4.45 5.14 6.19
CA ARG A 46 5.10 4.66 7.40
C ARG A 46 4.23 3.66 8.17
N ILE A 47 4.83 2.54 8.53
CA ILE A 47 4.16 1.49 9.29
C ILE A 47 4.91 1.21 10.58
N GLN A 48 4.22 1.26 11.72
CA GLN A 48 4.87 0.99 12.99
C GLN A 48 4.63 -0.44 13.43
N LEU A 49 5.43 -1.36 12.88
CA LEU A 49 5.32 -2.77 13.22
C LEU A 49 6.64 -3.48 12.97
N PRO A 50 7.28 -4.05 13.98
CA PRO A 50 8.58 -4.77 13.79
C PRO A 50 8.51 -5.81 12.68
N VAL A 51 7.34 -6.43 12.53
CA VAL A 51 7.16 -7.46 11.51
C VAL A 51 7.30 -6.89 10.09
N VAL A 52 6.82 -5.67 9.87
CA VAL A 52 6.93 -5.04 8.54
C VAL A 52 8.36 -4.60 8.29
N SER A 53 8.82 -4.75 7.05
CA SER A 53 10.19 -4.37 6.68
C SER A 53 10.28 -2.87 6.38
N LYS A 54 11.51 -2.36 6.33
CA LYS A 54 11.75 -0.95 6.02
C LYS A 54 11.22 -0.62 4.64
N GLN A 55 11.43 -1.56 3.73
CA GLN A 55 10.96 -1.41 2.35
C GLN A 55 10.11 -2.62 2.02
N HIS A 56 9.05 -2.81 2.82
CA HIS A 56 8.17 -3.95 2.66
C HIS A 56 7.52 -3.99 1.29
N CYS A 57 6.93 -2.88 0.87
CA CYS A 57 6.28 -2.82 -0.43
C CYS A 57 6.27 -1.41 -0.97
N LYS A 58 5.98 -1.30 -2.26
CA LYS A 58 5.95 0.01 -2.91
C LYS A 58 4.82 0.12 -3.92
N ILE A 59 4.05 1.18 -3.80
CA ILE A 59 2.97 1.42 -4.74
C ILE A 59 3.37 2.50 -5.74
N GLU A 60 3.72 2.08 -6.95
CA GLU A 60 4.11 3.03 -7.98
C GLU A 60 2.87 3.53 -8.71
N ILE A 61 2.80 4.84 -8.93
CA ILE A 61 1.66 5.39 -9.59
C ILE A 61 1.85 5.46 -11.10
N HIS A 62 0.92 4.85 -11.82
CA HIS A 62 0.96 4.85 -13.27
C HIS A 62 -0.20 5.66 -13.81
N GLU A 63 0.05 6.36 -14.89
CA GLU A 63 -0.97 7.21 -15.50
C GLU A 63 -2.37 6.60 -15.41
N GLN A 64 -2.52 5.36 -15.85
CA GLN A 64 -3.84 4.71 -15.83
C GLN A 64 -4.21 4.16 -14.44
N GLU A 65 -3.25 3.61 -13.71
CA GLU A 65 -3.54 3.05 -12.37
C GLU A 65 -2.30 3.07 -11.47
N ALA A 66 -2.42 2.42 -10.31
CA ALA A 66 -1.30 2.33 -9.36
C ALA A 66 -0.76 0.90 -9.38
N ILE A 67 0.55 0.75 -9.21
CA ILE A 67 1.17 -0.58 -9.24
C ILE A 67 1.98 -0.89 -7.99
N LEU A 68 1.78 -2.11 -7.47
CA LEU A 68 2.49 -2.56 -6.28
C LEU A 68 3.89 -3.06 -6.63
N HIS A 69 4.81 -2.97 -5.67
CA HIS A 69 6.18 -3.42 -5.87
C HIS A 69 6.74 -4.01 -4.59
N ASN A 70 6.34 -5.26 -4.32
CA ASN A 70 6.77 -5.98 -3.12
C ASN A 70 8.24 -6.39 -3.17
N PHE A 71 8.94 -6.15 -2.06
CA PHE A 71 10.35 -6.51 -1.96
C PHE A 71 10.55 -7.62 -0.93
N SER A 72 9.52 -7.88 -0.12
CA SER A 72 9.61 -8.91 0.91
C SER A 72 9.53 -10.31 0.30
N SER A 73 10.20 -11.27 0.94
CA SER A 73 10.20 -12.64 0.45
C SER A 73 9.51 -13.58 1.44
N THR A 74 10.04 -13.64 2.66
CA THR A 74 9.47 -14.50 3.68
C THR A 74 8.06 -14.05 4.04
N ASN A 75 7.83 -12.74 3.99
CA ASN A 75 6.50 -12.19 4.29
C ASN A 75 6.06 -11.29 3.12
N PRO A 76 5.54 -11.86 2.07
CA PRO A 76 5.11 -11.06 0.89
C PRO A 76 3.82 -10.30 1.14
N THR A 77 3.70 -9.14 0.52
CA THR A 77 2.50 -8.35 0.64
C THR A 77 1.36 -9.09 -0.05
N GLN A 78 0.12 -8.72 0.26
CA GLN A 78 -1.01 -9.44 -0.34
C GLN A 78 -2.04 -8.47 -0.90
N VAL A 79 -2.69 -8.89 -1.99
CA VAL A 79 -3.73 -8.08 -2.63
C VAL A 79 -5.02 -8.87 -2.80
N ASN A 80 -6.13 -8.26 -2.41
CA ASN A 80 -7.43 -8.89 -2.52
C ASN A 80 -7.41 -10.31 -1.95
N GLY A 81 -6.50 -10.54 -1.01
CA GLY A 81 -6.41 -11.85 -0.37
C GLY A 81 -5.45 -12.79 -1.11
N SER A 82 -4.96 -12.37 -2.27
CA SER A 82 -4.04 -13.20 -3.03
C SER A 82 -2.62 -12.97 -2.51
N VAL A 83 -1.66 -13.73 -3.02
CA VAL A 83 -0.28 -13.56 -2.59
C VAL A 83 0.53 -12.94 -3.70
N ILE A 84 1.40 -12.04 -3.31
CA ILE A 84 2.23 -11.31 -4.25
C ILE A 84 3.67 -11.83 -4.22
N ASP A 85 4.12 -12.38 -5.34
CA ASP A 85 5.49 -12.89 -5.45
C ASP A 85 6.30 -12.02 -6.40
N GLU A 86 5.67 -10.95 -6.89
CA GLU A 86 6.32 -10.02 -7.81
C GLU A 86 5.42 -8.81 -8.03
N PRO A 87 5.90 -7.77 -8.66
CA PRO A 87 5.07 -6.54 -8.90
C PRO A 87 3.77 -6.89 -9.64
N VAL A 88 2.66 -6.28 -9.22
CA VAL A 88 1.36 -6.57 -9.85
C VAL A 88 0.55 -5.29 -10.08
N ARG A 89 -0.39 -5.39 -11.02
CA ARG A 89 -1.26 -4.26 -11.34
C ARG A 89 -2.40 -4.19 -10.34
N LEU A 90 -2.68 -2.97 -9.88
CA LEU A 90 -3.75 -2.78 -8.92
C LEU A 90 -4.95 -2.07 -9.55
N LYS A 91 -6.11 -2.68 -9.39
CA LYS A 91 -7.35 -2.11 -9.90
C LYS A 91 -7.90 -1.10 -8.91
N HIS A 92 -8.76 -0.21 -9.38
CA HIS A 92 -9.32 0.79 -8.50
C HIS A 92 -10.19 0.14 -7.44
N GLY A 93 -9.97 0.53 -6.18
CA GLY A 93 -10.75 -0.01 -5.08
C GLY A 93 -10.16 -1.31 -4.52
N ASP A 94 -8.97 -1.67 -4.99
CA ASP A 94 -8.32 -2.90 -4.51
C ASP A 94 -7.81 -2.70 -3.09
N VAL A 95 -7.50 -3.82 -2.42
CA VAL A 95 -7.01 -3.74 -1.04
C VAL A 95 -5.65 -4.43 -0.90
N ILE A 96 -4.72 -3.75 -0.23
CA ILE A 96 -3.38 -4.28 -0.01
C ILE A 96 -3.21 -4.69 1.43
N THR A 97 -2.68 -5.88 1.65
CA THR A 97 -2.47 -6.38 3.00
C THR A 97 -1.04 -6.87 3.20
N ILE A 98 -0.41 -6.35 4.26
CA ILE A 98 0.96 -6.72 4.60
C ILE A 98 0.89 -7.80 5.69
N ILE A 99 1.89 -7.89 6.56
CA ILE A 99 1.87 -8.93 7.59
C ILE A 99 0.70 -8.80 8.55
N ASP A 100 0.40 -7.59 9.03
CA ASP A 100 -0.70 -7.43 9.97
C ASP A 100 -1.47 -6.13 9.74
N ARG A 101 -1.31 -5.51 8.57
CA ARG A 101 -2.03 -4.29 8.28
C ARG A 101 -2.60 -4.29 6.88
N SER A 102 -3.56 -3.39 6.65
CA SER A 102 -4.20 -3.31 5.35
C SER A 102 -4.29 -1.86 4.86
N PHE A 103 -4.16 -1.70 3.55
CA PHE A 103 -4.23 -0.39 2.92
C PHE A 103 -5.21 -0.43 1.74
N ARG A 104 -5.90 0.67 1.52
CA ARG A 104 -6.87 0.76 0.44
C ARG A 104 -6.34 1.67 -0.66
N TYR A 105 -6.52 1.24 -1.91
CA TYR A 105 -6.05 2.04 -3.04
C TYR A 105 -7.25 2.44 -3.90
N GLU A 106 -7.65 3.71 -3.82
CA GLU A 106 -8.80 4.18 -4.60
C GLU A 106 -8.49 5.51 -5.27
N ASN A 107 -8.97 5.65 -6.51
CA ASN A 107 -8.76 6.87 -7.26
C ASN A 107 -10.09 7.55 -7.59
N GLU A 108 -10.23 8.81 -7.18
CA GLU A 108 -11.46 9.55 -7.46
C GLU A 108 -11.17 10.68 -8.45
N MET A 9 -13.78 16.32 -3.43
CA MET A 9 -13.97 16.32 -4.91
C MET A 9 -13.13 15.20 -5.53
N TRP A 10 -12.25 14.61 -4.74
CA TRP A 10 -11.40 13.53 -5.19
C TRP A 10 -10.66 13.93 -6.48
N PRO A 11 -9.99 15.04 -6.46
CA PRO A 11 -9.22 15.55 -7.63
C PRO A 11 -8.01 14.68 -7.96
N THR A 12 -7.49 13.98 -6.96
CA THR A 12 -6.32 13.12 -7.15
C THR A 12 -6.55 11.76 -6.51
N ARG A 13 -5.63 10.84 -6.76
CA ARG A 13 -5.72 9.49 -6.20
C ARG A 13 -5.53 9.54 -4.69
N ARG A 14 -6.20 8.64 -3.97
CA ARG A 14 -6.11 8.62 -2.52
C ARG A 14 -5.95 7.20 -2.01
N LEU A 15 -5.13 7.05 -0.97
CA LEU A 15 -4.90 5.75 -0.38
C LEU A 15 -5.53 5.74 1.02
N VAL A 16 -6.29 4.71 1.32
CA VAL A 16 -6.95 4.61 2.61
C VAL A 16 -6.50 3.38 3.37
N THR A 17 -6.18 3.56 4.65
CA THR A 17 -5.72 2.46 5.48
C THR A 17 -6.83 2.01 6.42
N ILE A 18 -7.28 0.76 6.25
CA ILE A 18 -8.35 0.24 7.11
C ILE A 18 -7.77 -0.20 8.45
N LYS A 19 -8.32 0.36 9.52
CA LYS A 19 -7.86 0.03 10.87
C LYS A 19 -8.14 -1.42 11.20
N ARG A 20 -9.38 -1.86 10.95
CA ARG A 20 -9.77 -3.23 11.21
C ARG A 20 -10.93 -3.65 10.31
N SER A 21 -11.05 -4.95 10.07
CA SER A 21 -12.12 -5.47 9.23
C SER A 21 -12.30 -4.61 7.98
N GLY A 22 -13.53 -4.16 7.73
CA GLY A 22 -13.82 -3.34 6.57
C GLY A 22 -14.36 -1.98 6.98
N VAL A 23 -13.51 -1.17 7.61
CA VAL A 23 -13.91 0.15 8.05
C VAL A 23 -12.91 1.20 7.58
N ASP A 24 -13.33 2.47 7.62
CA ASP A 24 -12.47 3.57 7.18
C ASP A 24 -11.50 3.98 8.29
N GLY A 25 -10.21 3.78 8.02
CA GLY A 25 -9.17 4.13 8.98
C GLY A 25 -8.41 5.37 8.50
N PRO A 26 -7.17 5.51 8.90
CA PRO A 26 -6.32 6.68 8.50
C PRO A 26 -6.13 6.76 6.99
N HIS A 27 -6.08 8.00 6.46
CA HIS A 27 -5.89 8.20 5.03
C HIS A 27 -4.46 8.61 4.72
N PHE A 28 -4.12 8.61 3.43
CA PHE A 28 -2.78 9.00 3.02
C PHE A 28 -2.82 9.63 1.63
N PRO A 29 -2.93 10.93 1.54
CA PRO A 29 -2.96 11.63 0.23
C PRO A 29 -1.69 11.31 -0.56
N LEU A 30 -1.85 11.12 -1.87
CA LEU A 30 -0.72 10.79 -2.71
C LEU A 30 -0.07 12.03 -3.30
N SER A 31 0.88 12.60 -2.55
CA SER A 31 1.59 13.78 -3.01
C SER A 31 2.84 13.36 -3.79
N LEU A 32 3.24 12.11 -3.58
CA LEU A 32 4.41 11.55 -4.25
C LEU A 32 3.98 10.45 -5.21
N SER A 33 4.59 10.40 -6.39
CA SER A 33 4.24 9.38 -7.38
C SER A 33 4.65 7.98 -6.93
N THR A 34 5.55 7.90 -5.95
CA THR A 34 6.01 6.61 -5.45
C THR A 34 5.63 6.42 -3.99
N CYS A 35 4.67 5.54 -3.72
CA CYS A 35 4.24 5.27 -2.36
C CYS A 35 4.91 4.00 -1.83
N LEU A 36 5.69 4.14 -0.76
CA LEU A 36 6.42 3.00 -0.19
C LEU A 36 5.96 2.68 1.24
N PHE A 37 6.04 1.39 1.58
CA PHE A 37 5.67 0.93 2.94
C PHE A 37 6.89 0.43 3.68
N GLY A 38 7.00 0.77 4.96
CA GLY A 38 8.15 0.29 5.72
C GLY A 38 8.43 1.11 6.97
N ARG A 39 9.28 0.56 7.82
CA ARG A 39 9.68 1.21 9.07
C ARG A 39 10.45 2.49 8.79
N GLY A 40 11.27 2.47 7.75
CA GLY A 40 12.08 3.64 7.41
C GLY A 40 11.19 4.84 7.13
N ILE A 41 11.67 6.01 7.50
CA ILE A 41 10.93 7.24 7.27
C ILE A 41 10.81 7.52 5.77
N GLU A 42 11.89 7.24 5.04
CA GLU A 42 11.89 7.45 3.59
C GLU A 42 10.63 6.85 2.98
N CYS A 43 9.91 6.08 3.78
CA CYS A 43 8.69 5.44 3.30
C CYS A 43 7.52 6.41 3.36
N ASP A 44 6.77 6.49 2.26
CA ASP A 44 5.60 7.36 2.23
C ASP A 44 4.62 6.89 3.27
N ILE A 45 4.53 5.57 3.39
CA ILE A 45 3.65 4.95 4.36
C ILE A 45 4.49 4.31 5.45
N ARG A 46 4.84 5.10 6.47
CA ARG A 46 5.66 4.60 7.55
C ARG A 46 4.87 3.64 8.43
N ILE A 47 5.47 2.47 8.68
CA ILE A 47 4.83 1.47 9.53
C ILE A 47 5.69 1.21 10.76
N GLN A 48 5.12 1.40 11.94
CA GLN A 48 5.88 1.18 13.17
C GLN A 48 5.58 -0.20 13.74
N LEU A 49 6.24 -1.22 13.18
CA LEU A 49 6.08 -2.59 13.61
C LEU A 49 7.34 -3.39 13.28
N PRO A 50 7.92 -4.12 14.20
CA PRO A 50 9.17 -4.90 13.93
C PRO A 50 8.95 -6.02 12.91
N VAL A 51 7.69 -6.43 12.77
CA VAL A 51 7.36 -7.51 11.84
C VAL A 51 7.46 -7.05 10.37
N VAL A 52 7.23 -5.77 10.11
CA VAL A 52 7.31 -5.25 8.74
C VAL A 52 8.75 -4.89 8.40
N SER A 53 9.05 -4.80 7.11
CA SER A 53 10.41 -4.47 6.68
C SER A 53 10.56 -2.99 6.35
N LYS A 54 11.81 -2.53 6.34
CA LYS A 54 12.11 -1.14 6.00
C LYS A 54 11.67 -0.86 4.58
N GLN A 55 11.91 -1.84 3.72
CA GLN A 55 11.52 -1.78 2.32
C GLN A 55 10.62 -2.96 2.04
N HIS A 56 9.38 -2.88 2.53
CA HIS A 56 8.42 -3.97 2.39
C HIS A 56 7.85 -4.06 0.98
N CYS A 57 7.08 -3.04 0.61
CA CYS A 57 6.46 -2.98 -0.71
C CYS A 57 6.19 -1.53 -1.08
N LYS A 58 5.75 -1.28 -2.31
CA LYS A 58 5.47 0.09 -2.70
C LYS A 58 4.48 0.19 -3.84
N ILE A 59 3.58 1.16 -3.72
CA ILE A 59 2.59 1.41 -4.76
C ILE A 59 3.07 2.58 -5.61
N GLU A 60 3.48 2.30 -6.83
CA GLU A 60 3.96 3.34 -7.72
C GLU A 60 2.79 3.97 -8.45
N ILE A 61 2.63 5.27 -8.25
CA ILE A 61 1.54 5.99 -8.87
C ILE A 61 1.91 6.50 -10.26
N HIS A 62 1.08 6.14 -11.24
CA HIS A 62 1.28 6.55 -12.61
C HIS A 62 0.19 7.55 -12.99
N GLU A 63 0.28 8.06 -14.21
CA GLU A 63 -0.69 9.04 -14.68
C GLU A 63 -2.10 8.68 -14.22
N GLN A 64 -2.48 7.41 -14.36
CA GLN A 64 -3.81 6.98 -13.97
C GLN A 64 -3.80 5.55 -13.43
N GLU A 65 -2.63 5.08 -12.97
CA GLU A 65 -2.55 3.72 -12.43
C GLU A 65 -1.60 3.63 -11.25
N ALA A 66 -1.92 2.71 -10.34
CA ALA A 66 -1.09 2.45 -9.18
C ALA A 66 -0.50 1.05 -9.33
N ILE A 67 0.82 0.94 -9.21
CA ILE A 67 1.47 -0.34 -9.38
C ILE A 67 2.23 -0.75 -8.12
N LEU A 68 2.01 -1.98 -7.66
CA LEU A 68 2.66 -2.49 -6.46
C LEU A 68 3.97 -3.18 -6.79
N HIS A 69 4.99 -2.98 -5.96
CA HIS A 69 6.28 -3.62 -6.17
C HIS A 69 6.79 -4.18 -4.84
N ASN A 70 6.24 -5.32 -4.47
CA ASN A 70 6.60 -5.99 -3.22
C ASN A 70 8.07 -6.40 -3.20
N PHE A 71 8.73 -6.15 -2.08
CA PHE A 71 10.14 -6.48 -1.91
C PHE A 71 10.30 -7.71 -1.00
N SER A 72 9.41 -7.83 -0.02
CA SER A 72 9.47 -8.92 0.96
C SER A 72 9.23 -10.28 0.32
N SER A 73 9.99 -11.27 0.78
CA SER A 73 9.84 -12.64 0.29
C SER A 73 9.22 -13.52 1.37
N THR A 74 9.83 -13.51 2.56
CA THR A 74 9.33 -14.30 3.68
C THR A 74 7.94 -13.83 4.08
N ASN A 75 7.77 -12.52 4.18
CA ASN A 75 6.46 -11.94 4.52
C ASN A 75 6.01 -11.03 3.38
N PRO A 76 5.49 -11.61 2.32
CA PRO A 76 5.04 -10.83 1.14
C PRO A 76 3.73 -10.10 1.35
N THR A 77 3.61 -8.94 0.71
CA THR A 77 2.38 -8.17 0.80
C THR A 77 1.27 -8.99 0.18
N GLN A 78 0.03 -8.67 0.48
CA GLN A 78 -1.08 -9.45 -0.04
C GLN A 78 -2.15 -8.58 -0.68
N VAL A 79 -2.81 -9.11 -1.69
CA VAL A 79 -3.88 -8.37 -2.36
C VAL A 79 -5.18 -9.18 -2.40
N ASN A 80 -6.25 -8.56 -1.95
CA ASN A 80 -7.56 -9.21 -1.94
C ASN A 80 -7.47 -10.62 -1.38
N GLY A 81 -6.54 -10.83 -0.46
CA GLY A 81 -6.38 -12.14 0.16
C GLY A 81 -5.51 -13.06 -0.68
N SER A 82 -4.78 -12.49 -1.64
CA SER A 82 -3.91 -13.29 -2.49
C SER A 82 -2.45 -12.91 -2.27
N VAL A 83 -1.60 -13.93 -2.15
CA VAL A 83 -0.19 -13.69 -1.94
C VAL A 83 0.44 -13.03 -3.15
N ILE A 84 1.41 -12.18 -2.89
CA ILE A 84 2.13 -11.47 -3.93
C ILE A 84 3.56 -11.99 -4.03
N ASP A 85 3.88 -12.62 -5.15
CA ASP A 85 5.22 -13.15 -5.36
C ASP A 85 6.07 -12.14 -6.12
N GLU A 86 5.41 -11.32 -6.93
CA GLU A 86 6.09 -10.32 -7.73
C GLU A 86 5.20 -9.09 -7.89
N PRO A 87 5.70 -8.00 -8.44
CA PRO A 87 4.87 -6.77 -8.63
C PRO A 87 3.61 -7.07 -9.43
N VAL A 88 2.50 -6.46 -9.03
CA VAL A 88 1.23 -6.69 -9.71
C VAL A 88 0.48 -5.40 -9.95
N ARG A 89 -0.47 -5.42 -10.88
CA ARG A 89 -1.26 -4.24 -11.19
C ARG A 89 -2.46 -4.18 -10.28
N LEU A 90 -2.78 -3.00 -9.80
CA LEU A 90 -3.90 -2.84 -8.89
C LEU A 90 -5.09 -2.22 -9.61
N LYS A 91 -6.26 -2.76 -9.34
CA LYS A 91 -7.48 -2.25 -9.94
C LYS A 91 -8.15 -1.30 -8.96
N HIS A 92 -9.17 -0.58 -9.42
CA HIS A 92 -9.83 0.36 -8.54
C HIS A 92 -10.59 -0.38 -7.45
N GLY A 93 -10.41 0.05 -6.22
CA GLY A 93 -11.08 -0.58 -5.08
C GLY A 93 -10.32 -1.82 -4.62
N ASP A 94 -9.04 -1.92 -5.01
CA ASP A 94 -8.23 -3.07 -4.60
C ASP A 94 -7.83 -2.96 -3.14
N VAL A 95 -7.67 -4.11 -2.50
CA VAL A 95 -7.28 -4.14 -1.09
C VAL A 95 -5.91 -4.78 -0.93
N ILE A 96 -5.04 -4.12 -0.17
CA ILE A 96 -3.70 -4.64 0.05
C ILE A 96 -3.49 -4.90 1.54
N THR A 97 -2.93 -6.06 1.85
CA THR A 97 -2.69 -6.42 3.24
C THR A 97 -1.26 -6.89 3.47
N ILE A 98 -0.61 -6.30 4.48
CA ILE A 98 0.76 -6.67 4.83
C ILE A 98 0.69 -7.73 5.94
N ILE A 99 1.64 -7.72 6.88
CA ILE A 99 1.62 -8.71 7.95
C ILE A 99 0.38 -8.60 8.83
N ASP A 100 0.01 -7.37 9.21
CA ASP A 100 -1.16 -7.20 10.06
C ASP A 100 -1.87 -5.87 9.76
N ARG A 101 -1.58 -5.28 8.61
CA ARG A 101 -2.21 -4.01 8.25
C ARG A 101 -2.93 -4.12 6.91
N SER A 102 -3.94 -3.28 6.72
CA SER A 102 -4.71 -3.31 5.48
C SER A 102 -4.73 -1.94 4.80
N PHE A 103 -4.46 -1.94 3.50
CA PHE A 103 -4.47 -0.71 2.71
C PHE A 103 -5.31 -0.93 1.45
N ARG A 104 -6.01 0.11 1.00
CA ARG A 104 -6.83 -0.03 -0.20
C ARG A 104 -6.62 1.15 -1.14
N TYR A 105 -6.37 0.86 -2.42
CA TYR A 105 -6.13 1.90 -3.41
C TYR A 105 -7.39 2.19 -4.23
N GLU A 106 -7.79 3.46 -4.31
CA GLU A 106 -8.97 3.83 -5.07
C GLU A 106 -8.78 5.16 -5.79
N ASN A 107 -9.19 5.20 -7.06
CA ASN A 107 -9.09 6.42 -7.86
C ASN A 107 -10.47 6.87 -8.31
N GLU A 108 -11.00 7.92 -7.69
CA GLU A 108 -12.32 8.43 -8.05
C GLU A 108 -12.22 9.50 -9.12
N MET A 9 -2.91 17.93 -11.79
CA MET A 9 -2.99 19.22 -11.05
C MET A 9 -4.23 19.22 -10.17
N TRP A 10 -4.88 18.06 -10.07
CA TRP A 10 -6.08 17.91 -9.25
C TRP A 10 -6.40 16.42 -9.12
N PRO A 11 -5.56 15.69 -8.44
CA PRO A 11 -5.74 14.21 -8.25
C PRO A 11 -6.90 13.87 -7.31
N THR A 12 -7.58 12.76 -7.59
CA THR A 12 -8.70 12.34 -6.76
C THR A 12 -8.46 10.94 -6.18
N ARG A 13 -7.20 10.54 -6.15
CA ARG A 13 -6.85 9.24 -5.61
C ARG A 13 -6.37 9.36 -4.17
N ARG A 14 -6.86 8.48 -3.30
CA ARG A 14 -6.48 8.50 -1.91
C ARG A 14 -6.23 7.09 -1.39
N LEU A 15 -5.25 6.95 -0.51
CA LEU A 15 -4.95 5.65 0.08
C LEU A 15 -5.37 5.69 1.54
N VAL A 16 -6.13 4.69 1.97
CA VAL A 16 -6.64 4.66 3.34
C VAL A 16 -6.10 3.44 4.08
N THR A 17 -5.74 3.66 5.35
CA THR A 17 -5.23 2.58 6.18
C THR A 17 -6.25 2.20 7.25
N ILE A 18 -6.72 0.96 7.23
CA ILE A 18 -7.70 0.51 8.19
C ILE A 18 -7.05 0.15 9.53
N LYS A 19 -7.52 0.78 10.61
CA LYS A 19 -6.97 0.52 11.94
C LYS A 19 -7.45 -0.83 12.48
N ARG A 20 -6.55 -1.55 13.15
CA ARG A 20 -6.89 -2.88 13.70
C ARG A 20 -7.81 -3.62 12.74
N SER A 21 -9.11 -3.58 13.04
CA SER A 21 -10.09 -4.25 12.19
C SER A 21 -11.49 -3.74 12.50
N GLY A 22 -12.16 -3.20 11.49
CA GLY A 22 -13.52 -2.69 11.67
C GLY A 22 -13.54 -1.17 11.81
N VAL A 23 -12.38 -0.57 12.10
CA VAL A 23 -12.30 0.88 12.24
C VAL A 23 -11.29 1.47 11.28
N ASP A 24 -11.72 2.51 10.57
CA ASP A 24 -10.84 3.17 9.61
C ASP A 24 -9.72 3.90 10.34
N GLY A 25 -8.51 3.81 9.79
CA GLY A 25 -7.36 4.46 10.38
C GLY A 25 -7.03 5.74 9.63
N PRO A 26 -5.84 6.25 9.83
CA PRO A 26 -5.38 7.50 9.15
C PRO A 26 -5.36 7.35 7.62
N HIS A 27 -5.64 8.44 6.92
CA HIS A 27 -5.63 8.42 5.46
C HIS A 27 -4.28 8.89 4.94
N PHE A 28 -4.02 8.66 3.66
CA PHE A 28 -2.75 9.07 3.08
C PHE A 28 -2.95 9.62 1.66
N PRO A 29 -3.19 10.90 1.52
CA PRO A 29 -3.37 11.53 0.18
C PRO A 29 -2.15 11.29 -0.70
N LEU A 30 -2.36 11.11 -2.00
CA LEU A 30 -1.23 10.85 -2.88
C LEU A 30 -0.71 12.14 -3.52
N SER A 31 0.56 12.40 -3.28
CA SER A 31 1.21 13.60 -3.81
C SER A 31 2.56 13.23 -4.42
N LEU A 32 3.03 12.02 -4.12
CA LEU A 32 4.31 11.54 -4.64
C LEU A 32 4.08 10.53 -5.76
N SER A 33 4.92 10.58 -6.78
CA SER A 33 4.79 9.68 -7.92
C SER A 33 5.02 8.23 -7.51
N THR A 34 5.69 8.03 -6.38
CA THR A 34 5.97 6.68 -5.90
C THR A 34 5.62 6.53 -4.43
N CYS A 35 4.86 5.48 -4.10
CA CYS A 35 4.48 5.22 -2.71
C CYS A 35 5.32 4.07 -2.14
N LEU A 36 5.90 4.28 -0.97
CA LEU A 36 6.73 3.26 -0.33
C LEU A 36 6.23 2.92 1.08
N PHE A 37 6.17 1.62 1.36
CA PHE A 37 5.71 1.13 2.66
C PHE A 37 6.88 0.63 3.48
N GLY A 38 6.75 0.71 4.81
CA GLY A 38 7.81 0.22 5.67
C GLY A 38 7.93 1.01 6.96
N ARG A 39 8.56 0.37 7.94
CA ARG A 39 8.79 0.97 9.25
C ARG A 39 9.73 2.15 9.17
N GLY A 40 10.77 2.01 8.35
CA GLY A 40 11.76 3.09 8.20
C GLY A 40 11.09 4.41 7.81
N ILE A 41 11.73 5.51 8.19
CA ILE A 41 11.20 6.84 7.90
C ILE A 41 11.19 7.11 6.40
N GLU A 42 12.08 6.45 5.68
CA GLU A 42 12.20 6.64 4.23
C GLU A 42 10.88 6.28 3.53
N CYS A 43 10.09 5.39 4.12
CA CYS A 43 8.84 4.98 3.51
C CYS A 43 7.81 6.11 3.54
N ASP A 44 7.19 6.37 2.39
CA ASP A 44 6.17 7.41 2.29
C ASP A 44 5.00 7.00 3.17
N ILE A 45 4.75 5.71 3.19
CA ILE A 45 3.70 5.14 3.99
C ILE A 45 4.32 4.43 5.19
N ARG A 46 4.68 5.20 6.21
CA ARG A 46 5.32 4.61 7.38
C ARG A 46 4.36 3.69 8.11
N ILE A 47 4.86 2.50 8.44
CA ILE A 47 4.06 1.51 9.15
C ILE A 47 4.69 1.22 10.51
N GLN A 48 3.93 1.35 11.59
CA GLN A 48 4.47 1.07 12.91
C GLN A 48 4.25 -0.39 13.31
N LEU A 49 5.14 -1.27 12.81
CA LEU A 49 5.07 -2.69 13.13
C LEU A 49 6.47 -3.31 12.95
N PRO A 50 7.13 -3.70 14.01
CA PRO A 50 8.49 -4.32 13.91
C PRO A 50 8.56 -5.46 12.89
N VAL A 51 7.48 -6.24 12.79
CA VAL A 51 7.46 -7.37 11.86
C VAL A 51 7.33 -6.90 10.41
N VAL A 52 7.47 -5.60 10.17
CA VAL A 52 7.39 -5.09 8.81
C VAL A 52 8.78 -4.74 8.31
N SER A 53 8.94 -4.63 7.00
CA SER A 53 10.24 -4.31 6.44
C SER A 53 10.32 -2.85 6.01
N LYS A 54 11.52 -2.29 6.00
CA LYS A 54 11.68 -0.89 5.60
C LYS A 54 11.19 -0.71 4.17
N GLN A 55 11.47 -1.70 3.34
CA GLN A 55 11.04 -1.69 1.96
C GLN A 55 10.06 -2.84 1.75
N HIS A 56 9.08 -2.93 2.64
CA HIS A 56 8.10 -4.01 2.59
C HIS A 56 7.33 -4.03 1.29
N CYS A 57 6.68 -2.93 0.97
CA CYS A 57 5.92 -2.86 -0.26
C CYS A 57 6.05 -1.49 -0.90
N LYS A 58 5.86 -1.44 -2.20
CA LYS A 58 5.98 -0.17 -2.91
C LYS A 58 4.92 -0.04 -4.00
N ILE A 59 4.14 1.02 -3.92
CA ILE A 59 3.11 1.25 -4.91
C ILE A 59 3.52 2.39 -5.84
N GLU A 60 3.81 2.05 -7.08
CA GLU A 60 4.22 3.04 -8.05
C GLU A 60 3.00 3.69 -8.66
N ILE A 61 3.06 5.00 -8.82
CA ILE A 61 1.94 5.73 -9.39
C ILE A 61 2.28 6.19 -10.79
N HIS A 62 1.38 5.93 -11.71
CA HIS A 62 1.60 6.32 -13.10
C HIS A 62 0.36 7.01 -13.68
N GLU A 63 0.37 7.20 -15.00
CA GLU A 63 -0.72 7.90 -15.69
C GLU A 63 -2.00 7.93 -14.88
N GLN A 64 -2.66 6.79 -14.70
CA GLN A 64 -3.90 6.79 -13.94
C GLN A 64 -4.08 5.51 -13.12
N GLU A 65 -3.00 4.87 -12.72
CA GLU A 65 -3.14 3.65 -11.94
C GLU A 65 -1.93 3.38 -11.04
N ALA A 66 -2.19 2.76 -9.89
CA ALA A 66 -1.14 2.42 -8.94
C ALA A 66 -0.62 1.00 -9.21
N ILE A 67 0.69 0.80 -9.08
CA ILE A 67 1.28 -0.53 -9.34
C ILE A 67 2.12 -0.97 -8.14
N LEU A 68 1.87 -2.20 -7.66
CA LEU A 68 2.59 -2.73 -6.49
C LEU A 68 3.99 -3.22 -6.83
N HIS A 69 4.90 -3.06 -5.88
CA HIS A 69 6.28 -3.48 -6.03
C HIS A 69 6.79 -4.04 -4.70
N ASN A 70 6.38 -5.28 -4.41
CA ASN A 70 6.75 -5.96 -3.17
C ASN A 70 8.19 -6.47 -3.18
N PHE A 71 8.86 -6.31 -2.04
CA PHE A 71 10.25 -6.74 -1.90
C PHE A 71 10.38 -7.95 -0.98
N SER A 72 9.59 -7.98 0.08
CA SER A 72 9.65 -9.06 1.06
C SER A 72 9.40 -10.42 0.41
N SER A 73 10.21 -11.38 0.80
CA SER A 73 10.09 -12.74 0.27
C SER A 73 9.35 -13.62 1.29
N THR A 74 9.89 -13.69 2.50
CA THR A 74 9.28 -14.50 3.56
C THR A 74 7.92 -13.94 3.95
N ASN A 75 7.82 -12.62 4.08
CA ASN A 75 6.55 -12.00 4.44
C ASN A 75 6.12 -11.04 3.33
N PRO A 76 5.55 -11.55 2.27
CA PRO A 76 5.11 -10.72 1.11
C PRO A 76 3.80 -10.00 1.35
N THR A 77 3.65 -8.86 0.70
CA THR A 77 2.42 -8.08 0.81
C THR A 77 1.30 -8.89 0.17
N GLN A 78 0.05 -8.57 0.50
CA GLN A 78 -1.08 -9.31 -0.03
C GLN A 78 -2.08 -8.42 -0.75
N VAL A 79 -2.63 -8.95 -1.85
CA VAL A 79 -3.61 -8.21 -2.63
C VAL A 79 -4.85 -9.06 -2.87
N ASN A 80 -6.02 -8.47 -2.62
CA ASN A 80 -7.27 -9.18 -2.79
C ASN A 80 -7.22 -10.51 -2.06
N GLY A 81 -6.41 -10.53 -0.99
CA GLY A 81 -6.26 -11.73 -0.19
C GLY A 81 -5.25 -12.68 -0.82
N SER A 82 -4.72 -12.29 -1.98
CA SER A 82 -3.74 -13.11 -2.67
C SER A 82 -2.34 -12.72 -2.24
N VAL A 83 -1.41 -13.66 -2.35
CA VAL A 83 -0.03 -13.40 -1.97
C VAL A 83 0.72 -12.74 -3.12
N ILE A 84 1.60 -11.83 -2.78
CA ILE A 84 2.39 -11.12 -3.78
C ILE A 84 3.81 -11.68 -3.87
N ASP A 85 4.10 -12.39 -4.96
CA ASP A 85 5.43 -12.97 -5.15
C ASP A 85 6.26 -12.11 -6.11
N GLU A 86 5.68 -11.01 -6.56
CA GLU A 86 6.36 -10.10 -7.48
C GLU A 86 5.45 -8.90 -7.78
N PRO A 87 5.97 -7.85 -8.37
CA PRO A 87 5.14 -6.65 -8.70
C PRO A 87 3.92 -7.03 -9.52
N VAL A 88 2.77 -6.43 -9.18
CA VAL A 88 1.54 -6.72 -9.90
C VAL A 88 0.75 -5.45 -10.16
N ARG A 89 -0.17 -5.52 -11.12
CA ARG A 89 -1.01 -4.38 -11.45
C ARG A 89 -2.18 -4.32 -10.47
N LEU A 90 -2.47 -3.12 -9.97
CA LEU A 90 -3.58 -2.95 -9.05
C LEU A 90 -4.74 -2.22 -9.70
N LYS A 91 -5.92 -2.83 -9.63
CA LYS A 91 -7.10 -2.22 -10.20
C LYS A 91 -7.80 -1.40 -9.12
N HIS A 92 -8.50 -0.34 -9.54
CA HIS A 92 -9.18 0.50 -8.57
C HIS A 92 -10.18 -0.32 -7.76
N GLY A 93 -10.19 -0.09 -6.45
CA GLY A 93 -11.10 -0.79 -5.56
C GLY A 93 -10.41 -2.01 -4.92
N ASP A 94 -9.17 -2.25 -5.34
CA ASP A 94 -8.41 -3.38 -4.81
C ASP A 94 -7.87 -3.05 -3.43
N VAL A 95 -7.66 -4.07 -2.61
CA VAL A 95 -7.15 -3.86 -1.26
C VAL A 95 -5.79 -4.49 -1.08
N ILE A 96 -4.87 -3.73 -0.51
CA ILE A 96 -3.52 -4.22 -0.27
C ILE A 96 -3.33 -4.45 1.22
N THR A 97 -2.84 -5.62 1.58
CA THR A 97 -2.65 -5.93 2.98
C THR A 97 -1.24 -6.42 3.26
N ILE A 98 -0.61 -5.83 4.26
CA ILE A 98 0.73 -6.25 4.62
C ILE A 98 0.62 -7.46 5.55
N ILE A 99 1.54 -7.59 6.49
CA ILE A 99 1.50 -8.72 7.41
C ILE A 99 0.26 -8.70 8.31
N ASP A 100 -0.09 -7.54 8.85
CA ASP A 100 -1.26 -7.45 9.73
C ASP A 100 -2.03 -6.14 9.55
N ARG A 101 -1.76 -5.42 8.47
CA ARG A 101 -2.46 -4.16 8.20
C ARG A 101 -3.09 -4.16 6.82
N SER A 102 -4.22 -3.47 6.69
CA SER A 102 -4.93 -3.41 5.41
C SER A 102 -4.90 -2.02 4.80
N PHE A 103 -4.46 -1.96 3.55
CA PHE A 103 -4.40 -0.72 2.79
C PHE A 103 -5.34 -0.81 1.59
N ARG A 104 -6.16 0.20 1.40
CA ARG A 104 -7.11 0.19 0.30
C ARG A 104 -6.85 1.33 -0.68
N TYR A 105 -6.68 0.97 -1.95
CA TYR A 105 -6.41 1.94 -3.01
C TYR A 105 -7.67 2.25 -3.79
N GLU A 106 -8.17 3.47 -3.62
CA GLU A 106 -9.40 3.88 -4.30
C GLU A 106 -9.18 5.11 -5.17
N ASN A 107 -9.75 5.06 -6.37
CA ASN A 107 -9.66 6.17 -7.29
C ASN A 107 -11.07 6.62 -7.69
N GLU A 108 -11.56 7.66 -7.05
CA GLU A 108 -12.90 8.16 -7.33
C GLU A 108 -12.89 8.99 -8.62
N MET A 9 -4.33 21.09 -7.60
CA MET A 9 -3.48 20.99 -6.39
C MET A 9 -3.90 19.77 -5.59
N TRP A 10 -5.13 19.32 -5.83
CA TRP A 10 -5.66 18.16 -5.13
C TRP A 10 -5.45 16.88 -5.94
N PRO A 11 -4.97 15.81 -5.35
CA PRO A 11 -4.73 14.52 -6.05
C PRO A 11 -6.03 13.76 -6.35
N THR A 12 -5.99 12.92 -7.37
CA THR A 12 -7.16 12.13 -7.74
C THR A 12 -7.02 10.71 -7.22
N ARG A 13 -5.95 10.50 -6.48
CA ARG A 13 -5.66 9.20 -5.91
C ARG A 13 -5.29 9.32 -4.44
N ARG A 14 -5.85 8.46 -3.61
CA ARG A 14 -5.56 8.48 -2.18
C ARG A 14 -5.53 7.08 -1.59
N LEU A 15 -4.75 6.91 -0.53
CA LEU A 15 -4.64 5.63 0.13
C LEU A 15 -5.28 5.71 1.51
N VAL A 16 -6.05 4.71 1.87
CA VAL A 16 -6.71 4.68 3.17
C VAL A 16 -6.27 3.44 3.96
N THR A 17 -5.95 3.64 5.23
CA THR A 17 -5.53 2.52 6.07
C THR A 17 -6.64 2.14 7.04
N ILE A 18 -7.11 0.90 6.92
CA ILE A 18 -8.19 0.41 7.77
C ILE A 18 -7.68 0.19 9.20
N LYS A 19 -8.39 0.76 10.18
CA LYS A 19 -8.00 0.61 11.59
C LYS A 19 -8.57 -0.66 12.21
N ARG A 20 -7.73 -1.39 12.93
CA ARG A 20 -8.14 -2.60 13.62
C ARG A 20 -9.22 -3.36 12.86
N SER A 21 -9.26 -3.16 11.54
CA SER A 21 -10.24 -3.84 10.71
C SER A 21 -11.67 -3.51 11.17
N GLY A 22 -11.79 -2.54 12.08
CA GLY A 22 -13.09 -2.14 12.60
C GLY A 22 -13.67 -0.96 11.83
N VAL A 23 -12.91 0.13 11.77
CA VAL A 23 -13.34 1.33 11.06
C VAL A 23 -12.20 1.87 10.20
N ASP A 24 -12.55 2.64 9.18
CA ASP A 24 -11.51 3.20 8.31
C ASP A 24 -10.60 4.10 9.12
N GLY A 25 -9.31 3.75 9.16
CA GLY A 25 -8.34 4.52 9.92
C GLY A 25 -7.95 5.81 9.20
N PRO A 26 -6.89 6.41 9.63
CA PRO A 26 -6.36 7.68 9.02
C PRO A 26 -6.05 7.52 7.55
N HIS A 27 -6.28 8.57 6.76
CA HIS A 27 -6.01 8.50 5.33
C HIS A 27 -4.57 8.91 5.05
N PHE A 28 -4.17 8.75 3.79
CA PHE A 28 -2.81 9.09 3.41
C PHE A 28 -2.78 9.71 2.00
N PRO A 29 -2.90 11.00 1.90
CA PRO A 29 -2.87 11.69 0.58
C PRO A 29 -1.56 11.43 -0.15
N LEU A 30 -1.63 11.29 -1.48
CA LEU A 30 -0.42 11.03 -2.26
C LEU A 30 0.18 12.33 -2.76
N SER A 31 1.44 12.57 -2.36
CA SER A 31 2.14 13.79 -2.78
C SER A 31 3.30 13.43 -3.70
N LEU A 32 3.65 12.15 -3.71
CA LEU A 32 4.72 11.66 -4.55
C LEU A 32 4.21 10.57 -5.47
N SER A 33 4.69 10.57 -6.71
CA SER A 33 4.27 9.58 -7.69
C SER A 33 4.70 8.19 -7.26
N THR A 34 5.67 8.13 -6.37
CA THR A 34 6.17 6.85 -5.88
C THR A 34 5.88 6.69 -4.39
N CYS A 35 5.10 5.66 -4.06
CA CYS A 35 4.73 5.43 -2.67
C CYS A 35 5.44 4.19 -2.11
N LEU A 36 6.13 4.37 -0.99
CA LEU A 36 6.88 3.28 -0.35
C LEU A 36 6.29 2.91 1.02
N PHE A 37 6.25 1.60 1.29
CA PHE A 37 5.71 1.07 2.55
C PHE A 37 6.83 0.51 3.43
N GLY A 38 6.69 0.66 4.75
CA GLY A 38 7.69 0.12 5.66
C GLY A 38 7.91 1.01 6.88
N ARG A 39 8.67 0.48 7.84
CA ARG A 39 8.98 1.21 9.06
C ARG A 39 9.81 2.46 8.75
N GLY A 40 10.71 2.33 7.78
CA GLY A 40 11.55 3.46 7.41
C GLY A 40 10.72 4.73 7.26
N ILE A 41 11.24 5.82 7.78
CA ILE A 41 10.55 7.10 7.71
C ILE A 41 10.46 7.56 6.26
N GLU A 42 11.51 7.28 5.49
CA GLU A 42 11.54 7.65 4.09
C GLU A 42 10.36 7.03 3.35
N CYS A 43 9.68 6.08 4.01
CA CYS A 43 8.53 5.43 3.40
C CYS A 43 7.34 6.35 3.41
N ASP A 44 6.69 6.50 2.26
CA ASP A 44 5.51 7.34 2.17
C ASP A 44 4.46 6.79 3.10
N ILE A 45 4.36 5.47 3.11
CA ILE A 45 3.39 4.78 3.95
C ILE A 45 4.11 4.11 5.10
N ARG A 46 4.33 4.86 6.18
CA ARG A 46 5.03 4.34 7.34
C ARG A 46 4.18 3.32 8.08
N ILE A 47 4.79 2.21 8.46
CA ILE A 47 4.09 1.17 9.17
C ILE A 47 4.72 0.93 10.53
N GLN A 48 3.90 0.97 11.57
CA GLN A 48 4.41 0.78 12.92
C GLN A 48 4.18 -0.65 13.38
N LEU A 49 5.04 -1.54 12.92
CA LEU A 49 4.98 -2.95 13.28
C LEU A 49 6.37 -3.57 13.07
N PRO A 50 6.95 -4.24 14.04
CA PRO A 50 8.31 -4.84 13.87
C PRO A 50 8.34 -5.92 12.78
N VAL A 51 7.21 -6.56 12.55
CA VAL A 51 7.12 -7.61 11.54
C VAL A 51 7.33 -7.06 10.14
N VAL A 52 6.91 -5.81 9.90
CA VAL A 52 7.05 -5.21 8.58
C VAL A 52 8.50 -4.81 8.32
N SER A 53 8.85 -4.71 7.03
CA SER A 53 10.23 -4.37 6.65
C SER A 53 10.39 -2.88 6.38
N LYS A 54 11.65 -2.45 6.23
CA LYS A 54 11.97 -1.04 5.96
C LYS A 54 11.33 -0.62 4.65
N GLN A 55 11.43 -1.51 3.66
CA GLN A 55 10.85 -1.28 2.35
C GLN A 55 10.04 -2.52 1.98
N HIS A 56 8.95 -2.75 2.71
CA HIS A 56 8.12 -3.93 2.53
C HIS A 56 7.43 -3.94 1.17
N CYS A 57 6.77 -2.84 0.80
CA CYS A 57 6.08 -2.78 -0.49
C CYS A 57 6.10 -1.38 -1.05
N LYS A 58 5.92 -1.26 -2.36
CA LYS A 58 5.92 0.05 -3.00
C LYS A 58 4.86 0.14 -4.08
N ILE A 59 4.06 1.20 -4.03
CA ILE A 59 3.03 1.40 -5.03
C ILE A 59 3.44 2.52 -5.98
N GLU A 60 3.67 2.15 -7.23
CA GLU A 60 4.08 3.11 -8.25
C GLU A 60 2.86 3.67 -8.95
N ILE A 61 2.62 4.96 -8.73
CA ILE A 61 1.47 5.64 -9.32
C ILE A 61 1.75 6.05 -10.75
N HIS A 62 0.85 5.65 -11.65
CA HIS A 62 0.97 5.98 -13.06
C HIS A 62 -0.21 6.83 -13.50
N GLU A 63 0.06 7.75 -14.40
CA GLU A 63 -0.98 8.64 -14.90
C GLU A 63 -2.28 7.88 -15.18
N GLN A 64 -2.20 6.56 -15.31
CA GLN A 64 -3.41 5.78 -15.59
C GLN A 64 -3.80 4.88 -14.42
N GLU A 65 -2.81 4.29 -13.72
CA GLU A 65 -3.14 3.41 -12.60
C GLU A 65 -2.04 3.37 -11.54
N ALA A 66 -2.23 2.48 -10.56
CA ALA A 66 -1.28 2.28 -9.48
C ALA A 66 -0.72 0.87 -9.55
N ILE A 67 0.59 0.74 -9.37
CA ILE A 67 1.23 -0.58 -9.45
C ILE A 67 2.05 -0.90 -8.21
N LEU A 68 1.81 -2.09 -7.65
CA LEU A 68 2.53 -2.55 -6.46
C LEU A 68 3.92 -3.08 -6.81
N HIS A 69 4.88 -2.86 -5.90
CA HIS A 69 6.24 -3.33 -6.11
C HIS A 69 6.78 -3.95 -4.82
N ASN A 70 6.38 -5.19 -4.58
CA ASN A 70 6.79 -5.93 -3.39
C ASN A 70 8.28 -6.20 -3.35
N PHE A 71 8.86 -6.05 -2.16
CA PHE A 71 10.29 -6.30 -1.97
C PHE A 71 10.50 -7.52 -1.08
N SER A 72 9.52 -7.76 -0.21
CA SER A 72 9.58 -8.85 0.74
C SER A 72 9.52 -10.21 0.05
N SER A 73 10.03 -11.23 0.74
CA SER A 73 10.03 -12.59 0.21
C SER A 73 9.47 -13.53 1.27
N THR A 74 10.05 -13.50 2.46
CA THR A 74 9.58 -14.33 3.56
C THR A 74 8.14 -13.95 3.93
N ASN A 75 7.92 -12.64 4.08
CA ASN A 75 6.61 -12.13 4.41
C ASN A 75 6.11 -11.22 3.29
N PRO A 76 5.59 -11.78 2.23
CA PRO A 76 5.09 -10.98 1.08
C PRO A 76 3.78 -10.27 1.36
N THR A 77 3.63 -9.11 0.75
CA THR A 77 2.40 -8.35 0.90
C THR A 77 1.29 -9.15 0.25
N GLN A 78 0.05 -8.74 0.44
CA GLN A 78 -1.06 -9.47 -0.11
C GLN A 78 -2.09 -8.55 -0.75
N VAL A 79 -2.81 -9.09 -1.73
CA VAL A 79 -3.84 -8.33 -2.42
C VAL A 79 -5.15 -9.10 -2.42
N ASN A 80 -6.22 -8.45 -2.00
CA ASN A 80 -7.52 -9.09 -1.97
C ASN A 80 -7.41 -10.45 -1.30
N GLY A 81 -6.47 -10.56 -0.37
CA GLY A 81 -6.27 -11.82 0.35
C GLY A 81 -5.35 -12.77 -0.41
N SER A 82 -4.86 -12.32 -1.57
CA SER A 82 -3.97 -13.14 -2.38
C SER A 82 -2.51 -12.93 -1.96
N VAL A 83 -1.60 -13.73 -2.53
CA VAL A 83 -0.19 -13.59 -2.20
C VAL A 83 0.56 -13.02 -3.38
N ILE A 84 1.43 -12.09 -3.09
CA ILE A 84 2.19 -11.40 -4.13
C ILE A 84 3.64 -11.90 -4.15
N ASP A 85 4.02 -12.50 -5.27
CA ASP A 85 5.38 -13.01 -5.43
C ASP A 85 6.25 -12.04 -6.21
N GLU A 86 5.60 -11.04 -6.81
CA GLU A 86 6.30 -10.02 -7.59
C GLU A 86 5.37 -8.84 -7.84
N PRO A 87 5.86 -7.74 -8.37
CA PRO A 87 4.99 -6.57 -8.66
C PRO A 87 3.81 -6.97 -9.52
N VAL A 88 2.63 -6.44 -9.21
CA VAL A 88 1.44 -6.78 -9.98
C VAL A 88 0.58 -5.54 -10.21
N ARG A 89 -0.31 -5.60 -11.20
CA ARG A 89 -1.18 -4.48 -11.49
C ARG A 89 -2.30 -4.40 -10.46
N LEU A 90 -2.68 -3.18 -10.11
CA LEU A 90 -3.72 -2.98 -9.12
C LEU A 90 -4.97 -2.35 -9.73
N LYS A 91 -6.11 -2.97 -9.43
CA LYS A 91 -7.39 -2.47 -9.90
C LYS A 91 -7.96 -1.49 -8.88
N HIS A 92 -8.88 -0.63 -9.30
CA HIS A 92 -9.46 0.33 -8.39
C HIS A 92 -10.39 -0.39 -7.41
N GLY A 93 -10.26 -0.06 -6.12
CA GLY A 93 -11.08 -0.69 -5.09
C GLY A 93 -10.32 -1.83 -4.43
N ASP A 94 -9.15 -2.15 -4.99
CA ASP A 94 -8.32 -3.23 -4.46
C ASP A 94 -7.83 -2.92 -3.06
N VAL A 95 -7.54 -3.97 -2.31
CA VAL A 95 -7.06 -3.81 -0.94
C VAL A 95 -5.71 -4.52 -0.77
N ILE A 96 -4.78 -3.82 -0.12
CA ILE A 96 -3.45 -4.38 0.11
C ILE A 96 -3.28 -4.69 1.58
N THR A 97 -2.76 -5.88 1.85
CA THR A 97 -2.53 -6.28 3.23
C THR A 97 -1.10 -6.75 3.43
N ILE A 98 -0.44 -6.18 4.43
CA ILE A 98 0.93 -6.58 4.75
C ILE A 98 0.87 -7.76 5.72
N ILE A 99 1.83 -7.88 6.61
CA ILE A 99 1.82 -8.99 7.57
C ILE A 99 0.60 -8.90 8.50
N ASP A 100 0.30 -7.70 9.00
CA ASP A 100 -0.85 -7.52 9.89
C ASP A 100 -1.47 -6.13 9.70
N ARG A 101 -1.19 -5.50 8.56
CA ARG A 101 -1.72 -4.16 8.29
C ARG A 101 -2.46 -4.14 6.96
N SER A 102 -3.53 -3.35 6.88
CA SER A 102 -4.31 -3.27 5.64
C SER A 102 -4.35 -1.85 5.07
N PHE A 103 -4.16 -1.77 3.76
CA PHE A 103 -4.21 -0.48 3.06
C PHE A 103 -5.14 -0.59 1.88
N ARG A 104 -5.74 0.54 1.50
CA ARG A 104 -6.67 0.53 0.38
C ARG A 104 -6.20 1.48 -0.71
N TYR A 105 -6.42 1.09 -1.96
CA TYR A 105 -6.04 1.93 -3.09
C TYR A 105 -7.27 2.36 -3.86
N GLU A 106 -7.68 3.62 -3.66
CA GLU A 106 -8.86 4.13 -4.34
C GLU A 106 -8.52 5.25 -5.31
N ASN A 107 -8.99 5.09 -6.54
CA ASN A 107 -8.76 6.10 -7.57
C ASN A 107 -10.01 6.94 -7.76
N GLU A 108 -9.99 8.16 -7.25
CA GLU A 108 -11.14 9.06 -7.34
C GLU A 108 -11.56 9.25 -8.79
N MET A 9 -7.02 16.68 -14.88
CA MET A 9 -6.53 17.29 -13.60
C MET A 9 -7.66 17.25 -12.57
N TRP A 10 -8.63 16.35 -12.78
CA TRP A 10 -9.76 16.25 -11.88
C TRP A 10 -9.65 15.01 -10.98
N PRO A 11 -9.29 13.89 -11.55
CA PRO A 11 -9.15 12.61 -10.78
C PRO A 11 -8.12 12.73 -9.65
N THR A 12 -8.41 12.10 -8.53
CA THR A 12 -7.50 12.15 -7.39
C THR A 12 -7.32 10.76 -6.78
N ARG A 13 -6.05 10.38 -6.54
CA ARG A 13 -5.76 9.07 -5.96
C ARG A 13 -5.37 9.22 -4.49
N ARG A 14 -5.97 8.40 -3.64
CA ARG A 14 -5.68 8.44 -2.21
C ARG A 14 -5.63 7.03 -1.62
N LEU A 15 -4.82 6.87 -0.58
CA LEU A 15 -4.70 5.58 0.09
C LEU A 15 -5.32 5.67 1.48
N VAL A 16 -6.08 4.67 1.87
CA VAL A 16 -6.72 4.67 3.18
C VAL A 16 -6.24 3.49 4.00
N THR A 17 -5.89 3.75 5.25
CA THR A 17 -5.42 2.70 6.13
C THR A 17 -6.53 2.28 7.08
N ILE A 18 -6.99 1.06 6.89
CA ILE A 18 -8.06 0.52 7.72
C ILE A 18 -7.53 0.27 9.12
N LYS A 19 -8.22 0.81 10.12
CA LYS A 19 -7.81 0.63 11.51
C LYS A 19 -8.47 -0.63 12.09
N ARG A 20 -7.65 -1.49 12.72
CA ARG A 20 -8.18 -2.72 13.30
C ARG A 20 -9.33 -3.25 12.46
N SER A 21 -8.99 -4.12 11.50
CA SER A 21 -9.97 -4.71 10.58
C SER A 21 -11.40 -4.35 10.99
N GLY A 22 -12.01 -3.44 10.23
CA GLY A 22 -13.36 -3.00 10.52
C GLY A 22 -13.45 -1.48 10.52
N VAL A 23 -12.67 -0.84 11.40
CA VAL A 23 -12.67 0.62 11.47
C VAL A 23 -11.74 1.23 10.42
N ASP A 24 -12.19 2.33 9.82
CA ASP A 24 -11.39 3.01 8.80
C ASP A 24 -10.58 4.14 9.42
N GLY A 25 -9.27 3.93 9.53
CA GLY A 25 -8.40 4.93 10.13
C GLY A 25 -8.16 6.12 9.19
N PRO A 26 -7.19 6.92 9.51
CA PRO A 26 -6.81 8.13 8.73
C PRO A 26 -6.43 7.85 7.29
N HIS A 27 -6.68 8.83 6.42
CA HIS A 27 -6.35 8.68 5.01
C HIS A 27 -4.93 9.17 4.75
N PHE A 28 -4.38 8.79 3.61
CA PHE A 28 -3.02 9.19 3.26
C PHE A 28 -2.99 9.84 1.88
N PRO A 29 -3.06 11.15 1.81
CA PRO A 29 -3.02 11.86 0.50
C PRO A 29 -1.72 11.59 -0.23
N LEU A 30 -1.79 11.58 -1.55
CA LEU A 30 -0.60 11.31 -2.34
C LEU A 30 0.07 12.58 -2.82
N SER A 31 1.34 12.73 -2.47
CA SER A 31 2.14 13.86 -2.87
C SER A 31 3.30 13.39 -3.73
N LEU A 32 3.77 12.18 -3.44
CA LEU A 32 4.87 11.56 -4.17
C LEU A 32 4.35 10.45 -5.07
N SER A 33 4.80 10.43 -6.32
CA SER A 33 4.36 9.42 -7.28
C SER A 33 4.70 8.02 -6.82
N THR A 34 5.87 7.85 -6.22
CA THR A 34 6.29 6.53 -5.74
C THR A 34 5.87 6.34 -4.28
N CYS A 35 4.88 5.47 -4.04
CA CYS A 35 4.42 5.20 -2.68
C CYS A 35 5.21 4.03 -2.10
N LEU A 36 5.83 4.25 -0.95
CA LEU A 36 6.66 3.21 -0.31
C LEU A 36 6.12 2.85 1.07
N PHE A 37 6.15 1.54 1.38
CA PHE A 37 5.67 1.04 2.66
C PHE A 37 6.84 0.54 3.50
N GLY A 38 6.75 0.71 4.81
CA GLY A 38 7.83 0.23 5.68
C GLY A 38 7.94 1.02 6.98
N ARG A 39 8.77 0.50 7.86
CA ARG A 39 9.00 1.11 9.16
C ARG A 39 9.76 2.44 9.05
N GLY A 40 10.71 2.49 8.11
CA GLY A 40 11.52 3.69 7.94
C GLY A 40 10.69 4.93 7.62
N ILE A 41 11.20 6.08 8.03
CA ILE A 41 10.54 7.37 7.79
C ILE A 41 10.50 7.62 6.29
N GLU A 42 11.48 7.05 5.59
CA GLU A 42 11.60 7.19 4.14
C GLU A 42 10.36 6.68 3.42
N CYS A 43 9.64 5.76 4.06
CA CYS A 43 8.44 5.20 3.47
C CYS A 43 7.30 6.21 3.45
N ASP A 44 6.67 6.37 2.29
CA ASP A 44 5.56 7.29 2.17
C ASP A 44 4.47 6.80 3.11
N ILE A 45 4.37 5.48 3.18
CA ILE A 45 3.39 4.85 4.04
C ILE A 45 4.13 4.21 5.20
N ARG A 46 4.26 4.96 6.29
CA ARG A 46 4.96 4.48 7.47
C ARG A 46 4.14 3.42 8.20
N ILE A 47 4.83 2.40 8.70
CA ILE A 47 4.19 1.30 9.42
C ILE A 47 4.92 1.06 10.75
N GLN A 48 4.21 1.11 11.86
CA GLN A 48 4.86 0.88 13.15
C GLN A 48 4.65 -0.57 13.60
N LEU A 49 5.44 -1.46 13.02
CA LEU A 49 5.38 -2.88 13.36
C LEU A 49 6.71 -3.55 13.04
N PRO A 50 7.46 -4.04 14.02
CA PRO A 50 8.79 -4.69 13.76
C PRO A 50 8.77 -5.81 12.71
N VAL A 51 7.64 -6.52 12.60
CA VAL A 51 7.51 -7.61 11.64
C VAL A 51 7.59 -7.13 10.20
N VAL A 52 7.25 -5.86 9.96
CA VAL A 52 7.29 -5.32 8.60
C VAL A 52 8.71 -4.92 8.23
N SER A 53 8.97 -4.78 6.94
CA SER A 53 10.31 -4.39 6.49
C SER A 53 10.32 -2.93 6.03
N LYS A 54 11.51 -2.30 6.06
CA LYS A 54 11.63 -0.89 5.67
C LYS A 54 11.20 -0.72 4.21
N GLN A 55 11.54 -1.69 3.39
CA GLN A 55 11.16 -1.66 1.98
C GLN A 55 10.20 -2.82 1.76
N HIS A 56 9.19 -2.91 2.63
CA HIS A 56 8.23 -4.01 2.57
C HIS A 56 7.53 -4.08 1.22
N CYS A 57 6.90 -2.98 0.81
CA CYS A 57 6.19 -2.95 -0.46
C CYS A 57 6.15 -1.55 -1.05
N LYS A 58 5.81 -1.46 -2.32
CA LYS A 58 5.76 -0.17 -2.99
C LYS A 58 4.67 -0.09 -4.05
N ILE A 59 3.87 0.97 -3.98
CA ILE A 59 2.84 1.17 -4.97
C ILE A 59 3.27 2.27 -5.93
N GLU A 60 3.69 1.86 -7.12
CA GLU A 60 4.14 2.84 -8.12
C GLU A 60 2.94 3.46 -8.79
N ILE A 61 2.98 4.77 -8.94
CA ILE A 61 1.86 5.49 -9.53
C ILE A 61 2.16 5.92 -10.96
N HIS A 62 1.18 5.67 -11.82
CA HIS A 62 1.29 6.01 -13.24
C HIS A 62 0.14 6.93 -13.63
N GLU A 63 0.09 7.29 -14.91
CA GLU A 63 -0.95 8.20 -15.41
C GLU A 63 -2.23 8.10 -14.60
N GLN A 64 -2.84 6.92 -14.59
CA GLN A 64 -4.08 6.73 -13.87
C GLN A 64 -4.14 5.31 -13.27
N GLU A 65 -2.97 4.72 -12.99
CA GLU A 65 -2.96 3.37 -12.43
C GLU A 65 -1.92 3.22 -11.33
N ALA A 66 -2.25 2.42 -10.31
CA ALA A 66 -1.33 2.16 -9.21
C ALA A 66 -0.77 0.74 -9.35
N ILE A 67 0.55 0.62 -9.27
CA ILE A 67 1.20 -0.68 -9.42
C ILE A 67 1.98 -1.06 -8.17
N LEU A 68 1.71 -2.25 -7.64
CA LEU A 68 2.39 -2.72 -6.43
C LEU A 68 3.78 -3.26 -6.76
N HIS A 69 4.69 -3.12 -5.80
CA HIS A 69 6.06 -3.59 -5.98
C HIS A 69 6.59 -4.20 -4.67
N ASN A 70 6.22 -5.45 -4.42
CA ASN A 70 6.64 -6.14 -3.20
C ASN A 70 8.12 -6.54 -3.26
N PHE A 71 8.84 -6.24 -2.18
CA PHE A 71 10.26 -6.60 -2.11
C PHE A 71 10.44 -7.74 -1.12
N SER A 72 9.55 -7.82 -0.14
CA SER A 72 9.64 -8.84 0.88
C SER A 72 9.60 -10.23 0.25
N SER A 73 10.34 -11.17 0.85
CA SER A 73 10.36 -12.54 0.36
C SER A 73 9.76 -13.48 1.39
N THR A 74 10.31 -13.46 2.61
CA THR A 74 9.80 -14.32 3.67
C THR A 74 8.36 -13.96 4.00
N ASN A 75 8.04 -12.67 4.00
CA ASN A 75 6.69 -12.21 4.29
C ASN A 75 6.19 -11.30 3.15
N PRO A 76 5.68 -11.85 2.08
CA PRO A 76 5.21 -11.02 0.93
C PRO A 76 3.90 -10.30 1.20
N THR A 77 3.77 -9.11 0.63
CA THR A 77 2.55 -8.35 0.77
C THR A 77 1.42 -9.15 0.13
N GLN A 78 0.18 -8.84 0.49
CA GLN A 78 -0.96 -9.56 -0.05
C GLN A 78 -1.94 -8.60 -0.71
N VAL A 79 -2.66 -9.09 -1.72
CA VAL A 79 -3.64 -8.25 -2.42
C VAL A 79 -4.94 -9.01 -2.66
N ASN A 80 -6.07 -8.36 -2.37
CA ASN A 80 -7.37 -8.97 -2.59
C ASN A 80 -7.42 -10.36 -1.94
N GLY A 81 -6.49 -10.60 -1.02
CA GLY A 81 -6.44 -11.89 -0.33
C GLY A 81 -5.56 -12.87 -1.09
N SER A 82 -4.76 -12.34 -2.00
CA SER A 82 -3.88 -13.19 -2.80
C SER A 82 -2.42 -12.82 -2.52
N VAL A 83 -1.57 -13.85 -2.38
CA VAL A 83 -0.16 -13.59 -2.10
C VAL A 83 0.53 -12.99 -3.31
N ILE A 84 1.41 -12.05 -3.05
CA ILE A 84 2.14 -11.36 -4.09
C ILE A 84 3.59 -11.83 -4.14
N ASP A 85 3.98 -12.40 -5.28
CA ASP A 85 5.34 -12.90 -5.45
C ASP A 85 6.22 -11.87 -6.17
N GLU A 86 5.60 -11.04 -7.01
CA GLU A 86 6.32 -10.01 -7.78
C GLU A 86 5.38 -8.85 -8.04
N PRO A 87 5.85 -7.79 -8.63
CA PRO A 87 4.99 -6.60 -8.92
C PRO A 87 3.76 -6.99 -9.74
N VAL A 88 2.62 -6.41 -9.39
CA VAL A 88 1.38 -6.70 -10.11
C VAL A 88 0.54 -5.44 -10.28
N ARG A 89 -0.38 -5.46 -11.24
CA ARG A 89 -1.25 -4.34 -11.49
C ARG A 89 -2.45 -4.41 -10.55
N LEU A 90 -2.92 -3.26 -10.07
CA LEU A 90 -4.04 -3.24 -9.14
C LEU A 90 -5.25 -2.52 -9.73
N LYS A 91 -6.44 -3.05 -9.46
CA LYS A 91 -7.69 -2.45 -9.95
C LYS A 91 -8.21 -1.47 -8.90
N HIS A 92 -9.04 -0.52 -9.31
CA HIS A 92 -9.57 0.44 -8.34
C HIS A 92 -10.35 -0.29 -7.25
N GLY A 93 -10.09 0.07 -5.99
CA GLY A 93 -10.77 -0.56 -4.87
C GLY A 93 -10.07 -1.85 -4.44
N ASP A 94 -8.82 -2.03 -4.87
CA ASP A 94 -8.05 -3.22 -4.52
C ASP A 94 -7.40 -3.06 -3.16
N VAL A 95 -7.73 -3.97 -2.25
CA VAL A 95 -7.18 -3.93 -0.89
C VAL A 95 -5.85 -4.66 -0.80
N ILE A 96 -4.88 -4.00 -0.16
CA ILE A 96 -3.54 -4.57 0.00
C ILE A 96 -3.27 -4.75 1.49
N THR A 97 -2.69 -5.89 1.84
CA THR A 97 -2.43 -6.19 3.23
C THR A 97 -0.98 -6.60 3.47
N ILE A 98 -0.39 -6.02 4.52
CA ILE A 98 0.98 -6.34 4.89
C ILE A 98 0.94 -7.47 5.91
N ILE A 99 1.85 -7.46 6.87
CA ILE A 99 1.88 -8.50 7.88
C ILE A 99 0.58 -8.49 8.68
N ASP A 100 0.15 -7.28 9.09
CA ASP A 100 -1.09 -7.16 9.88
C ASP A 100 -1.84 -5.86 9.59
N ARG A 101 -1.49 -5.15 8.52
CA ARG A 101 -2.18 -3.90 8.21
C ARG A 101 -2.79 -3.96 6.83
N SER A 102 -3.95 -3.32 6.67
CA SER A 102 -4.64 -3.30 5.38
C SER A 102 -4.69 -1.91 4.78
N PHE A 103 -4.18 -1.80 3.56
CA PHE A 103 -4.19 -0.55 2.82
C PHE A 103 -5.10 -0.66 1.61
N ARG A 104 -5.85 0.40 1.36
CA ARG A 104 -6.79 0.43 0.25
C ARG A 104 -6.29 1.33 -0.89
N TYR A 105 -6.47 0.88 -2.13
CA TYR A 105 -6.04 1.68 -3.27
C TYR A 105 -7.27 2.22 -3.99
N GLU A 106 -7.52 3.52 -3.86
CA GLU A 106 -8.69 4.13 -4.48
C GLU A 106 -8.34 5.22 -5.48
N ASN A 107 -9.07 5.21 -6.60
CA ASN A 107 -8.89 6.20 -7.65
C ASN A 107 -10.15 7.05 -7.81
N GLU A 108 -10.17 8.22 -7.20
CA GLU A 108 -11.33 9.11 -7.30
C GLU A 108 -11.53 9.59 -8.74
N MET A 9 -9.52 19.12 -12.73
CA MET A 9 -8.63 18.40 -11.78
C MET A 9 -9.48 17.89 -10.61
N TRP A 10 -10.77 17.73 -10.86
CA TRP A 10 -11.68 17.24 -9.83
C TRP A 10 -11.25 15.87 -9.33
N PRO A 11 -10.87 15.00 -10.22
CA PRO A 11 -10.40 13.61 -9.87
C PRO A 11 -9.18 13.63 -8.94
N THR A 12 -9.16 12.69 -8.00
CA THR A 12 -8.04 12.59 -7.06
C THR A 12 -7.83 11.13 -6.66
N ARG A 13 -6.61 10.83 -6.19
CA ARG A 13 -6.29 9.46 -5.76
C ARG A 13 -5.76 9.48 -4.34
N ARG A 14 -6.27 8.58 -3.50
CA ARG A 14 -5.83 8.54 -2.11
C ARG A 14 -5.77 7.09 -1.62
N LEU A 15 -4.95 6.87 -0.60
CA LEU A 15 -4.84 5.55 -0.01
C LEU A 15 -5.50 5.54 1.36
N VAL A 16 -6.27 4.49 1.64
CA VAL A 16 -6.95 4.41 2.94
C VAL A 16 -6.41 3.22 3.72
N THR A 17 -6.02 3.48 4.97
CA THR A 17 -5.47 2.43 5.81
C THR A 17 -6.43 2.07 6.94
N ILE A 18 -6.85 0.81 6.97
CA ILE A 18 -7.77 0.33 7.99
C ILE A 18 -7.05 0.26 9.34
N LYS A 19 -7.61 0.93 10.35
CA LYS A 19 -7.00 0.93 11.68
C LYS A 19 -6.96 -0.49 12.24
N ARG A 20 -8.08 -1.19 12.11
CA ARG A 20 -8.20 -2.56 12.59
C ARG A 20 -9.07 -3.36 11.63
N SER A 21 -9.93 -4.22 12.16
CA SER A 21 -10.81 -5.00 11.31
C SER A 21 -12.27 -4.67 11.60
N GLY A 22 -12.87 -3.84 10.74
CA GLY A 22 -14.26 -3.48 10.93
C GLY A 22 -14.48 -1.98 10.76
N VAL A 23 -13.43 -1.18 10.90
CA VAL A 23 -13.58 0.26 10.76
C VAL A 23 -12.49 0.86 9.87
N ASP A 24 -12.81 1.98 9.25
CA ASP A 24 -11.87 2.68 8.38
C ASP A 24 -11.00 3.64 9.18
N GLY A 25 -9.68 3.44 9.11
CA GLY A 25 -8.75 4.30 9.83
C GLY A 25 -8.43 5.56 9.02
N PRO A 26 -7.43 6.29 9.43
CA PRO A 26 -7.00 7.55 8.74
C PRO A 26 -6.55 7.30 7.31
N HIS A 27 -6.82 8.26 6.43
CA HIS A 27 -6.43 8.14 5.03
C HIS A 27 -5.01 8.66 4.83
N PHE A 28 -4.46 8.44 3.64
CA PHE A 28 -3.11 8.90 3.35
C PHE A 28 -3.03 9.57 1.98
N PRO A 29 -3.11 10.89 1.93
CA PRO A 29 -3.02 11.64 0.65
C PRO A 29 -1.70 11.35 -0.06
N LEU A 30 -1.74 11.37 -1.39
CA LEU A 30 -0.53 11.09 -2.16
C LEU A 30 0.08 12.36 -2.74
N SER A 31 1.36 12.55 -2.47
CA SER A 31 2.07 13.71 -3.00
C SER A 31 3.10 13.26 -4.02
N LEU A 32 3.51 11.99 -3.90
CA LEU A 32 4.50 11.43 -4.82
C LEU A 32 3.91 10.29 -5.64
N SER A 33 4.34 10.18 -6.90
CA SER A 33 3.85 9.14 -7.79
C SER A 33 4.33 7.77 -7.31
N THR A 34 5.37 7.76 -6.49
CA THR A 34 5.91 6.50 -5.99
C THR A 34 5.64 6.33 -4.50
N CYS A 35 4.84 5.34 -4.15
CA CYS A 35 4.54 5.08 -2.74
C CYS A 35 5.41 3.94 -2.21
N LEU A 36 6.02 4.17 -1.05
CA LEU A 36 6.88 3.18 -0.42
C LEU A 36 6.36 2.82 0.96
N PHE A 37 6.34 1.52 1.25
CA PHE A 37 5.86 1.02 2.53
C PHE A 37 7.02 0.49 3.37
N GLY A 38 6.94 0.65 4.68
CA GLY A 38 7.99 0.14 5.55
C GLY A 38 8.11 0.94 6.85
N ARG A 39 8.91 0.40 7.76
CA ARG A 39 9.12 1.03 9.06
C ARG A 39 9.88 2.36 8.92
N GLY A 40 10.83 2.42 8.00
CA GLY A 40 11.61 3.63 7.81
C GLY A 40 10.73 4.84 7.51
N ILE A 41 11.19 6.03 7.94
CA ILE A 41 10.44 7.24 7.69
C ILE A 41 10.50 7.60 6.21
N GLU A 42 11.62 7.24 5.59
CA GLU A 42 11.82 7.50 4.17
C GLU A 42 10.66 6.94 3.36
N CYS A 43 9.86 6.06 3.97
CA CYS A 43 8.74 5.47 3.26
C CYS A 43 7.55 6.44 3.27
N ASP A 44 6.93 6.59 2.11
CA ASP A 44 5.77 7.46 2.00
C ASP A 44 4.68 6.93 2.89
N ILE A 45 4.60 5.61 2.96
CA ILE A 45 3.60 4.97 3.79
C ILE A 45 4.30 4.33 5.00
N ARG A 46 4.43 5.12 6.07
CA ARG A 46 5.09 4.64 7.27
C ARG A 46 4.29 3.57 7.97
N ILE A 47 4.96 2.51 8.38
CA ILE A 47 4.30 1.43 9.09
C ILE A 47 4.99 1.22 10.44
N GLN A 48 4.26 1.44 11.52
CA GLN A 48 4.84 1.26 12.85
C GLN A 48 4.54 -0.15 13.34
N LEU A 49 5.34 -1.10 12.88
CA LEU A 49 5.18 -2.51 13.25
C LEU A 49 6.54 -3.21 13.08
N PRO A 50 7.13 -3.78 14.11
CA PRO A 50 8.47 -4.45 13.97
C PRO A 50 8.49 -5.61 12.98
N VAL A 51 7.34 -6.24 12.75
CA VAL A 51 7.27 -7.38 11.82
C VAL A 51 7.49 -6.92 10.38
N VAL A 52 6.97 -5.75 10.03
CA VAL A 52 7.11 -5.23 8.68
C VAL A 52 8.58 -4.89 8.38
N SER A 53 8.92 -4.81 7.10
CA SER A 53 10.31 -4.51 6.72
C SER A 53 10.45 -3.08 6.23
N LYS A 54 11.71 -2.60 6.19
CA LYS A 54 11.99 -1.24 5.75
C LYS A 54 11.52 -1.05 4.31
N GLN A 55 11.77 -2.05 3.49
CA GLN A 55 11.34 -2.02 2.10
C GLN A 55 10.35 -3.15 1.89
N HIS A 56 9.26 -3.10 2.66
CA HIS A 56 8.26 -4.15 2.60
C HIS A 56 7.56 -4.21 1.25
N CYS A 57 6.96 -3.09 0.85
CA CYS A 57 6.26 -3.04 -0.43
C CYS A 57 6.32 -1.65 -1.01
N LYS A 58 6.14 -1.57 -2.32
CA LYS A 58 6.18 -0.27 -2.98
C LYS A 58 5.11 -0.17 -4.05
N ILE A 59 4.32 0.89 -3.97
CA ILE A 59 3.28 1.10 -4.96
C ILE A 59 3.68 2.22 -5.91
N GLU A 60 4.06 1.84 -7.12
CA GLU A 60 4.43 2.83 -8.13
C GLU A 60 3.15 3.27 -8.82
N ILE A 61 2.88 4.57 -8.76
CA ILE A 61 1.64 5.07 -9.33
C ILE A 61 1.86 5.80 -10.64
N HIS A 62 1.03 5.46 -11.62
CA HIS A 62 1.08 6.08 -12.93
C HIS A 62 -0.03 7.13 -13.02
N GLU A 63 -0.22 7.70 -14.21
CA GLU A 63 -1.25 8.72 -14.39
C GLU A 63 -2.50 8.43 -13.56
N GLN A 64 -3.02 7.21 -13.66
CA GLN A 64 -4.21 6.85 -12.92
C GLN A 64 -4.19 5.40 -12.47
N GLU A 65 -2.99 4.80 -12.38
CA GLU A 65 -2.89 3.40 -11.97
C GLU A 65 -1.84 3.19 -10.87
N ALA A 66 -2.17 2.32 -9.92
CA ALA A 66 -1.27 2.00 -8.83
C ALA A 66 -0.61 0.65 -9.11
N ILE A 67 0.72 0.61 -9.11
CA ILE A 67 1.44 -0.63 -9.40
C ILE A 67 2.28 -1.05 -8.19
N LEU A 68 2.00 -2.26 -7.69
CA LEU A 68 2.70 -2.79 -6.52
C LEU A 68 4.08 -3.32 -6.88
N HIS A 69 4.99 -3.21 -5.91
CA HIS A 69 6.36 -3.68 -6.08
C HIS A 69 6.84 -4.29 -4.76
N ASN A 70 6.39 -5.51 -4.49
CA ASN A 70 6.74 -6.21 -3.26
C ASN A 70 8.18 -6.75 -3.28
N PHE A 71 8.94 -6.40 -2.25
CA PHE A 71 10.32 -6.85 -2.14
C PHE A 71 10.44 -8.06 -1.22
N SER A 72 9.59 -8.07 -0.18
CA SER A 72 9.61 -9.13 0.82
C SER A 72 9.37 -10.50 0.21
N SER A 73 10.07 -11.50 0.75
CA SER A 73 9.93 -12.88 0.29
C SER A 73 9.27 -13.73 1.37
N THR A 74 9.86 -13.74 2.57
CA THR A 74 9.31 -14.51 3.68
C THR A 74 7.94 -13.99 4.08
N ASN A 75 7.82 -12.67 4.11
CA ASN A 75 6.55 -12.02 4.46
C ASN A 75 6.11 -11.13 3.31
N PRO A 76 5.56 -11.69 2.27
CA PRO A 76 5.13 -10.91 1.08
C PRO A 76 3.85 -10.13 1.34
N THR A 77 3.70 -9.04 0.63
CA THR A 77 2.51 -8.21 0.75
C THR A 77 1.33 -9.00 0.17
N GLN A 78 0.11 -8.59 0.48
CA GLN A 78 -1.07 -9.31 0.00
C GLN A 78 -2.06 -8.40 -0.70
N VAL A 79 -2.69 -8.94 -1.75
CA VAL A 79 -3.68 -8.18 -2.50
C VAL A 79 -4.97 -8.98 -2.66
N ASN A 80 -6.09 -8.34 -2.37
CA ASN A 80 -7.40 -8.98 -2.49
C ASN A 80 -7.37 -10.39 -1.88
N GLY A 81 -6.52 -10.57 -0.87
CA GLY A 81 -6.42 -11.88 -0.21
C GLY A 81 -5.44 -12.79 -0.93
N SER A 82 -4.82 -12.30 -1.98
CA SER A 82 -3.85 -13.09 -2.75
C SER A 82 -2.44 -12.69 -2.38
N VAL A 83 -1.56 -13.69 -2.27
CA VAL A 83 -0.17 -13.43 -1.93
C VAL A 83 0.54 -12.78 -3.12
N ILE A 84 1.55 -11.97 -2.82
CA ILE A 84 2.32 -11.27 -3.86
C ILE A 84 3.71 -11.88 -3.98
N ASP A 85 4.05 -12.35 -5.18
CA ASP A 85 5.37 -12.93 -5.41
C ASP A 85 6.17 -12.09 -6.39
N GLU A 86 5.63 -10.93 -6.75
CA GLU A 86 6.30 -10.03 -7.68
C GLU A 86 5.40 -8.82 -7.95
N PRO A 87 5.89 -7.79 -8.60
CA PRO A 87 5.06 -6.58 -8.91
C PRO A 87 3.81 -6.95 -9.70
N VAL A 88 2.68 -6.35 -9.33
CA VAL A 88 1.42 -6.62 -10.01
C VAL A 88 0.60 -5.34 -10.20
N ARG A 89 -0.36 -5.39 -11.13
CA ARG A 89 -1.23 -4.24 -11.38
C ARG A 89 -2.42 -4.29 -10.44
N LEU A 90 -2.74 -3.16 -9.83
CA LEU A 90 -3.86 -3.10 -8.91
C LEU A 90 -5.04 -2.41 -9.58
N LYS A 91 -6.20 -3.08 -9.57
CA LYS A 91 -7.39 -2.50 -10.17
C LYS A 91 -8.03 -1.55 -9.18
N HIS A 92 -8.52 -0.41 -9.66
CA HIS A 92 -9.13 0.57 -8.77
C HIS A 92 -9.98 -0.13 -7.71
N GLY A 93 -9.79 0.27 -6.46
CA GLY A 93 -10.54 -0.31 -5.36
C GLY A 93 -9.82 -1.52 -4.76
N ASP A 94 -8.64 -1.84 -5.29
CA ASP A 94 -7.87 -2.97 -4.80
C ASP A 94 -7.50 -2.77 -3.34
N VAL A 95 -7.41 -3.88 -2.62
CA VAL A 95 -7.06 -3.84 -1.20
C VAL A 95 -5.67 -4.44 -0.99
N ILE A 96 -4.81 -3.72 -0.28
CA ILE A 96 -3.46 -4.21 -0.01
C ILE A 96 -3.30 -4.46 1.47
N THR A 97 -2.75 -5.61 1.81
CA THR A 97 -2.57 -5.95 3.21
C THR A 97 -1.15 -6.44 3.47
N ILE A 98 -0.46 -5.74 4.37
CA ILE A 98 0.90 -6.14 4.72
C ILE A 98 0.81 -7.32 5.68
N ILE A 99 1.74 -7.40 6.60
CA ILE A 99 1.74 -8.49 7.57
C ILE A 99 0.52 -8.41 8.48
N ASP A 100 0.19 -7.21 8.99
CA ASP A 100 -0.95 -7.07 9.89
C ASP A 100 -1.73 -5.76 9.67
N ARG A 101 -1.48 -5.07 8.56
CA ARG A 101 -2.20 -3.82 8.29
C ARG A 101 -2.86 -3.85 6.91
N SER A 102 -4.01 -3.18 6.79
CA SER A 102 -4.73 -3.17 5.52
C SER A 102 -4.73 -1.78 4.87
N PHE A 103 -4.15 -1.73 3.67
CA PHE A 103 -4.10 -0.49 2.91
C PHE A 103 -4.96 -0.64 1.68
N ARG A 104 -5.69 0.41 1.32
CA ARG A 104 -6.59 0.34 0.18
C ARG A 104 -6.25 1.41 -0.85
N TYR A 105 -6.34 1.04 -2.13
CA TYR A 105 -6.04 1.97 -3.22
C TYR A 105 -7.30 2.27 -4.03
N GLU A 106 -7.76 3.51 -3.96
CA GLU A 106 -8.98 3.87 -4.70
C GLU A 106 -8.91 5.28 -5.27
N ASN A 107 -9.39 5.42 -6.50
CA ASN A 107 -9.41 6.71 -7.17
C ASN A 107 -10.84 7.20 -7.34
N GLU A 108 -11.03 8.52 -7.26
CA GLU A 108 -12.36 9.10 -7.42
C GLU A 108 -12.64 9.36 -8.90
N MET A 9 -7.95 16.68 -15.23
CA MET A 9 -7.46 17.78 -14.34
C MET A 9 -6.65 17.17 -13.20
N TRP A 10 -5.39 16.87 -13.49
CA TRP A 10 -4.49 16.30 -12.50
C TRP A 10 -5.06 15.01 -11.91
N PRO A 11 -4.20 14.09 -11.53
CA PRO A 11 -4.62 12.78 -10.93
C PRO A 11 -5.23 12.94 -9.54
N THR A 12 -6.21 12.10 -9.24
CA THR A 12 -6.88 12.15 -7.94
C THR A 12 -6.92 10.76 -7.30
N ARG A 13 -5.92 10.44 -6.49
CA ARG A 13 -5.89 9.13 -5.83
C ARG A 13 -5.70 9.27 -4.32
N ARG A 14 -6.32 8.36 -3.57
CA ARG A 14 -6.23 8.39 -2.11
C ARG A 14 -6.10 6.98 -1.54
N LEU A 15 -5.14 6.79 -0.63
CA LEU A 15 -4.93 5.49 -0.01
C LEU A 15 -5.48 5.52 1.42
N VAL A 16 -6.20 4.47 1.81
CA VAL A 16 -6.77 4.39 3.15
C VAL A 16 -6.28 3.14 3.87
N THR A 17 -5.88 3.30 5.12
CA THR A 17 -5.37 2.17 5.89
C THR A 17 -6.28 1.81 7.04
N ILE A 18 -6.89 0.63 6.94
CA ILE A 18 -7.80 0.15 7.99
C ILE A 18 -7.01 -0.41 9.17
N LYS A 19 -7.34 0.04 10.37
CA LYS A 19 -6.66 -0.45 11.55
C LYS A 19 -6.88 -1.95 11.74
N ARG A 20 -8.11 -2.39 11.50
CA ARG A 20 -8.41 -3.82 11.66
C ARG A 20 -9.41 -4.27 10.59
N SER A 21 -10.71 -4.13 10.88
CA SER A 21 -11.74 -4.53 9.92
C SER A 21 -13.09 -3.90 10.26
N GLY A 22 -13.70 -3.28 9.24
CA GLY A 22 -15.00 -2.66 9.42
C GLY A 22 -14.90 -1.28 10.09
N VAL A 23 -13.68 -0.81 10.31
CA VAL A 23 -13.50 0.49 10.94
C VAL A 23 -12.61 1.38 10.07
N ASP A 24 -13.06 2.60 9.84
CA ASP A 24 -12.31 3.53 9.02
C ASP A 24 -11.12 4.10 9.80
N GLY A 25 -9.98 4.20 9.13
CA GLY A 25 -8.78 4.73 9.76
C GLY A 25 -8.26 5.96 9.01
N PRO A 26 -7.12 6.46 9.40
CA PRO A 26 -6.49 7.66 8.77
C PRO A 26 -6.22 7.42 7.28
N HIS A 27 -6.30 8.50 6.50
CA HIS A 27 -6.07 8.40 5.06
C HIS A 27 -4.67 8.89 4.70
N PHE A 28 -4.13 8.38 3.60
CA PHE A 28 -2.79 8.77 3.17
C PHE A 28 -2.82 9.46 1.81
N PRO A 29 -2.93 10.76 1.78
CA PRO A 29 -2.94 11.54 0.50
C PRO A 29 -1.63 11.33 -0.26
N LEU A 30 -1.72 11.31 -1.59
CA LEU A 30 -0.53 11.09 -2.40
C LEU A 30 0.06 12.42 -2.88
N SER A 31 1.34 12.62 -2.61
CA SER A 31 2.03 13.84 -3.04
C SER A 31 3.23 13.48 -3.91
N LEU A 32 3.55 12.19 -3.95
CA LEU A 32 4.67 11.72 -4.76
C LEU A 32 4.23 10.59 -5.69
N SER A 33 4.85 10.50 -6.84
CA SER A 33 4.49 9.46 -7.81
C SER A 33 4.93 8.08 -7.32
N THR A 34 5.83 8.05 -6.33
CA THR A 34 6.31 6.79 -5.80
C THR A 34 5.97 6.62 -4.32
N CYS A 35 5.12 5.65 -4.01
CA CYS A 35 4.75 5.40 -2.62
C CYS A 35 5.57 4.24 -2.06
N LEU A 36 6.13 4.42 -0.87
CA LEU A 36 6.95 3.37 -0.26
C LEU A 36 6.37 2.94 1.09
N PHE A 37 6.33 1.62 1.29
CA PHE A 37 5.82 1.04 2.53
C PHE A 37 6.97 0.57 3.40
N GLY A 38 6.82 0.70 4.71
CA GLY A 38 7.87 0.26 5.62
C GLY A 38 7.88 1.09 6.89
N ARG A 39 8.32 0.49 7.97
CA ARG A 39 8.34 1.19 9.25
C ARG A 39 9.41 2.27 9.28
N GLY A 40 10.38 2.19 8.37
CA GLY A 40 11.45 3.18 8.31
C GLY A 40 10.91 4.54 7.84
N ILE A 41 11.58 5.61 8.24
CA ILE A 41 11.16 6.95 7.83
C ILE A 41 11.31 7.10 6.33
N GLU A 42 12.28 6.39 5.78
CA GLU A 42 12.53 6.42 4.34
C GLU A 42 11.26 6.07 3.58
N CYS A 43 10.32 5.41 4.28
CA CYS A 43 9.06 5.02 3.66
C CYS A 43 8.06 6.15 3.69
N ASP A 44 7.51 6.48 2.53
CA ASP A 44 6.51 7.52 2.43
C ASP A 44 5.30 7.07 3.25
N ILE A 45 4.99 5.79 3.13
CA ILE A 45 3.89 5.20 3.88
C ILE A 45 4.46 4.44 5.06
N ARG A 46 4.71 5.17 6.15
CA ARG A 46 5.27 4.56 7.35
C ARG A 46 4.29 3.61 8.01
N ILE A 47 4.77 2.44 8.40
CA ILE A 47 3.93 1.47 9.07
C ILE A 47 4.50 1.12 10.44
N GLN A 48 3.68 1.25 11.48
CA GLN A 48 4.13 0.96 12.83
C GLN A 48 3.97 -0.52 13.18
N LEU A 49 4.94 -1.33 12.75
CA LEU A 49 4.93 -2.76 13.04
C LEU A 49 6.36 -3.28 12.98
N PRO A 50 6.84 -3.96 14.01
CA PRO A 50 8.24 -4.49 14.02
C PRO A 50 8.45 -5.64 13.05
N VAL A 51 7.35 -6.18 12.51
CA VAL A 51 7.45 -7.29 11.57
C VAL A 51 7.43 -6.81 10.12
N VAL A 52 7.39 -5.49 9.93
CA VAL A 52 7.38 -4.90 8.59
C VAL A 52 8.78 -4.42 8.20
N SER A 53 9.18 -4.69 6.96
CA SER A 53 10.50 -4.28 6.48
C SER A 53 10.53 -2.79 6.14
N LYS A 54 11.73 -2.21 6.09
CA LYS A 54 11.87 -0.79 5.77
C LYS A 54 11.36 -0.54 4.36
N GLN A 55 11.58 -1.49 3.47
CA GLN A 55 11.10 -1.37 2.10
C GLN A 55 10.26 -2.61 1.79
N HIS A 56 9.22 -2.80 2.61
CA HIS A 56 8.35 -3.96 2.51
C HIS A 56 7.64 -4.02 1.15
N CYS A 57 7.01 -2.92 0.75
CA CYS A 57 6.32 -2.88 -0.52
C CYS A 57 6.27 -1.46 -1.08
N LYS A 58 5.86 -1.33 -2.33
CA LYS A 58 5.81 -0.02 -2.96
C LYS A 58 4.67 0.10 -3.96
N ILE A 59 3.95 1.21 -3.88
CA ILE A 59 2.87 1.46 -4.82
C ILE A 59 3.32 2.53 -5.81
N GLU A 60 3.60 2.10 -7.04
CA GLU A 60 4.06 3.03 -8.07
C GLU A 60 2.87 3.64 -8.80
N ILE A 61 2.74 4.95 -8.69
CA ILE A 61 1.65 5.67 -9.33
C ILE A 61 2.01 6.04 -10.76
N HIS A 62 1.10 5.71 -11.68
CA HIS A 62 1.29 6.00 -13.10
C HIS A 62 0.25 7.00 -13.59
N GLU A 63 0.33 7.36 -14.86
CA GLU A 63 -0.59 8.33 -15.45
C GLU A 63 -1.99 8.23 -14.83
N GLN A 64 -2.62 7.06 -14.94
CA GLN A 64 -3.97 6.88 -14.40
C GLN A 64 -4.13 5.54 -13.73
N GLU A 65 -3.05 4.98 -13.20
CA GLU A 65 -3.14 3.67 -12.55
C GLU A 65 -2.05 3.50 -11.48
N ALA A 66 -2.35 2.69 -10.47
CA ALA A 66 -1.40 2.44 -9.39
C ALA A 66 -0.88 1.01 -9.47
N ILE A 67 0.43 0.84 -9.28
CA ILE A 67 1.05 -0.49 -9.36
C ILE A 67 1.83 -0.82 -8.08
N LEU A 68 1.62 -2.03 -7.57
CA LEU A 68 2.30 -2.48 -6.36
C LEU A 68 3.67 -3.10 -6.69
N HIS A 69 4.60 -3.01 -5.73
CA HIS A 69 5.93 -3.54 -5.92
C HIS A 69 6.47 -4.14 -4.62
N ASN A 70 6.01 -5.35 -4.31
CA ASN A 70 6.42 -6.07 -3.10
C ASN A 70 7.89 -6.46 -3.16
N PHE A 71 8.62 -6.20 -2.07
CA PHE A 71 10.04 -6.55 -2.01
C PHE A 71 10.30 -7.71 -1.05
N SER A 72 9.45 -7.84 -0.01
CA SER A 72 9.63 -8.90 0.98
C SER A 72 9.41 -10.28 0.38
N SER A 73 10.30 -11.22 0.72
CA SER A 73 10.20 -12.58 0.22
C SER A 73 9.62 -13.51 1.28
N THR A 74 10.23 -13.51 2.47
CA THR A 74 9.74 -14.36 3.57
C THR A 74 8.32 -13.94 3.95
N ASN A 75 8.11 -12.64 4.06
CA ASN A 75 6.78 -12.12 4.39
C ASN A 75 6.31 -11.19 3.27
N PRO A 76 5.79 -11.73 2.21
CA PRO A 76 5.34 -10.92 1.05
C PRO A 76 4.03 -10.18 1.30
N THR A 77 3.91 -9.02 0.67
CA THR A 77 2.70 -8.24 0.79
C THR A 77 1.55 -9.03 0.19
N GLN A 78 0.34 -8.69 0.58
CA GLN A 78 -0.83 -9.42 0.10
C GLN A 78 -1.84 -8.48 -0.53
N VAL A 79 -2.66 -9.03 -1.40
CA VAL A 79 -3.68 -8.24 -2.07
C VAL A 79 -4.99 -9.00 -2.09
N ASN A 80 -6.08 -8.29 -1.83
CA ASN A 80 -7.39 -8.90 -1.81
C ASN A 80 -7.34 -10.21 -1.02
N GLY A 81 -6.28 -10.39 -0.25
CA GLY A 81 -6.12 -11.58 0.57
C GLY A 81 -5.17 -12.59 -0.07
N SER A 82 -4.83 -12.37 -1.33
CA SER A 82 -3.91 -13.27 -2.04
C SER A 82 -2.46 -12.89 -1.72
N VAL A 83 -1.53 -13.74 -2.12
CA VAL A 83 -0.12 -13.47 -1.87
C VAL A 83 0.54 -12.90 -3.11
N ILE A 84 1.36 -11.88 -2.88
CA ILE A 84 2.05 -11.21 -3.97
C ILE A 84 3.51 -11.65 -4.03
N ASP A 85 3.89 -12.29 -5.13
CA ASP A 85 5.26 -12.74 -5.31
C ASP A 85 6.08 -11.64 -6.00
N GLU A 86 5.47 -11.01 -6.99
CA GLU A 86 6.15 -9.93 -7.72
C GLU A 86 5.17 -8.78 -7.97
N PRO A 87 5.65 -7.67 -8.48
CA PRO A 87 4.79 -6.48 -8.77
C PRO A 87 3.63 -6.81 -9.70
N VAL A 88 2.46 -6.22 -9.41
CA VAL A 88 1.27 -6.47 -10.22
C VAL A 88 0.39 -5.21 -10.31
N ARG A 89 -0.44 -5.15 -11.35
CA ARG A 89 -1.34 -4.02 -11.54
C ARG A 89 -2.59 -4.21 -10.70
N LEU A 90 -3.03 -3.14 -10.04
CA LEU A 90 -4.21 -3.22 -9.19
C LEU A 90 -5.36 -2.42 -9.79
N LYS A 91 -6.56 -3.00 -9.70
CA LYS A 91 -7.76 -2.34 -10.17
C LYS A 91 -8.35 -1.52 -9.02
N HIS A 92 -9.08 -0.46 -9.35
CA HIS A 92 -9.66 0.38 -8.33
C HIS A 92 -10.53 -0.44 -7.38
N GLY A 93 -10.34 -0.22 -6.08
CA GLY A 93 -11.10 -0.94 -5.06
C GLY A 93 -10.27 -2.10 -4.48
N ASP A 94 -9.12 -2.37 -5.08
CA ASP A 94 -8.24 -3.44 -4.60
C ASP A 94 -7.59 -3.05 -3.29
N VAL A 95 -7.41 -4.02 -2.40
CA VAL A 95 -6.81 -3.74 -1.10
C VAL A 95 -5.49 -4.47 -0.92
N ILE A 96 -4.49 -3.72 -0.44
CA ILE A 96 -3.17 -4.29 -0.21
C ILE A 96 -3.00 -4.54 1.27
N THR A 97 -2.55 -5.73 1.63
CA THR A 97 -2.39 -6.06 3.03
C THR A 97 -0.99 -6.59 3.32
N ILE A 98 -0.34 -6.01 4.33
CA ILE A 98 0.98 -6.48 4.71
C ILE A 98 0.78 -7.71 5.58
N ILE A 99 1.68 -7.90 6.54
CA ILE A 99 1.57 -9.04 7.44
C ILE A 99 0.31 -8.96 8.30
N ASP A 100 0.01 -7.77 8.85
CA ASP A 100 -1.16 -7.64 9.71
C ASP A 100 -1.92 -6.31 9.53
N ARG A 101 -1.73 -5.64 8.41
CA ARG A 101 -2.44 -4.37 8.17
C ARG A 101 -3.00 -4.31 6.75
N SER A 102 -4.15 -3.65 6.60
CA SER A 102 -4.80 -3.54 5.30
C SER A 102 -4.73 -2.12 4.75
N PHE A 103 -4.41 -2.02 3.46
CA PHE A 103 -4.35 -0.74 2.78
C PHE A 103 -5.29 -0.77 1.58
N ARG A 104 -6.05 0.30 1.39
CA ARG A 104 -6.99 0.35 0.29
C ARG A 104 -6.55 1.35 -0.78
N TYR A 105 -6.55 0.90 -2.02
CA TYR A 105 -6.16 1.75 -3.14
C TYR A 105 -7.42 2.19 -3.89
N GLU A 106 -7.77 3.46 -3.76
CA GLU A 106 -8.97 3.98 -4.41
C GLU A 106 -8.62 5.04 -5.44
N ASN A 107 -9.11 4.85 -6.66
CA ASN A 107 -8.86 5.82 -7.72
C ASN A 107 -10.16 6.49 -8.13
N GLU A 108 -10.41 7.66 -7.56
CA GLU A 108 -11.62 8.42 -7.84
C GLU A 108 -11.72 8.75 -9.33
N MET A 9 -10.44 16.89 -14.79
CA MET A 9 -9.16 17.64 -14.62
C MET A 9 -8.11 16.70 -14.04
N TRP A 10 -7.05 17.28 -13.48
CA TRP A 10 -5.99 16.48 -12.89
C TRP A 10 -6.58 15.31 -12.08
N PRO A 11 -6.04 14.13 -12.21
CA PRO A 11 -6.55 12.94 -11.46
C PRO A 11 -6.25 13.03 -9.96
N THR A 12 -7.12 12.45 -9.15
CA THR A 12 -6.93 12.46 -7.71
C THR A 12 -6.97 11.05 -7.14
N ARG A 13 -5.91 10.66 -6.42
CA ARG A 13 -5.84 9.33 -5.83
C ARG A 13 -5.50 9.41 -4.35
N ARG A 14 -6.15 8.58 -3.54
CA ARG A 14 -5.89 8.58 -2.12
C ARG A 14 -5.82 7.16 -1.57
N LEU A 15 -5.03 6.98 -0.51
CA LEU A 15 -4.88 5.67 0.12
C LEU A 15 -5.51 5.72 1.51
N VAL A 16 -6.29 4.69 1.85
CA VAL A 16 -6.92 4.65 3.17
C VAL A 16 -6.47 3.41 3.93
N THR A 17 -6.11 3.59 5.19
CA THR A 17 -5.67 2.49 6.01
C THR A 17 -6.80 1.98 6.90
N ILE A 18 -7.16 0.72 6.71
CA ILE A 18 -8.22 0.11 7.50
C ILE A 18 -7.74 -0.12 8.93
N LYS A 19 -8.59 0.22 9.89
CA LYS A 19 -8.26 0.03 11.29
C LYS A 19 -8.15 -1.46 11.57
N ARG A 20 -7.22 -1.85 12.43
CA ARG A 20 -7.03 -3.25 12.74
C ARG A 20 -8.38 -3.92 12.99
N SER A 21 -8.70 -4.92 12.16
CA SER A 21 -9.96 -5.64 12.30
C SER A 21 -11.08 -4.70 12.75
N GLY A 22 -11.04 -3.46 12.28
CA GLY A 22 -12.06 -2.48 12.64
C GLY A 22 -12.65 -1.81 11.41
N VAL A 23 -12.63 -0.48 11.40
CA VAL A 23 -13.18 0.29 10.29
C VAL A 23 -12.11 1.16 9.66
N ASP A 24 -12.52 2.08 8.80
CA ASP A 24 -11.57 2.96 8.14
C ASP A 24 -10.89 3.85 9.17
N GLY A 25 -9.59 4.03 9.01
CA GLY A 25 -8.82 4.86 9.93
C GLY A 25 -8.30 6.10 9.19
N PRO A 26 -7.21 6.65 9.64
CA PRO A 26 -6.61 7.86 9.00
C PRO A 26 -6.30 7.61 7.53
N HIS A 27 -6.49 8.63 6.70
CA HIS A 27 -6.22 8.50 5.27
C HIS A 27 -4.81 8.98 4.97
N PHE A 28 -4.39 8.78 3.72
CA PHE A 28 -3.06 9.19 3.32
C PHE A 28 -3.07 9.80 1.91
N PRO A 29 -2.89 11.10 1.76
CA PRO A 29 -2.89 11.76 0.41
C PRO A 29 -1.64 11.43 -0.38
N LEU A 30 -1.74 11.46 -1.70
CA LEU A 30 -0.59 11.15 -2.54
C LEU A 30 0.05 12.43 -3.06
N SER A 31 1.33 12.58 -2.76
CA SER A 31 2.09 13.73 -3.19
C SER A 31 3.16 13.30 -4.20
N LEU A 32 4.03 12.41 -3.75
CA LEU A 32 5.08 11.89 -4.60
C LEU A 32 4.49 10.91 -5.59
N SER A 33 5.12 10.81 -6.76
CA SER A 33 4.65 9.90 -7.79
C SER A 33 4.79 8.46 -7.32
N THR A 34 5.62 8.26 -6.30
CA THR A 34 5.86 6.92 -5.79
C THR A 34 5.47 6.80 -4.31
N CYS A 35 4.94 5.64 -3.96
CA CYS A 35 4.54 5.36 -2.58
C CYS A 35 5.33 4.18 -2.05
N LEU A 36 6.04 4.36 -0.93
CA LEU A 36 6.84 3.29 -0.36
C LEU A 36 6.29 2.86 1.01
N PHE A 37 6.29 1.55 1.23
CA PHE A 37 5.79 0.98 2.48
C PHE A 37 6.95 0.44 3.31
N GLY A 38 6.88 0.60 4.63
CA GLY A 38 7.95 0.09 5.47
C GLY A 38 8.01 0.78 6.83
N ARG A 39 8.76 0.16 7.74
CA ARG A 39 8.92 0.68 9.09
C ARG A 39 9.69 2.01 9.10
N GLY A 40 10.69 2.12 8.24
CA GLY A 40 11.52 3.32 8.18
C GLY A 40 10.71 4.56 7.80
N ILE A 41 11.20 5.71 8.25
CA ILE A 41 10.56 6.99 7.95
C ILE A 41 10.65 7.30 6.46
N GLU A 42 11.74 6.85 5.85
CA GLU A 42 11.98 7.10 4.43
C GLU A 42 10.81 6.60 3.57
N CYS A 43 9.95 5.78 4.15
CA CYS A 43 8.81 5.25 3.41
C CYS A 43 7.64 6.23 3.46
N ASP A 44 7.00 6.46 2.31
CA ASP A 44 5.87 7.37 2.25
C ASP A 44 4.75 6.86 3.12
N ILE A 45 4.64 5.55 3.17
CA ILE A 45 3.62 4.92 4.00
C ILE A 45 4.30 4.28 5.19
N ARG A 46 4.53 5.09 6.22
CA ARG A 46 5.21 4.63 7.42
C ARG A 46 4.34 3.64 8.18
N ILE A 47 4.89 2.47 8.45
CA ILE A 47 4.16 1.44 9.16
C ILE A 47 4.78 1.19 10.54
N GLN A 48 4.00 1.32 11.60
CA GLN A 48 4.54 1.09 12.93
C GLN A 48 4.28 -0.35 13.36
N LEU A 49 5.10 -1.26 12.83
CA LEU A 49 4.99 -2.68 13.15
C LEU A 49 6.35 -3.36 12.88
N PRO A 50 7.07 -3.80 13.88
CA PRO A 50 8.41 -4.46 13.67
C PRO A 50 8.39 -5.60 12.64
N VAL A 51 7.27 -6.30 12.52
CA VAL A 51 7.18 -7.42 11.58
C VAL A 51 7.35 -6.95 10.13
N VAL A 52 6.80 -5.79 9.79
CA VAL A 52 6.92 -5.26 8.44
C VAL A 52 8.40 -4.98 8.12
N SER A 53 8.78 -5.11 6.85
CA SER A 53 10.18 -4.89 6.46
C SER A 53 10.48 -3.40 6.27
N LYS A 54 11.76 -3.08 6.06
CA LYS A 54 12.18 -1.69 5.86
C LYS A 54 11.52 -1.12 4.61
N GLN A 55 11.44 -1.95 3.58
CA GLN A 55 10.82 -1.58 2.32
C GLN A 55 9.93 -2.74 1.91
N HIS A 56 8.86 -2.91 2.67
CA HIS A 56 7.94 -4.02 2.47
C HIS A 56 7.30 -4.01 1.08
N CYS A 57 6.73 -2.88 0.69
CA CYS A 57 6.09 -2.80 -0.60
C CYS A 57 6.12 -1.37 -1.12
N LYS A 58 5.81 -1.22 -2.40
CA LYS A 58 5.85 0.09 -3.01
C LYS A 58 4.77 0.25 -4.07
N ILE A 59 3.97 1.31 -3.95
CA ILE A 59 2.94 1.58 -4.94
C ILE A 59 3.42 2.65 -5.90
N GLU A 60 3.69 2.24 -7.14
CA GLU A 60 4.13 3.17 -8.16
C GLU A 60 2.92 3.72 -8.90
N ILE A 61 2.85 5.04 -9.00
CA ILE A 61 1.71 5.66 -9.66
C ILE A 61 1.93 5.78 -11.15
N HIS A 62 1.02 5.19 -11.92
CA HIS A 62 1.09 5.23 -13.37
C HIS A 62 0.23 6.38 -13.90
N GLU A 63 0.41 6.72 -15.16
CA GLU A 63 -0.34 7.81 -15.77
C GLU A 63 -1.80 7.82 -15.31
N GLN A 64 -2.41 6.64 -15.17
CA GLN A 64 -3.82 6.59 -14.77
C GLN A 64 -4.12 5.45 -13.80
N GLU A 65 -3.08 4.77 -13.32
CA GLU A 65 -3.28 3.65 -12.39
C GLU A 65 -2.15 3.54 -11.37
N ALA A 66 -2.40 2.77 -10.30
CA ALA A 66 -1.38 2.55 -9.27
C ALA A 66 -0.81 1.14 -9.42
N ILE A 67 0.49 0.98 -9.18
CA ILE A 67 1.11 -0.33 -9.32
C ILE A 67 1.95 -0.71 -8.09
N LEU A 68 1.69 -1.91 -7.56
CA LEU A 68 2.40 -2.41 -6.37
C LEU A 68 3.77 -2.95 -6.74
N HIS A 69 4.73 -2.85 -5.80
CA HIS A 69 6.08 -3.34 -6.04
C HIS A 69 6.64 -3.96 -4.75
N ASN A 70 6.20 -5.18 -4.51
CA ASN A 70 6.62 -5.93 -3.32
C ASN A 70 8.11 -6.31 -3.37
N PHE A 71 8.77 -6.14 -2.23
CA PHE A 71 10.20 -6.48 -2.12
C PHE A 71 10.37 -7.67 -1.20
N SER A 72 9.39 -7.89 -0.34
CA SER A 72 9.44 -8.99 0.63
C SER A 72 9.41 -10.35 -0.06
N SER A 73 10.12 -11.30 0.54
CA SER A 73 10.18 -12.64 -0.01
C SER A 73 9.58 -13.64 0.98
N THR A 74 10.00 -13.56 2.23
CA THR A 74 9.48 -14.45 3.27
C THR A 74 8.05 -14.07 3.62
N ASN A 75 7.78 -12.77 3.66
CA ASN A 75 6.45 -12.27 3.98
C ASN A 75 5.96 -11.39 2.82
N PRO A 76 5.49 -11.99 1.77
CA PRO A 76 4.99 -11.22 0.58
C PRO A 76 3.73 -10.43 0.89
N THR A 77 3.62 -9.28 0.26
CA THR A 77 2.45 -8.44 0.43
C THR A 77 1.21 -9.18 -0.07
N GLN A 78 0.09 -8.97 0.59
CA GLN A 78 -1.14 -9.68 0.23
C GLN A 78 -2.20 -8.75 -0.35
N VAL A 79 -2.74 -9.15 -1.48
CA VAL A 79 -3.79 -8.39 -2.15
C VAL A 79 -4.96 -9.30 -2.50
N ASN A 80 -6.17 -8.85 -2.20
CA ASN A 80 -7.36 -9.64 -2.47
C ASN A 80 -7.26 -10.99 -1.77
N GLY A 81 -6.33 -11.10 -0.83
CA GLY A 81 -6.15 -12.33 -0.08
C GLY A 81 -4.99 -13.19 -0.61
N SER A 82 -4.59 -12.96 -1.86
CA SER A 82 -3.50 -13.73 -2.45
C SER A 82 -2.15 -13.13 -2.08
N VAL A 83 -1.10 -13.95 -2.06
CA VAL A 83 0.23 -13.46 -1.73
C VAL A 83 0.88 -12.87 -2.97
N ILE A 84 1.80 -11.94 -2.76
CA ILE A 84 2.46 -11.29 -3.88
C ILE A 84 3.97 -11.50 -3.85
N ASP A 85 4.45 -12.35 -4.75
CA ASP A 85 5.88 -12.63 -4.84
C ASP A 85 6.59 -11.50 -5.58
N GLU A 86 5.93 -10.98 -6.62
CA GLU A 86 6.50 -9.91 -7.42
C GLU A 86 5.48 -8.80 -7.64
N PRO A 87 5.88 -7.71 -8.24
CA PRO A 87 4.97 -6.56 -8.50
C PRO A 87 3.72 -6.99 -9.29
N VAL A 88 2.58 -6.39 -8.96
CA VAL A 88 1.33 -6.72 -9.65
C VAL A 88 0.52 -5.46 -9.93
N ARG A 89 -0.41 -5.55 -10.87
CA ARG A 89 -1.25 -4.41 -11.22
C ARG A 89 -2.38 -4.24 -10.22
N LEU A 90 -2.69 -2.99 -9.90
CA LEU A 90 -3.74 -2.71 -8.95
C LEU A 90 -4.96 -2.10 -9.64
N LYS A 91 -6.13 -2.53 -9.23
CA LYS A 91 -7.38 -2.01 -9.76
C LYS A 91 -8.08 -1.17 -8.70
N HIS A 92 -8.99 -0.31 -9.12
CA HIS A 92 -9.68 0.53 -8.16
C HIS A 92 -10.53 -0.33 -7.23
N GLY A 93 -10.37 -0.13 -5.93
CA GLY A 93 -11.13 -0.90 -4.96
C GLY A 93 -10.28 -2.07 -4.46
N ASP A 94 -9.08 -2.21 -5.03
CA ASP A 94 -8.17 -3.27 -4.63
C ASP A 94 -7.65 -3.02 -3.22
N VAL A 95 -7.48 -4.08 -2.44
CA VAL A 95 -7.01 -3.93 -1.07
C VAL A 95 -5.63 -4.58 -0.89
N ILE A 96 -4.75 -3.86 -0.22
CA ILE A 96 -3.40 -4.37 0.03
C ILE A 96 -3.27 -4.73 1.50
N THR A 97 -2.75 -5.92 1.77
CA THR A 97 -2.58 -6.35 3.14
C THR A 97 -1.17 -6.86 3.39
N ILE A 98 -0.56 -6.31 4.42
CA ILE A 98 0.80 -6.70 4.78
C ILE A 98 0.70 -7.73 5.91
N ILE A 99 1.73 -7.88 6.72
CA ILE A 99 1.73 -8.87 7.78
C ILE A 99 0.62 -8.60 8.81
N ASP A 100 0.45 -7.34 9.23
CA ASP A 100 -0.59 -7.04 10.22
C ASP A 100 -1.34 -5.75 9.93
N ARG A 101 -1.03 -5.08 8.82
CA ARG A 101 -1.70 -3.83 8.48
C ARG A 101 -2.25 -3.86 7.05
N SER A 102 -3.39 -3.19 6.83
CA SER A 102 -3.99 -3.18 5.50
C SER A 102 -4.17 -1.76 4.97
N PHE A 103 -4.06 -1.64 3.65
CA PHE A 103 -4.22 -0.36 2.98
C PHE A 103 -5.19 -0.47 1.82
N ARG A 104 -5.89 0.62 1.53
CA ARG A 104 -6.85 0.60 0.43
C ARG A 104 -6.45 1.61 -0.64
N TYR A 105 -6.60 1.22 -1.90
CA TYR A 105 -6.25 2.11 -3.00
C TYR A 105 -7.51 2.45 -3.77
N GLU A 106 -7.98 3.68 -3.58
CA GLU A 106 -9.20 4.14 -4.24
C GLU A 106 -8.93 5.26 -5.23
N ASN A 107 -9.23 5.01 -6.50
CA ASN A 107 -9.02 6.02 -7.53
C ASN A 107 -10.36 6.66 -7.88
N GLU A 108 -10.58 7.86 -7.35
CA GLU A 108 -11.83 8.59 -7.60
C GLU A 108 -12.18 8.59 -9.09
N MET A 9 -11.44 18.47 -12.09
CA MET A 9 -10.23 19.33 -12.03
C MET A 9 -9.01 18.47 -11.75
N TRP A 10 -7.90 19.13 -11.43
CA TRP A 10 -6.65 18.43 -11.13
C TRP A 10 -6.93 17.06 -10.49
N PRO A 11 -6.91 15.99 -11.25
CA PRO A 11 -7.16 14.63 -10.71
C PRO A 11 -6.15 14.27 -9.62
N THR A 12 -6.62 13.54 -8.60
CA THR A 12 -5.74 13.14 -7.51
C THR A 12 -6.17 11.78 -6.97
N ARG A 13 -5.24 11.11 -6.27
CA ARG A 13 -5.53 9.80 -5.71
C ARG A 13 -5.20 9.78 -4.21
N ARG A 14 -5.92 8.94 -3.46
CA ARG A 14 -5.70 8.87 -2.02
C ARG A 14 -5.62 7.43 -1.56
N LEU A 15 -4.78 7.17 -0.57
CA LEU A 15 -4.64 5.84 -0.03
C LEU A 15 -5.31 5.79 1.34
N VAL A 16 -6.16 4.79 1.54
CA VAL A 16 -6.88 4.67 2.80
C VAL A 16 -6.40 3.45 3.56
N THR A 17 -6.14 3.63 4.85
CA THR A 17 -5.65 2.54 5.67
C THR A 17 -6.70 2.06 6.64
N ILE A 18 -6.98 0.77 6.60
CA ILE A 18 -7.97 0.16 7.49
C ILE A 18 -7.37 0.02 8.90
N LYS A 19 -8.09 0.48 9.92
CA LYS A 19 -7.56 0.39 11.28
C LYS A 19 -7.33 -1.07 11.67
N ARG A 20 -8.31 -1.92 11.37
CA ARG A 20 -8.19 -3.35 11.67
C ARG A 20 -9.36 -4.13 11.10
N SER A 21 -9.28 -4.46 9.82
CA SER A 21 -10.33 -5.24 9.17
C SER A 21 -11.71 -4.85 9.71
N GLY A 22 -11.81 -3.62 10.22
CA GLY A 22 -13.08 -3.13 10.77
C GLY A 22 -13.71 -2.12 9.82
N VAL A 23 -13.86 -0.88 10.31
CA VAL A 23 -14.45 0.18 9.50
C VAL A 23 -13.43 1.27 9.24
N ASP A 24 -13.32 1.66 7.97
CA ASP A 24 -12.37 2.69 7.57
C ASP A 24 -11.13 2.66 8.44
N GLY A 25 -10.54 3.83 8.67
CA GLY A 25 -9.33 3.93 9.49
C GLY A 25 -8.50 5.13 9.06
N PRO A 26 -7.24 5.13 9.38
CA PRO A 26 -6.31 6.24 9.01
C PRO A 26 -6.24 6.43 7.49
N HIS A 27 -6.10 7.68 7.06
CA HIS A 27 -6.04 7.97 5.62
C HIS A 27 -4.65 8.47 5.23
N PHE A 28 -4.38 8.47 3.92
CA PHE A 28 -3.09 8.92 3.41
C PHE A 28 -3.24 9.43 1.98
N PRO A 29 -3.09 10.72 1.75
CA PRO A 29 -3.23 11.28 0.38
C PRO A 29 -2.02 10.96 -0.48
N LEU A 30 -2.22 10.88 -1.80
CA LEU A 30 -1.13 10.55 -2.70
C LEU A 30 -0.39 11.81 -3.13
N SER A 31 0.40 12.36 -2.22
CA SER A 31 1.18 13.56 -2.52
C SER A 31 2.33 13.24 -3.45
N LEU A 32 2.93 12.06 -3.26
CA LEU A 32 4.05 11.64 -4.10
C LEU A 32 3.58 10.55 -5.06
N SER A 33 3.98 10.67 -6.32
CA SER A 33 3.57 9.70 -7.34
C SER A 33 3.97 8.29 -6.94
N THR A 34 5.11 8.17 -6.26
CA THR A 34 5.59 6.86 -5.81
C THR A 34 5.31 6.69 -4.31
N CYS A 35 4.72 5.55 -3.95
CA CYS A 35 4.43 5.28 -2.54
C CYS A 35 5.26 4.11 -2.03
N LEU A 36 5.92 4.32 -0.90
CA LEU A 36 6.76 3.29 -0.29
C LEU A 36 6.22 2.87 1.08
N PHE A 37 6.29 1.56 1.35
CA PHE A 37 5.80 1.00 2.61
C PHE A 37 6.95 0.45 3.45
N GLY A 38 6.84 0.57 4.77
CA GLY A 38 7.90 0.03 5.62
C GLY A 38 8.06 0.79 6.93
N ARG A 39 8.88 0.21 7.80
CA ARG A 39 9.14 0.77 9.12
C ARG A 39 9.91 2.10 9.07
N GLY A 40 10.90 2.18 8.20
CA GLY A 40 11.71 3.38 8.09
C GLY A 40 10.87 4.58 7.64
N ILE A 41 11.33 5.77 7.98
CA ILE A 41 10.62 7.00 7.60
C ILE A 41 10.72 7.19 6.09
N GLU A 42 11.81 6.70 5.52
CA GLU A 42 12.03 6.82 4.09
C GLU A 42 10.80 6.36 3.34
N CYS A 43 9.96 5.58 4.02
CA CYS A 43 8.73 5.09 3.42
C CYS A 43 7.64 6.15 3.45
N ASP A 44 6.98 6.37 2.32
CA ASP A 44 5.90 7.36 2.26
C ASP A 44 4.81 6.91 3.22
N ILE A 45 4.63 5.59 3.27
CA ILE A 45 3.63 5.01 4.14
C ILE A 45 4.34 4.34 5.31
N ARG A 46 4.56 5.10 6.37
CA ARG A 46 5.26 4.58 7.54
C ARG A 46 4.41 3.53 8.25
N ILE A 47 5.06 2.42 8.60
CA ILE A 47 4.37 1.34 9.30
C ILE A 47 5.04 1.08 10.64
N GLN A 48 4.28 1.13 11.72
CA GLN A 48 4.87 0.88 13.03
C GLN A 48 4.64 -0.56 13.44
N LEU A 49 5.48 -1.45 12.89
CA LEU A 49 5.39 -2.87 13.20
C LEU A 49 6.75 -3.53 12.94
N PRO A 50 7.46 -3.97 13.96
CA PRO A 50 8.79 -4.63 13.78
C PRO A 50 8.76 -5.75 12.75
N VAL A 51 7.64 -6.46 12.68
CA VAL A 51 7.50 -7.57 11.76
C VAL A 51 7.58 -7.13 10.30
N VAL A 52 7.10 -5.92 9.97
CA VAL A 52 7.17 -5.43 8.60
C VAL A 52 8.61 -5.08 8.24
N SER A 53 8.92 -5.05 6.94
CA SER A 53 10.29 -4.75 6.50
C SER A 53 10.47 -3.25 6.23
N LYS A 54 11.74 -2.81 6.17
CA LYS A 54 12.06 -1.40 5.92
C LYS A 54 11.47 -0.97 4.57
N GLN A 55 11.56 -1.87 3.61
CA GLN A 55 11.00 -1.60 2.29
C GLN A 55 10.11 -2.77 1.92
N HIS A 56 9.06 -2.93 2.70
CA HIS A 56 8.11 -4.02 2.55
C HIS A 56 7.44 -4.04 1.20
N CYS A 57 6.90 -2.89 0.78
CA CYS A 57 6.23 -2.84 -0.51
C CYS A 57 6.21 -1.42 -1.06
N LYS A 58 5.92 -1.30 -2.34
CA LYS A 58 5.89 0.00 -2.97
C LYS A 58 4.79 0.08 -4.03
N ILE A 59 4.01 1.16 -4.00
CA ILE A 59 2.97 1.33 -4.98
C ILE A 59 3.35 2.45 -5.95
N GLU A 60 3.68 2.06 -7.17
CA GLU A 60 4.06 3.00 -8.21
C GLU A 60 2.82 3.42 -8.98
N ILE A 61 2.62 4.72 -9.13
CA ILE A 61 1.46 5.21 -9.83
C ILE A 61 1.77 5.48 -11.30
N HIS A 62 0.88 5.02 -12.17
CA HIS A 62 1.04 5.20 -13.61
C HIS A 62 -0.03 6.16 -14.15
N GLU A 63 0.01 6.41 -15.46
CA GLU A 63 -0.95 7.33 -16.07
C GLU A 63 -2.33 7.22 -15.41
N GLN A 64 -2.87 6.01 -15.34
CA GLN A 64 -4.19 5.84 -14.73
C GLN A 64 -4.29 4.50 -14.00
N GLU A 65 -3.16 4.00 -13.51
CA GLU A 65 -3.17 2.72 -12.80
C GLU A 65 -2.09 2.67 -11.75
N ALA A 66 -2.38 2.03 -10.61
CA ALA A 66 -1.38 1.90 -9.57
C ALA A 66 -0.74 0.53 -9.66
N ILE A 67 0.55 0.47 -9.41
CA ILE A 67 1.27 -0.79 -9.48
C ILE A 67 2.05 -1.06 -8.22
N LEU A 68 1.86 -2.25 -7.66
CA LEU A 68 2.56 -2.63 -6.44
C LEU A 68 3.96 -3.13 -6.78
N HIS A 69 4.87 -2.96 -5.83
CA HIS A 69 6.24 -3.39 -6.03
C HIS A 69 6.78 -4.00 -4.73
N ASN A 70 6.36 -5.24 -4.48
CA ASN A 70 6.76 -5.97 -3.28
C ASN A 70 8.23 -6.36 -3.32
N PHE A 71 8.90 -6.17 -2.18
CA PHE A 71 10.30 -6.51 -2.05
C PHE A 71 10.51 -7.61 -1.00
N SER A 72 9.54 -7.76 -0.10
CA SER A 72 9.64 -8.74 0.98
C SER A 72 9.51 -10.16 0.47
N SER A 73 10.31 -11.06 1.05
CA SER A 73 10.29 -12.47 0.66
C SER A 73 9.61 -13.31 1.74
N THR A 74 10.15 -13.26 2.95
CA THR A 74 9.59 -14.03 4.06
C THR A 74 8.20 -13.52 4.42
N ASN A 75 7.99 -12.21 4.29
CA ASN A 75 6.69 -11.62 4.60
C ASN A 75 6.15 -10.89 3.37
N PRO A 76 5.62 -11.60 2.40
CA PRO A 76 5.08 -10.96 1.16
C PRO A 76 3.78 -10.19 1.41
N THR A 77 3.61 -9.11 0.66
CA THR A 77 2.41 -8.29 0.77
C THR A 77 1.25 -9.06 0.13
N GLN A 78 0.04 -8.65 0.43
CA GLN A 78 -1.14 -9.35 -0.11
C GLN A 78 -2.10 -8.38 -0.79
N VAL A 79 -2.76 -8.85 -1.84
CA VAL A 79 -3.72 -8.02 -2.56
C VAL A 79 -5.00 -8.78 -2.86
N ASN A 80 -6.13 -8.10 -2.66
CA ASN A 80 -7.43 -8.70 -2.91
C ASN A 80 -7.49 -10.08 -2.28
N GLY A 81 -6.62 -10.33 -1.30
CA GLY A 81 -6.60 -11.62 -0.62
C GLY A 81 -5.67 -12.61 -1.31
N SER A 82 -4.84 -12.12 -2.21
CA SER A 82 -3.91 -12.97 -2.93
C SER A 82 -2.47 -12.60 -2.58
N VAL A 83 -1.62 -13.61 -2.38
CA VAL A 83 -0.23 -13.35 -2.05
C VAL A 83 0.49 -12.74 -3.23
N ILE A 84 1.38 -11.81 -2.92
CA ILE A 84 2.15 -11.13 -3.96
C ILE A 84 3.61 -11.57 -3.90
N ASP A 85 4.05 -12.27 -4.96
CA ASP A 85 5.42 -12.75 -5.03
C ASP A 85 6.28 -11.81 -5.88
N GLU A 86 5.63 -10.91 -6.59
CA GLU A 86 6.33 -9.98 -7.46
C GLU A 86 5.42 -8.77 -7.76
N PRO A 87 5.95 -7.74 -8.37
CA PRO A 87 5.14 -6.54 -8.72
C PRO A 87 3.92 -6.90 -9.57
N VAL A 88 2.76 -6.31 -9.27
CA VAL A 88 1.55 -6.60 -10.02
C VAL A 88 0.67 -5.36 -10.20
N ARG A 89 -0.23 -5.43 -11.18
CA ARG A 89 -1.13 -4.33 -11.46
C ARG A 89 -2.28 -4.28 -10.45
N LEU A 90 -2.73 -3.07 -10.14
CA LEU A 90 -3.80 -2.89 -9.19
C LEU A 90 -5.00 -2.20 -9.82
N LYS A 91 -6.19 -2.53 -9.32
CA LYS A 91 -7.42 -1.95 -9.82
C LYS A 91 -7.98 -0.98 -8.79
N HIS A 92 -8.74 0.00 -9.25
CA HIS A 92 -9.31 0.99 -8.35
C HIS A 92 -10.15 0.31 -7.27
N GLY A 93 -9.91 0.69 -6.03
CA GLY A 93 -10.66 0.11 -4.91
C GLY A 93 -10.00 -1.17 -4.38
N ASP A 94 -8.84 -1.53 -4.92
CA ASP A 94 -8.14 -2.74 -4.46
C ASP A 94 -7.63 -2.57 -3.04
N VAL A 95 -7.64 -3.66 -2.27
CA VAL A 95 -7.18 -3.61 -0.88
C VAL A 95 -5.89 -4.41 -0.71
N ILE A 96 -4.90 -3.79 -0.06
CA ILE A 96 -3.61 -4.43 0.17
C ILE A 96 -3.44 -4.76 1.64
N THR A 97 -2.93 -5.96 1.91
CA THR A 97 -2.73 -6.39 3.30
C THR A 97 -1.29 -6.87 3.51
N ILE A 98 -0.63 -6.27 4.51
CA ILE A 98 0.74 -6.62 4.85
C ILE A 98 0.72 -7.64 6.01
N ILE A 99 1.72 -7.64 6.89
CA ILE A 99 1.75 -8.62 7.98
C ILE A 99 0.57 -8.46 8.95
N ASP A 100 0.26 -7.24 9.36
CA ASP A 100 -0.84 -7.03 10.31
C ASP A 100 -1.61 -5.76 10.00
N ARG A 101 -1.24 -5.07 8.94
CA ARG A 101 -1.91 -3.84 8.55
C ARG A 101 -2.28 -3.88 7.08
N SER A 102 -3.30 -3.12 6.70
CA SER A 102 -3.74 -3.12 5.31
C SER A 102 -3.97 -1.70 4.80
N PHE A 103 -3.75 -1.53 3.49
CA PHE A 103 -3.93 -0.25 2.85
C PHE A 103 -4.82 -0.41 1.63
N ARG A 104 -5.56 0.64 1.30
CA ARG A 104 -6.45 0.59 0.16
C ARG A 104 -6.07 1.66 -0.85
N TYR A 105 -6.11 1.29 -2.13
CA TYR A 105 -5.79 2.23 -3.19
C TYR A 105 -7.07 2.61 -3.94
N GLU A 106 -7.44 3.90 -3.86
CA GLU A 106 -8.65 4.35 -4.52
C GLU A 106 -8.47 5.74 -5.11
N ASN A 107 -8.91 5.90 -6.35
CA ASN A 107 -8.81 7.18 -7.04
C ASN A 107 -10.14 7.92 -6.97
N GLU A 108 -10.16 9.15 -7.45
CA GLU A 108 -11.37 9.95 -7.41
C GLU A 108 -12.07 9.95 -8.77
N MET A 9 -13.02 20.15 -5.47
CA MET A 9 -12.46 21.10 -6.47
C MET A 9 -11.44 20.39 -7.36
N TRP A 10 -11.16 19.12 -7.06
CA TRP A 10 -10.19 18.37 -7.85
C TRP A 10 -9.95 16.99 -7.25
N PRO A 11 -10.69 15.99 -7.66
CA PRO A 11 -10.51 14.61 -7.13
C PRO A 11 -9.11 14.06 -7.44
N THR A 12 -8.58 13.28 -6.52
CA THR A 12 -7.24 12.71 -6.70
C THR A 12 -7.15 11.33 -6.02
N ARG A 13 -6.10 10.59 -6.35
CA ARG A 13 -5.92 9.26 -5.77
C ARG A 13 -5.51 9.37 -4.30
N ARG A 14 -6.03 8.45 -3.49
CA ARG A 14 -5.73 8.44 -2.06
C ARG A 14 -5.61 7.01 -1.53
N LEU A 15 -4.81 6.84 -0.48
CA LEU A 15 -4.64 5.52 0.13
C LEU A 15 -5.27 5.55 1.53
N VAL A 16 -6.07 4.54 1.85
CA VAL A 16 -6.70 4.48 3.17
C VAL A 16 -6.30 3.22 3.90
N THR A 17 -5.92 3.38 5.15
CA THR A 17 -5.48 2.26 5.96
C THR A 17 -6.54 1.87 6.98
N ILE A 18 -7.03 0.63 6.87
CA ILE A 18 -8.05 0.12 7.80
C ILE A 18 -7.36 -0.44 9.04
N LYS A 19 -7.55 0.19 10.20
CA LYS A 19 -6.93 -0.30 11.42
C LYS A 19 -7.52 -1.66 11.77
N ARG A 20 -8.83 -1.76 11.63
CA ARG A 20 -9.53 -3.00 11.91
C ARG A 20 -10.59 -3.24 10.85
N SER A 21 -10.68 -4.46 10.36
CA SER A 21 -11.66 -4.77 9.32
C SER A 21 -13.06 -4.43 9.83
N GLY A 22 -13.84 -3.75 8.99
CA GLY A 22 -15.20 -3.38 9.37
C GLY A 22 -15.32 -1.91 9.78
N VAL A 23 -14.20 -1.30 10.16
CA VAL A 23 -14.22 0.10 10.57
C VAL A 23 -13.20 0.93 9.80
N ASP A 24 -13.67 2.05 9.27
CA ASP A 24 -12.81 2.94 8.51
C ASP A 24 -11.75 3.56 9.42
N GLY A 25 -10.58 3.83 8.85
CA GLY A 25 -9.47 4.39 9.61
C GLY A 25 -8.99 5.70 8.99
N PRO A 26 -7.79 6.14 9.33
CA PRO A 26 -7.22 7.41 8.80
C PRO A 26 -6.77 7.26 7.33
N HIS A 27 -6.82 8.36 6.59
CA HIS A 27 -6.44 8.34 5.17
C HIS A 27 -4.99 8.80 4.98
N PHE A 28 -4.48 8.58 3.77
CA PHE A 28 -3.12 8.97 3.45
C PHE A 28 -3.04 9.59 2.06
N PRO A 29 -3.22 10.88 1.95
CA PRO A 29 -3.14 11.59 0.64
C PRO A 29 -1.78 11.39 -0.02
N LEU A 30 -1.77 11.30 -1.34
CA LEU A 30 -0.52 11.08 -2.06
C LEU A 30 0.21 12.40 -2.32
N SER A 31 1.52 12.38 -2.11
CA SER A 31 2.33 13.56 -2.34
C SER A 31 3.39 13.24 -3.38
N LEU A 32 3.93 12.02 -3.29
CA LEU A 32 4.95 11.55 -4.21
C LEU A 32 4.38 10.53 -5.18
N SER A 33 4.85 10.59 -6.43
CA SER A 33 4.37 9.65 -7.44
C SER A 33 4.72 8.22 -7.05
N THR A 34 5.73 8.07 -6.19
CA THR A 34 6.15 6.75 -5.74
C THR A 34 5.90 6.61 -4.24
N CYS A 35 5.17 5.58 -3.84
CA CYS A 35 4.90 5.36 -2.43
C CYS A 35 5.66 4.14 -1.92
N LEU A 36 6.22 4.28 -0.73
CA LEU A 36 6.98 3.20 -0.13
C LEU A 36 6.37 2.79 1.22
N PHE A 37 6.37 1.49 1.47
CA PHE A 37 5.81 0.95 2.71
C PHE A 37 6.91 0.40 3.60
N GLY A 38 6.91 0.77 4.87
CA GLY A 38 7.93 0.25 5.78
C GLY A 38 8.05 1.09 7.04
N ARG A 39 8.86 0.58 7.97
CA ARG A 39 9.09 1.24 9.24
C ARG A 39 9.84 2.55 9.04
N GLY A 40 10.72 2.57 8.06
CA GLY A 40 11.52 3.74 7.78
C GLY A 40 10.66 4.99 7.65
N ILE A 41 11.18 6.10 8.15
CA ILE A 41 10.46 7.37 8.08
C ILE A 41 10.41 7.85 6.64
N GLU A 42 11.52 7.63 5.92
CA GLU A 42 11.62 8.05 4.53
C GLU A 42 10.49 7.45 3.70
N CYS A 43 9.82 6.45 4.26
CA CYS A 43 8.72 5.80 3.56
C CYS A 43 7.50 6.69 3.52
N ASP A 44 6.86 6.75 2.35
CA ASP A 44 5.66 7.55 2.19
C ASP A 44 4.60 6.97 3.08
N ILE A 45 4.57 5.65 3.15
CA ILE A 45 3.61 4.96 3.98
C ILE A 45 4.33 4.30 5.14
N ARG A 46 4.43 5.03 6.24
CA ARG A 46 5.12 4.52 7.42
C ARG A 46 4.28 3.49 8.16
N ILE A 47 4.94 2.41 8.57
CA ILE A 47 4.29 1.35 9.31
C ILE A 47 5.03 1.10 10.62
N GLN A 48 4.34 1.25 11.73
CA GLN A 48 4.99 1.03 13.00
C GLN A 48 4.79 -0.41 13.47
N LEU A 49 5.58 -1.32 12.90
CA LEU A 49 5.49 -2.72 13.27
C LEU A 49 6.82 -3.45 12.96
N PRO A 50 7.51 -3.97 13.96
CA PRO A 50 8.80 -4.71 13.73
C PRO A 50 8.67 -5.80 12.67
N VAL A 51 7.51 -6.44 12.60
CA VAL A 51 7.31 -7.52 11.63
C VAL A 51 7.37 -7.02 10.19
N VAL A 52 7.01 -5.75 9.96
CA VAL A 52 7.06 -5.22 8.60
C VAL A 52 8.49 -4.88 8.25
N SER A 53 8.75 -4.63 6.97
CA SER A 53 10.11 -4.31 6.53
C SER A 53 10.22 -2.86 6.07
N LYS A 54 11.42 -2.29 6.20
CA LYS A 54 11.64 -0.90 5.78
C LYS A 54 11.32 -0.76 4.30
N GLN A 55 11.75 -1.75 3.52
CA GLN A 55 11.47 -1.77 2.09
C GLN A 55 10.51 -2.93 1.86
N HIS A 56 9.35 -2.86 2.50
CA HIS A 56 8.38 -3.95 2.40
C HIS A 56 7.74 -4.02 1.02
N CYS A 57 6.94 -3.02 0.68
CA CYS A 57 6.30 -3.00 -0.62
C CYS A 57 6.26 -1.57 -1.14
N LYS A 58 6.04 -1.42 -2.44
CA LYS A 58 6.01 -0.10 -3.03
C LYS A 58 4.93 0.04 -4.10
N ILE A 59 4.15 1.11 -4.00
CA ILE A 59 3.12 1.35 -4.98
C ILE A 59 3.56 2.47 -5.91
N GLU A 60 3.72 2.12 -7.17
CA GLU A 60 4.14 3.06 -8.19
C GLU A 60 2.91 3.57 -8.93
N ILE A 61 2.87 4.87 -9.19
CA ILE A 61 1.74 5.44 -9.87
C ILE A 61 2.06 5.74 -11.34
N HIS A 62 1.17 5.29 -12.22
CA HIS A 62 1.36 5.51 -13.64
C HIS A 62 0.35 6.55 -14.14
N GLU A 63 0.43 6.90 -15.42
CA GLU A 63 -0.48 7.90 -15.97
C GLU A 63 -1.86 7.78 -15.33
N GLN A 64 -2.42 6.57 -15.34
CA GLN A 64 -3.72 6.35 -14.74
C GLN A 64 -3.82 4.97 -14.10
N GLU A 65 -2.74 4.49 -13.49
CA GLU A 65 -2.76 3.18 -12.84
C GLU A 65 -1.75 3.11 -11.69
N ALA A 66 -2.06 2.31 -10.66
CA ALA A 66 -1.15 2.16 -9.52
C ALA A 66 -0.55 0.75 -9.58
N ILE A 67 0.76 0.63 -9.39
CA ILE A 67 1.40 -0.68 -9.47
C ILE A 67 2.17 -1.01 -8.19
N LEU A 68 1.93 -2.20 -7.67
CA LEU A 68 2.61 -2.63 -6.44
C LEU A 68 3.96 -3.25 -6.75
N HIS A 69 4.95 -2.92 -5.93
CA HIS A 69 6.29 -3.44 -6.11
C HIS A 69 6.78 -4.08 -4.82
N ASN A 70 6.32 -5.32 -4.61
CA ASN A 70 6.69 -6.06 -3.41
C ASN A 70 8.15 -6.51 -3.44
N PHE A 71 8.90 -6.12 -2.42
CA PHE A 71 10.31 -6.50 -2.33
C PHE A 71 10.47 -7.69 -1.40
N SER A 72 9.57 -7.78 -0.42
CA SER A 72 9.61 -8.84 0.56
C SER A 72 9.46 -10.21 -0.09
N SER A 73 10.08 -11.23 0.52
CA SER A 73 10.00 -12.58 0.01
C SER A 73 9.32 -13.48 1.04
N THR A 74 9.89 -13.55 2.24
CA THR A 74 9.32 -14.37 3.31
C THR A 74 7.92 -13.86 3.68
N ASN A 75 7.82 -12.56 3.90
CA ASN A 75 6.53 -11.95 4.23
C ASN A 75 6.08 -11.06 3.09
N PRO A 76 5.50 -11.62 2.06
CA PRO A 76 5.05 -10.84 0.87
C PRO A 76 3.77 -10.07 1.14
N THR A 77 3.64 -8.92 0.50
CA THR A 77 2.43 -8.12 0.65
C THR A 77 1.29 -8.91 0.03
N GLN A 78 0.06 -8.65 0.47
CA GLN A 78 -1.08 -9.42 -0.04
C GLN A 78 -2.16 -8.51 -0.60
N VAL A 79 -2.94 -9.04 -1.54
CA VAL A 79 -4.01 -8.27 -2.16
C VAL A 79 -5.32 -9.06 -2.15
N ASN A 80 -6.37 -8.44 -1.61
CA ASN A 80 -7.68 -9.08 -1.53
C ASN A 80 -7.56 -10.49 -0.97
N GLY A 81 -6.59 -10.70 -0.08
CA GLY A 81 -6.39 -12.02 0.51
C GLY A 81 -5.48 -12.87 -0.37
N SER A 82 -4.96 -12.27 -1.44
CA SER A 82 -4.08 -12.99 -2.34
C SER A 82 -2.63 -12.83 -1.92
N VAL A 83 -1.73 -13.54 -2.60
CA VAL A 83 -0.30 -13.44 -2.30
C VAL A 83 0.42 -12.82 -3.47
N ILE A 84 1.38 -11.96 -3.15
CA ILE A 84 2.11 -11.25 -4.17
C ILE A 84 3.58 -11.70 -4.26
N ASP A 85 3.85 -12.69 -5.09
CA ASP A 85 5.22 -13.16 -5.27
C ASP A 85 6.08 -12.09 -5.92
N GLU A 86 5.52 -11.45 -6.96
CA GLU A 86 6.22 -10.40 -7.69
C GLU A 86 5.29 -9.21 -7.88
N PRO A 87 5.78 -8.11 -8.42
CA PRO A 87 4.95 -6.89 -8.63
C PRO A 87 3.70 -7.19 -9.46
N VAL A 88 2.58 -6.58 -9.11
CA VAL A 88 1.33 -6.81 -9.81
C VAL A 88 0.53 -5.52 -10.01
N ARG A 89 -0.44 -5.59 -10.91
CA ARG A 89 -1.30 -4.45 -11.20
C ARG A 89 -2.51 -4.46 -10.27
N LEU A 90 -2.97 -3.27 -9.89
CA LEU A 90 -4.11 -3.16 -8.98
C LEU A 90 -5.27 -2.44 -9.66
N LYS A 91 -6.48 -2.80 -9.26
CA LYS A 91 -7.68 -2.18 -9.81
C LYS A 91 -8.30 -1.30 -8.74
N HIS A 92 -9.09 -0.32 -9.14
CA HIS A 92 -9.71 0.57 -8.17
C HIS A 92 -10.42 -0.24 -7.08
N GLY A 93 -10.36 0.24 -5.85
CA GLY A 93 -11.01 -0.44 -4.73
C GLY A 93 -10.20 -1.61 -4.19
N ASP A 94 -9.08 -1.90 -4.82
CA ASP A 94 -8.23 -3.01 -4.39
C ASP A 94 -7.64 -2.75 -3.01
N VAL A 95 -7.56 -3.78 -2.18
CA VAL A 95 -7.01 -3.63 -0.84
C VAL A 95 -5.69 -4.39 -0.70
N ILE A 96 -4.67 -3.70 -0.20
CA ILE A 96 -3.35 -4.31 -0.03
C ILE A 96 -3.14 -4.60 1.44
N THR A 97 -2.72 -5.82 1.73
CA THR A 97 -2.47 -6.21 3.11
C THR A 97 -1.03 -6.64 3.31
N ILE A 98 -0.34 -5.97 4.23
CA ILE A 98 1.03 -6.32 4.54
C ILE A 98 1.00 -7.52 5.46
N ILE A 99 1.94 -7.62 6.38
CA ILE A 99 1.95 -8.75 7.29
C ILE A 99 0.68 -8.78 8.16
N ASP A 100 0.26 -7.63 8.70
CA ASP A 100 -0.95 -7.62 9.54
C ASP A 100 -1.78 -6.34 9.40
N ARG A 101 -1.43 -5.48 8.45
CA ARG A 101 -2.17 -4.24 8.26
C ARG A 101 -2.73 -4.15 6.84
N SER A 102 -3.86 -3.45 6.70
CA SER A 102 -4.50 -3.31 5.40
C SER A 102 -4.45 -1.89 4.86
N PHE A 103 -4.31 -1.81 3.54
CA PHE A 103 -4.27 -0.52 2.84
C PHE A 103 -5.20 -0.59 1.63
N ARG A 104 -5.83 0.54 1.30
CA ARG A 104 -6.76 0.57 0.18
C ARG A 104 -6.28 1.52 -0.93
N TYR A 105 -6.39 1.09 -2.18
CA TYR A 105 -6.00 1.94 -3.32
C TYR A 105 -7.27 2.41 -4.01
N GLU A 106 -7.66 3.64 -3.72
CA GLU A 106 -8.88 4.20 -4.31
C GLU A 106 -8.57 5.42 -5.16
N ASN A 107 -9.10 5.40 -6.38
CA ASN A 107 -8.89 6.50 -7.31
C ASN A 107 -10.23 7.15 -7.65
N GLU A 108 -10.55 8.22 -6.94
CA GLU A 108 -11.82 8.91 -7.19
C GLU A 108 -11.82 9.52 -8.58
N MET A 9 -9.55 20.30 -11.40
CA MET A 9 -9.64 19.36 -12.55
C MET A 9 -8.42 18.45 -12.57
N TRP A 10 -7.87 18.17 -11.38
CA TRP A 10 -6.70 17.30 -11.27
C TRP A 10 -7.15 15.88 -10.90
N PRO A 11 -6.29 14.89 -11.05
CA PRO A 11 -6.65 13.48 -10.69
C PRO A 11 -7.01 13.35 -9.22
N THR A 12 -7.96 12.45 -8.92
CA THR A 12 -8.38 12.24 -7.55
C THR A 12 -8.11 10.82 -7.09
N ARG A 13 -6.98 10.62 -6.43
CA ARG A 13 -6.61 9.30 -5.94
C ARG A 13 -6.15 9.39 -4.49
N ARG A 14 -6.58 8.45 -3.65
CA ARG A 14 -6.19 8.48 -2.24
C ARG A 14 -6.10 7.06 -1.67
N LEU A 15 -5.26 6.91 -0.65
CA LEU A 15 -5.08 5.61 0.00
C LEU A 15 -5.65 5.69 1.42
N VAL A 16 -6.45 4.72 1.80
CA VAL A 16 -7.02 4.70 3.15
C VAL A 16 -6.41 3.57 3.96
N THR A 17 -5.98 3.88 5.18
CA THR A 17 -5.37 2.87 6.03
C THR A 17 -6.38 2.40 7.08
N ILE A 18 -6.75 1.13 7.01
CA ILE A 18 -7.71 0.58 7.96
C ILE A 18 -7.03 0.26 9.29
N LYS A 19 -7.66 0.66 10.39
CA LYS A 19 -7.11 0.38 11.71
C LYS A 19 -6.97 -1.12 11.88
N ARG A 20 -5.88 -1.54 12.50
CA ARG A 20 -5.63 -2.96 12.72
C ARG A 20 -6.73 -3.58 13.57
N SER A 21 -7.14 -2.88 14.61
CA SER A 21 -8.17 -3.40 15.50
C SER A 21 -9.54 -2.78 15.21
N GLY A 22 -9.60 -1.84 14.27
CA GLY A 22 -10.86 -1.20 13.95
C GLY A 22 -11.14 -1.17 12.47
N VAL A 23 -11.70 -0.06 12.03
CA VAL A 23 -12.05 0.11 10.63
C VAL A 23 -11.60 1.46 10.11
N ASP A 24 -11.50 1.57 8.80
CA ASP A 24 -11.07 2.80 8.17
C ASP A 24 -10.00 3.48 9.02
N GLY A 25 -9.99 4.81 8.98
CA GLY A 25 -9.01 5.56 9.76
C GLY A 25 -8.45 6.73 8.94
N PRO A 26 -7.32 7.24 9.34
CA PRO A 26 -6.63 8.37 8.64
C PRO A 26 -6.32 8.04 7.18
N HIS A 27 -6.43 9.05 6.32
CA HIS A 27 -6.16 8.84 4.91
C HIS A 27 -4.71 9.20 4.59
N PHE A 28 -4.29 8.87 3.38
CA PHE A 28 -2.94 9.15 2.96
C PHE A 28 -2.91 9.60 1.49
N PRO A 29 -2.73 10.87 1.21
CA PRO A 29 -2.69 11.37 -0.19
C PRO A 29 -1.39 10.97 -0.90
N LEU A 30 -1.44 10.88 -2.23
CA LEU A 30 -0.25 10.51 -2.99
C LEU A 30 0.64 11.73 -3.16
N SER A 31 1.35 12.10 -2.10
CA SER A 31 2.24 13.25 -2.15
C SER A 31 3.34 13.04 -3.19
N LEU A 32 3.87 11.83 -3.26
CA LEU A 32 4.92 11.52 -4.22
C LEU A 32 4.41 10.52 -5.26
N SER A 33 5.01 10.54 -6.45
CA SER A 33 4.61 9.64 -7.53
C SER A 33 4.82 8.19 -7.14
N THR A 34 5.73 7.96 -6.20
CA THR A 34 6.01 6.59 -5.76
C THR A 34 5.73 6.41 -4.27
N CYS A 35 4.87 5.47 -3.93
CA CYS A 35 4.57 5.21 -2.52
C CYS A 35 5.40 4.03 -2.01
N LEU A 36 6.06 4.24 -0.87
CA LEU A 36 6.90 3.20 -0.27
C LEU A 36 6.38 2.82 1.12
N PHE A 37 6.30 1.52 1.38
CA PHE A 37 5.80 1.02 2.67
C PHE A 37 6.94 0.53 3.54
N GLY A 38 6.80 0.71 4.86
CA GLY A 38 7.84 0.24 5.77
C GLY A 38 8.05 1.18 6.95
N ARG A 39 8.74 0.65 7.96
CA ARG A 39 9.04 1.43 9.17
C ARG A 39 9.93 2.61 8.82
N GLY A 40 10.93 2.35 7.99
CA GLY A 40 11.85 3.39 7.57
C GLY A 40 11.13 4.72 7.40
N ILE A 41 11.78 5.80 7.84
CA ILE A 41 11.19 7.12 7.70
C ILE A 41 11.05 7.45 6.22
N GLU A 42 12.03 7.02 5.44
CA GLU A 42 12.03 7.28 4.00
C GLU A 42 10.78 6.71 3.33
N CYS A 43 10.02 5.88 4.04
CA CYS A 43 8.82 5.29 3.48
C CYS A 43 7.67 6.29 3.46
N ASP A 44 7.06 6.48 2.27
CA ASP A 44 5.95 7.41 2.15
C ASP A 44 4.80 6.89 2.98
N ILE A 45 4.62 5.58 2.96
CA ILE A 45 3.57 4.95 3.74
C ILE A 45 4.22 4.28 4.94
N ARG A 46 4.57 5.10 5.92
CA ARG A 46 5.25 4.62 7.11
C ARG A 46 4.36 3.71 7.94
N ILE A 47 4.93 2.59 8.38
CA ILE A 47 4.19 1.62 9.18
C ILE A 47 4.93 1.36 10.49
N GLN A 48 4.21 1.43 11.60
CA GLN A 48 4.84 1.17 12.89
C GLN A 48 4.55 -0.26 13.35
N LEU A 49 5.33 -1.19 12.83
CA LEU A 49 5.17 -2.60 13.18
C LEU A 49 6.49 -3.35 12.95
N PRO A 50 7.13 -3.88 13.98
CA PRO A 50 8.43 -4.61 13.82
C PRO A 50 8.39 -5.71 12.76
N VAL A 51 7.26 -6.37 12.60
CA VAL A 51 7.13 -7.44 11.62
C VAL A 51 7.24 -6.92 10.19
N VAL A 52 6.87 -5.66 9.97
CA VAL A 52 6.95 -5.08 8.64
C VAL A 52 8.38 -4.66 8.32
N SER A 53 8.78 -4.83 7.06
CA SER A 53 10.14 -4.50 6.64
C SER A 53 10.29 -3.01 6.31
N LYS A 54 11.55 -2.56 6.19
CA LYS A 54 11.84 -1.15 5.88
C LYS A 54 11.28 -0.80 4.50
N GLN A 55 11.39 -1.75 3.58
CA GLN A 55 10.87 -1.57 2.23
C GLN A 55 9.99 -2.78 1.92
N HIS A 56 8.95 -2.96 2.73
CA HIS A 56 8.04 -4.10 2.62
C HIS A 56 7.33 -4.13 1.28
N CYS A 57 6.75 -3.00 0.89
CA CYS A 57 6.03 -2.91 -0.37
C CYS A 57 6.12 -1.51 -0.93
N LYS A 58 6.02 -1.41 -2.25
CA LYS A 58 6.12 -0.11 -2.89
C LYS A 58 5.07 0.03 -3.96
N ILE A 59 4.26 1.08 -3.86
CA ILE A 59 3.23 1.31 -4.83
C ILE A 59 3.59 2.49 -5.72
N GLU A 60 3.92 2.20 -6.97
CA GLU A 60 4.25 3.24 -7.93
C GLU A 60 2.96 3.78 -8.51
N ILE A 61 2.89 5.09 -8.71
CA ILE A 61 1.67 5.69 -9.22
C ILE A 61 1.84 6.20 -10.65
N HIS A 62 0.87 5.85 -11.48
CA HIS A 62 0.88 6.26 -12.88
C HIS A 62 -0.23 7.27 -13.14
N GLU A 63 -0.32 7.76 -14.38
CA GLU A 63 -1.33 8.74 -14.73
C GLU A 63 -2.64 8.46 -13.98
N GLN A 64 -3.10 7.21 -14.03
CA GLN A 64 -4.34 6.85 -13.35
C GLN A 64 -4.30 5.43 -12.80
N GLU A 65 -3.11 4.91 -12.53
CA GLU A 65 -2.99 3.54 -12.02
C GLU A 65 -1.91 3.42 -10.95
N ALA A 66 -2.15 2.52 -9.98
CA ALA A 66 -1.18 2.27 -8.92
C ALA A 66 -0.56 0.91 -9.13
N ILE A 67 0.77 0.85 -9.08
CA ILE A 67 1.46 -0.41 -9.33
C ILE A 67 2.30 -0.83 -8.12
N LEU A 68 2.04 -2.05 -7.62
CA LEU A 68 2.74 -2.58 -6.45
C LEU A 68 4.11 -3.14 -6.81
N HIS A 69 5.05 -2.98 -5.89
CA HIS A 69 6.40 -3.46 -6.08
C HIS A 69 6.91 -4.06 -4.76
N ASN A 70 6.46 -5.29 -4.49
CA ASN A 70 6.82 -6.00 -3.25
C ASN A 70 8.29 -6.40 -3.22
N PHE A 71 8.87 -6.30 -2.02
CA PHE A 71 10.27 -6.65 -1.83
C PHE A 71 10.41 -7.88 -0.92
N SER A 72 9.55 -7.96 0.10
CA SER A 72 9.63 -9.05 1.07
C SER A 72 9.41 -10.43 0.44
N SER A 73 10.27 -11.36 0.83
CA SER A 73 10.20 -12.73 0.33
C SER A 73 9.58 -13.65 1.39
N THR A 74 10.10 -13.58 2.62
CA THR A 74 9.59 -14.41 3.71
C THR A 74 8.16 -14.02 4.06
N ASN A 75 7.91 -12.71 4.09
CA ASN A 75 6.59 -12.20 4.39
C ASN A 75 6.15 -11.25 3.28
N PRO A 76 5.68 -11.78 2.17
CA PRO A 76 5.26 -10.95 1.01
C PRO A 76 3.91 -10.28 1.22
N THR A 77 3.78 -9.10 0.66
CA THR A 77 2.53 -8.37 0.76
C THR A 77 1.41 -9.18 0.11
N GLN A 78 0.16 -8.79 0.34
CA GLN A 78 -0.96 -9.55 -0.21
C GLN A 78 -2.02 -8.64 -0.83
N VAL A 79 -2.68 -9.15 -1.87
CA VAL A 79 -3.75 -8.40 -2.54
C VAL A 79 -5.02 -9.25 -2.61
N ASN A 80 -6.14 -8.69 -2.15
CA ASN A 80 -7.41 -9.40 -2.18
C ASN A 80 -7.26 -10.82 -1.61
N GLY A 81 -6.33 -10.96 -0.68
CA GLY A 81 -6.09 -12.26 -0.05
C GLY A 81 -5.20 -13.14 -0.92
N SER A 82 -4.60 -12.54 -1.94
CA SER A 82 -3.73 -13.27 -2.85
C SER A 82 -2.27 -12.88 -2.60
N VAL A 83 -1.41 -13.88 -2.43
CA VAL A 83 0.00 -13.60 -2.20
C VAL A 83 0.62 -12.95 -3.42
N ILE A 84 1.55 -12.06 -3.18
CA ILE A 84 2.21 -11.35 -4.25
C ILE A 84 3.63 -11.88 -4.49
N ASP A 85 3.77 -12.72 -5.51
CA ASP A 85 5.06 -13.28 -5.86
C ASP A 85 5.99 -12.21 -6.45
N GLU A 86 5.40 -11.26 -7.17
CA GLU A 86 6.18 -10.21 -7.81
C GLU A 86 5.31 -8.96 -8.01
N PRO A 87 5.89 -7.89 -8.47
CA PRO A 87 5.13 -6.64 -8.71
C PRO A 87 3.91 -6.92 -9.58
N VAL A 88 2.77 -6.41 -9.18
CA VAL A 88 1.54 -6.65 -9.93
C VAL A 88 0.73 -5.38 -10.12
N ARG A 89 -0.17 -5.41 -11.11
CA ARG A 89 -1.01 -4.26 -11.38
C ARG A 89 -2.17 -4.23 -10.41
N LEU A 90 -2.55 -3.04 -9.98
CA LEU A 90 -3.63 -2.90 -9.03
C LEU A 90 -4.87 -2.31 -9.70
N LYS A 91 -6.03 -2.79 -9.28
CA LYS A 91 -7.28 -2.28 -9.82
C LYS A 91 -7.96 -1.38 -8.80
N HIS A 92 -8.93 -0.60 -9.24
CA HIS A 92 -9.63 0.28 -8.34
C HIS A 92 -10.43 -0.50 -7.30
N GLY A 93 -10.35 -0.09 -6.04
CA GLY A 93 -11.08 -0.77 -4.98
C GLY A 93 -10.28 -1.95 -4.44
N ASP A 94 -9.12 -2.20 -5.04
CA ASP A 94 -8.27 -3.30 -4.61
C ASP A 94 -7.76 -3.07 -3.19
N VAL A 95 -7.56 -4.17 -2.46
CA VAL A 95 -7.08 -4.07 -1.09
C VAL A 95 -5.72 -4.74 -0.95
N ILE A 96 -4.78 -4.05 -0.35
CA ILE A 96 -3.45 -4.59 -0.14
C ILE A 96 -3.26 -4.91 1.33
N THR A 97 -2.73 -6.09 1.63
CA THR A 97 -2.54 -6.49 3.01
C THR A 97 -1.15 -7.01 3.30
N ILE A 98 -0.50 -6.36 4.25
CA ILE A 98 0.84 -6.74 4.69
C ILE A 98 0.69 -7.83 5.78
N ILE A 99 1.66 -7.98 6.69
CA ILE A 99 1.57 -9.03 7.71
C ILE A 99 0.38 -8.83 8.64
N ASP A 100 0.15 -7.60 9.08
CA ASP A 100 -0.96 -7.31 9.98
C ASP A 100 -1.58 -5.95 9.68
N ARG A 101 -1.30 -5.43 8.50
CA ARG A 101 -1.83 -4.12 8.12
C ARG A 101 -2.50 -4.18 6.74
N SER A 102 -3.57 -3.41 6.57
CA SER A 102 -4.29 -3.41 5.30
C SER A 102 -4.43 -1.99 4.73
N PHE A 103 -4.26 -1.89 3.41
CA PHE A 103 -4.38 -0.60 2.73
C PHE A 103 -5.43 -0.67 1.62
N ARG A 104 -6.04 0.46 1.36
CA ARG A 104 -7.07 0.54 0.32
C ARG A 104 -6.62 1.46 -0.81
N TYR A 105 -6.82 1.02 -2.05
CA TYR A 105 -6.44 1.83 -3.20
C TYR A 105 -7.69 2.19 -4.01
N GLU A 106 -8.12 3.44 -3.89
CA GLU A 106 -9.34 3.87 -4.59
C GLU A 106 -9.08 5.07 -5.48
N ASN A 107 -9.58 4.99 -6.72
CA ASN A 107 -9.45 6.06 -7.68
C ASN A 107 -10.82 6.62 -8.02
N GLU A 108 -11.15 7.79 -7.47
CA GLU A 108 -12.46 8.39 -7.70
C GLU A 108 -12.46 9.27 -8.95
N MET A 9 -15.38 12.36 -6.43
CA MET A 9 -15.94 13.55 -7.13
C MET A 9 -14.85 14.58 -7.39
N TRP A 10 -14.39 15.25 -6.33
CA TRP A 10 -13.35 16.26 -6.47
C TRP A 10 -11.98 15.70 -6.07
N PRO A 11 -11.93 14.95 -5.01
CA PRO A 11 -10.66 14.34 -4.50
C PRO A 11 -9.98 13.45 -5.53
N THR A 12 -8.66 13.49 -5.54
CA THR A 12 -7.90 12.68 -6.48
C THR A 12 -7.56 11.31 -5.87
N ARG A 13 -6.47 10.73 -6.34
CA ARG A 13 -6.04 9.42 -5.86
C ARG A 13 -5.59 9.50 -4.40
N ARG A 14 -5.98 8.51 -3.60
CA ARG A 14 -5.63 8.51 -2.18
C ARG A 14 -5.62 7.08 -1.59
N LEU A 15 -4.83 6.89 -0.53
CA LEU A 15 -4.76 5.59 0.13
C LEU A 15 -5.45 5.67 1.49
N VAL A 16 -6.32 4.69 1.77
CA VAL A 16 -7.03 4.67 3.05
C VAL A 16 -6.60 3.46 3.85
N THR A 17 -6.26 3.68 5.12
CA THR A 17 -5.80 2.59 5.97
C THR A 17 -6.91 2.11 6.91
N ILE A 18 -7.24 0.82 6.81
CA ILE A 18 -8.27 0.23 7.66
C ILE A 18 -7.68 -0.07 9.03
N LYS A 19 -8.41 0.34 10.08
CA LYS A 19 -7.94 0.10 11.45
C LYS A 19 -7.85 -1.40 11.76
N ARG A 20 -9.00 -2.02 11.99
CA ARG A 20 -9.04 -3.45 12.31
C ARG A 20 -10.49 -3.92 12.45
N SER A 21 -11.37 -2.98 12.81
CA SER A 21 -12.78 -3.29 13.00
C SER A 21 -13.52 -3.45 11.66
N GLY A 22 -12.82 -3.21 10.55
CA GLY A 22 -13.45 -3.33 9.24
C GLY A 22 -14.19 -2.04 8.87
N VAL A 23 -13.68 -0.90 9.34
CA VAL A 23 -14.31 0.39 9.08
C VAL A 23 -13.29 1.40 8.55
N ASP A 24 -13.81 2.47 7.96
CA ASP A 24 -12.96 3.50 7.40
C ASP A 24 -12.22 4.24 8.49
N GLY A 25 -10.95 4.53 8.24
CA GLY A 25 -10.13 5.23 9.23
C GLY A 25 -9.42 6.42 8.59
N PRO A 26 -8.31 6.84 9.15
CA PRO A 26 -7.54 8.00 8.60
C PRO A 26 -7.08 7.72 7.18
N HIS A 27 -6.99 8.77 6.36
CA HIS A 27 -6.57 8.60 4.98
C HIS A 27 -5.12 9.03 4.79
N PHE A 28 -4.55 8.70 3.63
CA PHE A 28 -3.18 9.06 3.32
C PHE A 28 -3.04 9.57 1.87
N PRO A 29 -2.81 10.84 1.66
CA PRO A 29 -2.66 11.39 0.28
C PRO A 29 -1.33 11.00 -0.35
N LEU A 30 -1.30 10.92 -1.67
CA LEU A 30 -0.08 10.54 -2.35
C LEU A 30 0.81 11.75 -2.62
N SER A 31 1.58 12.17 -1.62
CA SER A 31 2.47 13.31 -1.78
C SER A 31 3.52 13.04 -2.85
N LEU A 32 4.05 11.81 -2.85
CA LEU A 32 5.07 11.42 -3.81
C LEU A 32 4.47 10.48 -4.84
N SER A 33 4.95 10.57 -6.07
CA SER A 33 4.43 9.73 -7.13
C SER A 33 4.56 8.26 -6.72
N THR A 34 5.49 7.96 -5.82
CA THR A 34 5.67 6.58 -5.37
C THR A 34 5.25 6.42 -3.91
N CYS A 35 4.40 5.44 -3.65
CA CYS A 35 3.94 5.16 -2.30
C CYS A 35 4.67 3.92 -1.75
N LEU A 36 5.46 4.10 -0.70
CA LEU A 36 6.21 2.97 -0.14
C LEU A 36 5.79 2.66 1.29
N PHE A 37 5.81 1.37 1.63
CA PHE A 37 5.42 0.92 2.97
C PHE A 37 6.66 0.47 3.74
N GLY A 38 6.62 0.63 5.06
CA GLY A 38 7.74 0.19 5.88
C GLY A 38 8.07 1.15 7.02
N ARG A 39 8.85 0.67 7.97
CA ARG A 39 9.27 1.46 9.13
C ARG A 39 10.17 2.60 8.70
N GLY A 40 11.02 2.34 7.73
CA GLY A 40 11.95 3.36 7.25
C GLY A 40 11.20 4.68 7.00
N ILE A 41 11.91 5.78 7.23
CA ILE A 41 11.33 7.10 7.03
C ILE A 41 11.00 7.30 5.55
N GLU A 42 11.78 6.64 4.70
CA GLU A 42 11.55 6.73 3.27
C GLU A 42 10.14 6.26 2.91
N CYS A 43 9.55 5.48 3.81
CA CYS A 43 8.21 4.95 3.58
C CYS A 43 7.15 6.03 3.63
N ASP A 44 6.47 6.21 2.51
CA ASP A 44 5.37 7.17 2.45
C ASP A 44 4.31 6.69 3.41
N ILE A 45 4.17 5.37 3.46
CA ILE A 45 3.20 4.76 4.35
C ILE A 45 3.95 4.12 5.51
N ARG A 46 4.38 4.95 6.46
CA ARG A 46 5.14 4.48 7.61
C ARG A 46 4.29 3.54 8.46
N ILE A 47 4.86 2.37 8.76
CA ILE A 47 4.17 1.36 9.58
C ILE A 47 5.00 1.05 10.83
N GLN A 48 4.39 1.21 12.00
CA GLN A 48 5.10 0.94 13.24
C GLN A 48 4.96 -0.53 13.64
N LEU A 49 5.75 -1.39 13.02
CA LEU A 49 5.71 -2.81 13.33
C LEU A 49 7.06 -3.47 12.99
N PRO A 50 7.81 -3.95 13.98
CA PRO A 50 9.13 -4.59 13.71
C PRO A 50 9.06 -5.71 12.68
N VAL A 51 7.93 -6.41 12.65
CA VAL A 51 7.75 -7.51 11.72
C VAL A 51 7.80 -7.06 10.26
N VAL A 52 7.15 -5.96 9.94
CA VAL A 52 7.19 -5.46 8.56
C VAL A 52 8.59 -4.99 8.24
N SER A 53 8.88 -4.79 6.97
CA SER A 53 10.22 -4.34 6.59
C SER A 53 10.24 -2.86 6.27
N LYS A 54 11.44 -2.27 6.34
CA LYS A 54 11.61 -0.85 6.04
C LYS A 54 11.23 -0.60 4.59
N GLN A 55 11.59 -1.55 3.75
CA GLN A 55 11.26 -1.50 2.32
C GLN A 55 10.46 -2.75 2.00
N HIS A 56 9.28 -2.84 2.61
CA HIS A 56 8.42 -4.02 2.45
C HIS A 56 7.85 -4.14 1.05
N CYS A 57 7.24 -3.07 0.56
CA CYS A 57 6.63 -3.05 -0.75
C CYS A 57 6.23 -1.62 -1.08
N LYS A 58 5.83 -1.35 -2.31
CA LYS A 58 5.44 0.01 -2.65
C LYS A 58 4.46 0.04 -3.79
N ILE A 59 3.71 1.13 -3.85
CA ILE A 59 2.73 1.33 -4.91
C ILE A 59 3.11 2.54 -5.75
N GLU A 60 3.50 2.28 -6.99
CA GLU A 60 3.89 3.35 -7.90
C GLU A 60 2.65 3.91 -8.59
N ILE A 61 2.69 5.18 -8.96
CA ILE A 61 1.56 5.78 -9.62
C ILE A 61 1.87 6.02 -11.10
N HIS A 62 0.98 5.55 -11.95
CA HIS A 62 1.17 5.72 -13.38
C HIS A 62 0.26 6.83 -13.91
N GLU A 63 0.31 7.06 -15.21
CA GLU A 63 -0.50 8.08 -15.84
C GLU A 63 -1.88 8.10 -15.21
N GLN A 64 -2.51 6.93 -15.14
CA GLN A 64 -3.84 6.83 -14.55
C GLN A 64 -4.02 5.50 -13.84
N GLU A 65 -2.94 4.98 -13.24
CA GLU A 65 -3.04 3.69 -12.55
C GLU A 65 -1.96 3.54 -11.47
N ALA A 66 -2.26 2.72 -10.46
CA ALA A 66 -1.29 2.44 -9.39
C ALA A 66 -0.72 1.04 -9.57
N ILE A 67 0.58 0.91 -9.38
CA ILE A 67 1.22 -0.39 -9.56
C ILE A 67 2.08 -0.75 -8.35
N LEU A 68 2.01 -2.00 -7.92
CA LEU A 68 2.75 -2.44 -6.74
C LEU A 68 4.05 -3.16 -7.09
N HIS A 69 5.10 -2.87 -6.30
CA HIS A 69 6.41 -3.47 -6.49
C HIS A 69 6.95 -4.01 -5.17
N ASN A 70 6.44 -5.19 -4.81
CA ASN A 70 6.80 -5.85 -3.57
C ASN A 70 8.30 -6.15 -3.49
N PHE A 71 8.87 -5.88 -2.33
CA PHE A 71 10.28 -6.13 -2.10
C PHE A 71 10.46 -7.39 -1.27
N SER A 72 9.51 -7.62 -0.36
CA SER A 72 9.57 -8.77 0.54
C SER A 72 9.44 -10.09 -0.20
N SER A 73 10.05 -11.12 0.39
CA SER A 73 10.01 -12.47 -0.17
C SER A 73 9.43 -13.43 0.86
N THR A 74 10.03 -13.46 2.05
CA THR A 74 9.55 -14.33 3.11
C THR A 74 8.15 -13.90 3.52
N ASN A 75 8.00 -12.60 3.73
CA ASN A 75 6.70 -12.06 4.10
C ASN A 75 6.20 -11.14 3.00
N PRO A 76 5.67 -11.67 1.93
CA PRO A 76 5.17 -10.85 0.81
C PRO A 76 3.86 -10.16 1.15
N THR A 77 3.69 -8.98 0.59
CA THR A 77 2.47 -8.23 0.81
C THR A 77 1.34 -8.99 0.12
N GLN A 78 0.09 -8.64 0.42
CA GLN A 78 -1.04 -9.37 -0.16
C GLN A 78 -2.08 -8.45 -0.79
N VAL A 79 -2.79 -8.99 -1.78
CA VAL A 79 -3.82 -8.23 -2.49
C VAL A 79 -5.15 -8.99 -2.48
N ASN A 80 -6.21 -8.31 -2.12
CA ASN A 80 -7.53 -8.92 -2.09
C ASN A 80 -7.46 -10.30 -1.42
N GLY A 81 -6.53 -10.46 -0.49
CA GLY A 81 -6.38 -11.71 0.23
C GLY A 81 -5.44 -12.68 -0.49
N SER A 82 -4.88 -12.26 -1.62
CA SER A 82 -3.98 -13.14 -2.38
C SER A 82 -2.52 -12.77 -2.11
N VAL A 83 -1.60 -13.72 -2.34
CA VAL A 83 -0.20 -13.44 -2.10
C VAL A 83 0.44 -12.76 -3.30
N ILE A 84 1.44 -11.96 -3.03
CA ILE A 84 2.12 -11.22 -4.08
C ILE A 84 3.57 -11.69 -4.22
N ASP A 85 3.78 -12.68 -5.08
CA ASP A 85 5.13 -13.21 -5.32
C ASP A 85 6.01 -12.16 -5.98
N GLU A 86 5.44 -11.44 -6.95
CA GLU A 86 6.18 -10.42 -7.67
C GLU A 86 5.27 -9.23 -7.93
N PRO A 87 5.78 -8.17 -8.48
CA PRO A 87 4.96 -6.95 -8.76
C PRO A 87 3.74 -7.31 -9.60
N VAL A 88 2.61 -6.69 -9.28
CA VAL A 88 1.37 -6.96 -10.00
C VAL A 88 0.59 -5.68 -10.26
N ARG A 89 -0.28 -5.72 -11.26
CA ARG A 89 -1.11 -4.54 -11.58
C ARG A 89 -2.23 -4.40 -10.56
N LEU A 90 -2.49 -3.18 -10.13
CA LEU A 90 -3.54 -2.97 -9.13
C LEU A 90 -4.83 -2.41 -9.73
N LYS A 91 -5.94 -3.09 -9.46
CA LYS A 91 -7.25 -2.66 -9.93
C LYS A 91 -7.86 -1.68 -8.93
N HIS A 92 -8.72 -0.79 -9.41
CA HIS A 92 -9.35 0.20 -8.52
C HIS A 92 -10.24 -0.48 -7.49
N GLY A 93 -10.09 -0.07 -6.24
CA GLY A 93 -10.87 -0.65 -5.16
C GLY A 93 -10.14 -1.81 -4.51
N ASP A 94 -8.90 -2.05 -4.93
CA ASP A 94 -8.10 -3.14 -4.38
C ASP A 94 -7.71 -2.89 -2.93
N VAL A 95 -7.47 -3.97 -2.20
CA VAL A 95 -7.08 -3.89 -0.80
C VAL A 95 -5.69 -4.49 -0.63
N ILE A 96 -4.84 -3.79 0.10
CA ILE A 96 -3.48 -4.27 0.32
C ILE A 96 -3.31 -4.67 1.78
N THR A 97 -2.72 -5.83 1.99
CA THR A 97 -2.49 -6.34 3.34
C THR A 97 -1.04 -6.79 3.53
N ILE A 98 -0.45 -6.35 4.63
CA ILE A 98 0.93 -6.71 4.93
C ILE A 98 0.92 -7.71 6.10
N ILE A 99 1.90 -7.63 7.01
CA ILE A 99 1.96 -8.58 8.13
C ILE A 99 0.75 -8.50 9.06
N ASP A 100 0.35 -7.28 9.42
CA ASP A 100 -0.79 -7.10 10.33
C ASP A 100 -1.51 -5.78 10.07
N ARG A 101 -1.23 -5.18 8.91
CA ARG A 101 -1.86 -3.91 8.56
C ARG A 101 -2.41 -3.96 7.15
N SER A 102 -3.47 -3.20 6.90
CA SER A 102 -4.09 -3.19 5.59
C SER A 102 -4.26 -1.78 5.05
N PHE A 103 -4.12 -1.66 3.74
CA PHE A 103 -4.26 -0.38 3.07
C PHE A 103 -5.14 -0.53 1.84
N ARG A 104 -5.86 0.53 1.51
CA ARG A 104 -6.75 0.48 0.36
C ARG A 104 -6.25 1.44 -0.72
N TYR A 105 -6.40 1.02 -1.97
CA TYR A 105 -5.97 1.84 -3.10
C TYR A 105 -7.19 2.24 -3.93
N GLU A 106 -7.54 3.53 -3.86
CA GLU A 106 -8.69 4.04 -4.60
C GLU A 106 -8.30 5.16 -5.53
N ASN A 107 -8.75 5.07 -6.77
CA ASN A 107 -8.46 6.10 -7.75
C ASN A 107 -9.74 6.62 -8.40
N GLU A 108 -9.75 7.92 -8.67
CA GLU A 108 -10.91 8.55 -9.29
C GLU A 108 -10.54 9.16 -10.63
N MET A 9 -3.26 20.44 -6.24
CA MET A 9 -3.98 21.17 -5.16
C MET A 9 -5.26 20.42 -4.81
N TRP A 10 -5.61 19.45 -5.65
CA TRP A 10 -6.83 18.67 -5.42
C TRP A 10 -6.72 17.30 -6.08
N PRO A 11 -5.99 16.40 -5.48
CA PRO A 11 -5.78 15.01 -6.02
C PRO A 11 -7.08 14.24 -6.12
N THR A 12 -7.16 13.35 -7.11
CA THR A 12 -8.36 12.55 -7.32
C THR A 12 -8.16 11.13 -6.80
N ARG A 13 -7.06 10.92 -6.09
CA ARG A 13 -6.75 9.61 -5.54
C ARG A 13 -6.53 9.70 -4.03
N ARG A 14 -6.93 8.66 -3.30
CA ARG A 14 -6.75 8.65 -1.86
C ARG A 14 -6.46 7.24 -1.36
N LEU A 15 -5.62 7.15 -0.34
CA LEU A 15 -5.26 5.86 0.22
C LEU A 15 -5.71 5.81 1.67
N VAL A 16 -6.38 4.73 2.06
CA VAL A 16 -6.87 4.60 3.43
C VAL A 16 -6.39 3.32 4.07
N THR A 17 -5.94 3.42 5.31
CA THR A 17 -5.44 2.25 6.02
C THR A 17 -6.51 1.69 6.94
N ILE A 18 -6.98 0.49 6.62
CA ILE A 18 -8.01 -0.16 7.42
C ILE A 18 -7.42 -0.73 8.71
N LYS A 19 -8.06 -0.41 9.83
CA LYS A 19 -7.60 -0.90 11.12
C LYS A 19 -8.15 -2.30 11.38
N ARG A 20 -7.50 -3.03 12.28
CA ARG A 20 -7.92 -4.38 12.60
C ARG A 20 -9.36 -4.40 13.13
N SER A 21 -9.74 -3.34 13.83
CA SER A 21 -11.08 -3.25 14.37
C SER A 21 -12.13 -3.31 13.25
N GLY A 22 -11.70 -3.01 12.03
CA GLY A 22 -12.60 -3.05 10.89
C GLY A 22 -13.33 -1.72 10.66
N VAL A 23 -12.69 -0.61 10.98
CA VAL A 23 -13.31 0.69 10.79
C VAL A 23 -12.37 1.63 10.06
N ASP A 24 -12.93 2.69 9.49
CA ASP A 24 -12.13 3.66 8.75
C ASP A 24 -11.16 4.38 9.68
N GLY A 25 -9.97 4.64 9.17
CA GLY A 25 -8.94 5.32 9.96
C GLY A 25 -8.31 6.46 9.16
N PRO A 26 -7.12 6.87 9.53
CA PRO A 26 -6.38 7.96 8.84
C PRO A 26 -6.14 7.63 7.37
N HIS A 27 -6.11 8.66 6.54
CA HIS A 27 -5.90 8.47 5.11
C HIS A 27 -4.54 9.00 4.69
N PHE A 28 -4.11 8.60 3.50
CA PHE A 28 -2.82 9.03 3.01
C PHE A 28 -2.92 9.49 1.56
N PRO A 29 -3.13 10.76 1.32
CA PRO A 29 -3.23 11.30 -0.06
C PRO A 29 -1.93 11.02 -0.83
N LEU A 30 -2.05 10.72 -2.11
CA LEU A 30 -0.85 10.42 -2.90
C LEU A 30 -0.14 11.70 -3.31
N SER A 31 0.69 12.21 -2.39
CA SER A 31 1.44 13.44 -2.65
C SER A 31 2.79 13.13 -3.30
N LEU A 32 3.16 11.86 -3.31
CA LEU A 32 4.43 11.44 -3.90
C LEU A 32 4.19 10.63 -5.18
N SER A 33 5.13 10.70 -6.12
CA SER A 33 4.98 9.97 -7.38
C SER A 33 4.91 8.47 -7.11
N THR A 34 5.64 7.99 -6.12
CA THR A 34 5.62 6.57 -5.80
C THR A 34 5.42 6.36 -4.31
N CYS A 35 4.59 5.39 -3.94
CA CYS A 35 4.34 5.13 -2.52
C CYS A 35 5.21 3.97 -2.03
N LEU A 36 5.95 4.22 -0.95
CA LEU A 36 6.84 3.19 -0.38
C LEU A 36 6.40 2.84 1.04
N PHE A 37 6.34 1.54 1.31
CA PHE A 37 5.91 1.04 2.60
C PHE A 37 7.10 0.48 3.38
N GLY A 38 7.06 0.59 4.71
CA GLY A 38 8.15 0.06 5.52
C GLY A 38 8.27 0.77 6.86
N ARG A 39 9.05 0.16 7.75
CA ARG A 39 9.27 0.72 9.08
C ARG A 39 10.04 2.03 9.00
N GLY A 40 11.00 2.07 8.07
CA GLY A 40 11.84 3.25 7.89
C GLY A 40 11.03 4.46 7.45
N ILE A 41 11.51 5.63 7.85
CA ILE A 41 10.86 6.90 7.50
C ILE A 41 10.97 7.12 6.00
N GLU A 42 12.07 6.64 5.43
CA GLU A 42 12.32 6.76 4.00
C GLU A 42 11.09 6.32 3.20
N CYS A 43 10.18 5.63 3.87
CA CYS A 43 8.97 5.15 3.21
C CYS A 43 7.86 6.20 3.29
N ASP A 44 7.20 6.42 2.16
CA ASP A 44 6.10 7.39 2.12
C ASP A 44 5.01 6.92 3.05
N ILE A 45 4.84 5.61 3.09
CA ILE A 45 3.83 5.02 3.96
C ILE A 45 4.53 4.36 5.13
N ARG A 46 4.75 5.14 6.20
CA ARG A 46 5.45 4.63 7.37
C ARG A 46 4.57 3.66 8.15
N ILE A 47 5.10 2.47 8.41
CA ILE A 47 4.37 1.48 9.17
C ILE A 47 5.12 1.15 10.46
N GLN A 48 4.47 1.32 11.60
CA GLN A 48 5.12 1.05 12.87
C GLN A 48 4.81 -0.36 13.35
N LEU A 49 5.54 -1.34 12.82
CA LEU A 49 5.37 -2.74 13.19
C LEU A 49 6.66 -3.52 12.95
N PRO A 50 7.32 -4.02 13.97
CA PRO A 50 8.58 -4.81 13.79
C PRO A 50 8.44 -5.95 12.78
N VAL A 51 7.24 -6.54 12.72
CA VAL A 51 7.00 -7.66 11.81
C VAL A 51 7.14 -7.26 10.34
N VAL A 52 6.68 -6.06 9.98
CA VAL A 52 6.79 -5.61 8.58
C VAL A 52 8.26 -5.41 8.24
N SER A 53 8.57 -5.31 6.94
CA SER A 53 9.96 -5.14 6.52
C SER A 53 10.32 -3.65 6.32
N LYS A 54 11.62 -3.37 6.24
CA LYS A 54 12.10 -2.00 6.03
C LYS A 54 11.58 -1.47 4.72
N GLN A 55 11.55 -2.33 3.72
CA GLN A 55 11.04 -1.99 2.40
C GLN A 55 10.10 -3.10 1.99
N HIS A 56 9.01 -3.20 2.73
CA HIS A 56 8.01 -4.25 2.53
C HIS A 56 7.39 -4.21 1.14
N CYS A 57 6.84 -3.06 0.75
CA CYS A 57 6.22 -2.96 -0.55
C CYS A 57 6.24 -1.53 -1.05
N LYS A 58 6.01 -1.38 -2.34
CA LYS A 58 6.02 -0.06 -2.95
C LYS A 58 4.94 0.06 -4.00
N ILE A 59 4.20 1.14 -3.93
CA ILE A 59 3.15 1.37 -4.88
C ILE A 59 3.54 2.48 -5.84
N GLU A 60 3.80 2.10 -7.08
CA GLU A 60 4.18 3.08 -8.09
C GLU A 60 2.93 3.67 -8.72
N ILE A 61 2.99 4.96 -9.02
CA ILE A 61 1.85 5.64 -9.60
C ILE A 61 2.10 5.99 -11.06
N HIS A 62 1.14 5.63 -11.88
CA HIS A 62 1.23 5.90 -13.31
C HIS A 62 0.15 6.89 -13.71
N GLU A 63 0.25 7.40 -14.93
CA GLU A 63 -0.69 8.39 -15.44
C GLU A 63 -2.13 8.10 -15.02
N GLN A 64 -2.55 6.84 -15.04
CA GLN A 64 -3.93 6.52 -14.66
C GLN A 64 -4.03 5.25 -13.82
N GLU A 65 -2.91 4.70 -13.38
CA GLU A 65 -2.96 3.47 -12.58
C GLU A 65 -1.86 3.43 -11.52
N ALA A 66 -2.16 2.72 -10.43
CA ALA A 66 -1.19 2.54 -9.35
C ALA A 66 -0.64 1.12 -9.47
N ILE A 67 0.65 0.93 -9.23
CA ILE A 67 1.24 -0.39 -9.38
C ILE A 67 2.05 -0.80 -8.15
N LEU A 68 1.79 -2.01 -7.65
CA LEU A 68 2.50 -2.53 -6.48
C LEU A 68 3.90 -3.03 -6.84
N HIS A 69 4.81 -2.90 -5.89
CA HIS A 69 6.19 -3.34 -6.09
C HIS A 69 6.69 -3.97 -4.80
N ASN A 70 6.26 -5.22 -4.58
CA ASN A 70 6.61 -5.97 -3.38
C ASN A 70 8.05 -6.51 -3.41
N PHE A 71 8.77 -6.30 -2.31
CA PHE A 71 10.15 -6.77 -2.22
C PHE A 71 10.29 -7.84 -1.14
N SER A 72 9.32 -7.90 -0.23
CA SER A 72 9.39 -8.86 0.87
C SER A 72 9.33 -10.30 0.36
N SER A 73 10.24 -11.13 0.87
CA SER A 73 10.30 -12.53 0.48
C SER A 73 9.60 -13.38 1.53
N THR A 74 10.12 -13.34 2.76
CA THR A 74 9.54 -14.11 3.85
C THR A 74 8.13 -13.64 4.16
N ASN A 75 7.96 -12.32 4.23
CA ASN A 75 6.66 -11.74 4.51
C ASN A 75 6.12 -11.02 3.26
N PRO A 76 5.60 -11.73 2.30
CA PRO A 76 5.06 -11.11 1.06
C PRO A 76 3.79 -10.31 1.29
N THR A 77 3.59 -9.30 0.46
CA THR A 77 2.41 -8.47 0.56
C THR A 77 1.20 -9.31 0.14
N GLN A 78 0.00 -8.84 0.42
CA GLN A 78 -1.20 -9.60 0.08
C GLN A 78 -2.30 -8.72 -0.51
N VAL A 79 -2.83 -9.13 -1.65
CA VAL A 79 -3.91 -8.39 -2.30
C VAL A 79 -5.11 -9.28 -2.55
N ASN A 80 -6.29 -8.79 -2.18
CA ASN A 80 -7.50 -9.57 -2.38
C ASN A 80 -7.34 -10.97 -1.80
N GLY A 81 -6.51 -11.08 -0.76
CA GLY A 81 -6.29 -12.36 -0.11
C GLY A 81 -5.27 -13.23 -0.85
N SER A 82 -4.43 -12.62 -1.68
CA SER A 82 -3.42 -13.39 -2.42
C SER A 82 -2.04 -12.81 -2.20
N VAL A 83 -1.09 -13.67 -1.83
CA VAL A 83 0.27 -13.23 -1.57
C VAL A 83 0.95 -12.81 -2.86
N ILE A 84 1.72 -11.73 -2.77
CA ILE A 84 2.43 -11.21 -3.91
C ILE A 84 3.93 -11.19 -3.66
N ASP A 85 4.68 -11.92 -4.49
CA ASP A 85 6.13 -11.98 -4.35
C ASP A 85 6.80 -11.00 -5.31
N GLU A 86 6.02 -10.48 -6.26
CA GLU A 86 6.56 -9.54 -7.24
C GLU A 86 5.55 -8.43 -7.56
N PRO A 87 5.95 -7.44 -8.32
CA PRO A 87 5.04 -6.30 -8.68
C PRO A 87 3.80 -6.75 -9.44
N VAL A 88 2.67 -6.12 -9.17
CA VAL A 88 1.42 -6.46 -9.84
C VAL A 88 0.61 -5.20 -10.18
N ARG A 89 -0.33 -5.35 -11.10
CA ARG A 89 -1.19 -4.23 -11.48
C ARG A 89 -2.33 -4.09 -10.48
N LEU A 90 -2.64 -2.85 -10.12
CA LEU A 90 -3.71 -2.61 -9.16
C LEU A 90 -4.99 -2.17 -9.86
N LYS A 91 -6.11 -2.57 -9.30
CA LYS A 91 -7.41 -2.21 -9.86
C LYS A 91 -8.14 -1.34 -8.84
N HIS A 92 -9.09 -0.53 -9.32
CA HIS A 92 -9.81 0.34 -8.42
C HIS A 92 -10.62 -0.48 -7.42
N GLY A 93 -10.45 -0.15 -6.14
CA GLY A 93 -11.15 -0.87 -5.08
C GLY A 93 -10.28 -2.02 -4.56
N ASP A 94 -9.13 -2.22 -5.20
CA ASP A 94 -8.21 -3.28 -4.80
C ASP A 94 -7.64 -2.98 -3.42
N VAL A 95 -7.55 -4.00 -2.58
CA VAL A 95 -7.03 -3.82 -1.22
C VAL A 95 -5.69 -4.52 -1.06
N ILE A 96 -4.71 -3.79 -0.52
CA ILE A 96 -3.38 -4.32 -0.28
C ILE A 96 -3.24 -4.64 1.20
N THR A 97 -2.73 -5.83 1.49
CA THR A 97 -2.57 -6.24 2.88
C THR A 97 -1.17 -6.72 3.18
N ILE A 98 -0.63 -6.20 4.28
CA ILE A 98 0.71 -6.57 4.73
C ILE A 98 0.56 -7.53 5.92
N ILE A 99 1.58 -7.68 6.75
CA ILE A 99 1.50 -8.62 7.87
C ILE A 99 0.39 -8.26 8.86
N ASP A 100 0.29 -6.99 9.24
CA ASP A 100 -0.74 -6.59 10.21
C ASP A 100 -1.45 -5.30 9.82
N ARG A 101 -1.23 -4.81 8.61
CA ARG A 101 -1.88 -3.58 8.18
C ARG A 101 -2.46 -3.74 6.77
N SER A 102 -3.53 -3.00 6.50
CA SER A 102 -4.17 -3.06 5.19
C SER A 102 -4.35 -1.66 4.61
N PHE A 103 -4.26 -1.56 3.30
CA PHE A 103 -4.40 -0.28 2.62
C PHE A 103 -5.43 -0.36 1.50
N ARG A 104 -6.15 0.73 1.31
CA ARG A 104 -7.17 0.78 0.26
C ARG A 104 -6.73 1.70 -0.86
N TYR A 105 -6.72 1.18 -2.08
CA TYR A 105 -6.34 1.98 -3.24
C TYR A 105 -7.59 2.32 -4.03
N GLU A 106 -8.12 3.53 -3.79
CA GLU A 106 -9.34 3.95 -4.48
C GLU A 106 -9.15 5.23 -5.27
N ASN A 107 -9.53 5.18 -6.53
CA ASN A 107 -9.44 6.35 -7.39
C ASN A 107 -10.81 7.01 -7.50
N GLU A 108 -10.83 8.34 -7.49
CA GLU A 108 -12.10 9.08 -7.59
C GLU A 108 -12.27 9.68 -8.97
N MET A 9 -12.62 18.28 -12.80
CA MET A 9 -11.20 18.43 -12.35
C MET A 9 -10.37 17.27 -12.91
N TRP A 10 -9.08 17.27 -12.63
CA TRP A 10 -8.20 16.22 -13.13
C TRP A 10 -8.31 14.95 -12.25
N PRO A 11 -7.73 13.84 -12.68
CA PRO A 11 -7.79 12.58 -11.88
C PRO A 11 -7.24 12.74 -10.48
N THR A 12 -7.87 12.07 -9.51
CA THR A 12 -7.43 12.13 -8.13
C THR A 12 -7.30 10.73 -7.56
N ARG A 13 -6.15 10.43 -6.98
CA ARG A 13 -5.93 9.12 -6.40
C ARG A 13 -5.62 9.25 -4.91
N ARG A 14 -6.35 8.51 -4.08
CA ARG A 14 -6.15 8.57 -2.64
C ARG A 14 -6.04 7.17 -2.05
N LEU A 15 -5.22 7.05 -1.02
CA LEU A 15 -5.02 5.77 -0.37
C LEU A 15 -5.65 5.82 1.03
N VAL A 16 -6.42 4.80 1.36
CA VAL A 16 -7.08 4.73 2.66
C VAL A 16 -6.60 3.51 3.43
N THR A 17 -6.24 3.73 4.69
CA THR A 17 -5.76 2.64 5.53
C THR A 17 -6.78 2.24 6.59
N ILE A 18 -7.17 0.97 6.57
CA ILE A 18 -8.12 0.44 7.53
C ILE A 18 -7.40 0.18 8.86
N LYS A 19 -7.97 0.68 9.96
CA LYS A 19 -7.35 0.49 11.26
C LYS A 19 -8.12 -0.55 12.08
N ARG A 20 -8.14 -0.38 13.40
CA ARG A 20 -8.86 -1.32 14.27
C ARG A 20 -10.36 -1.16 14.09
N SER A 21 -11.09 -2.25 14.31
CA SER A 21 -12.54 -2.25 14.15
C SER A 21 -12.89 -1.93 12.70
N GLY A 22 -13.96 -2.52 12.20
CA GLY A 22 -14.36 -2.29 10.82
C GLY A 22 -14.75 -0.83 10.59
N VAL A 23 -13.88 0.09 11.00
CA VAL A 23 -14.16 1.50 10.83
C VAL A 23 -13.07 2.18 10.00
N ASP A 24 -13.43 3.28 9.35
CA ASP A 24 -12.50 4.00 8.51
C ASP A 24 -11.36 4.59 9.33
N GLY A 25 -10.18 4.54 8.76
CA GLY A 25 -8.98 5.06 9.41
C GLY A 25 -8.51 6.33 8.70
N PRO A 26 -7.28 6.72 8.94
CA PRO A 26 -6.69 7.94 8.29
C PRO A 26 -6.33 7.69 6.84
N HIS A 27 -6.33 8.75 6.03
CA HIS A 27 -6.02 8.63 4.61
C HIS A 27 -4.60 9.08 4.32
N PHE A 28 -4.13 8.75 3.11
CA PHE A 28 -2.79 9.11 2.70
C PHE A 28 -2.78 9.69 1.27
N PRO A 29 -2.80 10.99 1.11
CA PRO A 29 -2.76 11.64 -0.23
C PRO A 29 -1.50 11.26 -0.98
N LEU A 30 -1.57 11.18 -2.32
CA LEU A 30 -0.40 10.80 -3.11
C LEU A 30 0.41 12.03 -3.49
N SER A 31 1.16 12.55 -2.54
CA SER A 31 2.02 13.70 -2.77
C SER A 31 3.19 13.30 -3.65
N LEU A 32 3.60 12.04 -3.51
CA LEU A 32 4.70 11.49 -4.27
C LEU A 32 4.18 10.38 -5.20
N SER A 33 4.71 10.33 -6.41
CA SER A 33 4.28 9.33 -7.39
C SER A 33 4.69 7.92 -6.96
N THR A 34 5.59 7.82 -5.99
CA THR A 34 6.05 6.52 -5.52
C THR A 34 5.71 6.33 -4.04
N CYS A 35 4.82 5.38 -3.75
CA CYS A 35 4.45 5.13 -2.37
C CYS A 35 5.25 3.96 -1.81
N LEU A 36 5.89 4.17 -0.67
CA LEU A 36 6.70 3.13 -0.05
C LEU A 36 6.10 2.71 1.30
N PHE A 37 6.19 1.40 1.57
CA PHE A 37 5.65 0.83 2.82
C PHE A 37 6.80 0.34 3.71
N GLY A 38 6.66 0.55 5.01
CA GLY A 38 7.69 0.09 5.95
C GLY A 38 7.57 0.81 7.28
N ARG A 39 8.49 0.50 8.18
CA ARG A 39 8.47 1.12 9.49
C ARG A 39 9.54 2.18 9.60
N GLY A 40 10.33 2.33 8.55
CA GLY A 40 11.40 3.32 8.56
C GLY A 40 10.86 4.68 8.11
N ILE A 41 11.62 5.73 8.43
CA ILE A 41 11.23 7.07 8.04
C ILE A 41 11.25 7.19 6.52
N GLU A 42 12.16 6.46 5.88
CA GLU A 42 12.30 6.49 4.44
C GLU A 42 10.98 6.12 3.75
N CYS A 43 10.10 5.43 4.46
CA CYS A 43 8.83 5.02 3.87
C CYS A 43 7.78 6.12 3.92
N ASP A 44 7.21 6.38 2.75
CA ASP A 44 6.15 7.38 2.64
C ASP A 44 4.98 6.92 3.48
N ILE A 45 4.74 5.62 3.42
CA ILE A 45 3.67 5.00 4.19
C ILE A 45 4.32 4.26 5.35
N ARG A 46 4.57 4.97 6.44
CA ARG A 46 5.23 4.39 7.60
C ARG A 46 4.29 3.45 8.35
N ILE A 47 4.84 2.32 8.78
CA ILE A 47 4.06 1.33 9.51
C ILE A 47 4.80 0.94 10.79
N GLN A 48 4.21 1.19 11.95
CA GLN A 48 4.87 0.84 13.19
C GLN A 48 4.76 -0.65 13.45
N LEU A 49 5.62 -1.42 12.81
CA LEU A 49 5.63 -2.87 12.97
C LEU A 49 7.03 -3.44 12.68
N PRO A 50 7.76 -3.86 13.69
CA PRO A 50 9.12 -4.45 13.50
C PRO A 50 9.10 -5.62 12.49
N VAL A 51 7.99 -6.37 12.46
CA VAL A 51 7.86 -7.51 11.54
C VAL A 51 7.83 -7.05 10.08
N VAL A 52 7.39 -5.81 9.86
CA VAL A 52 7.31 -5.25 8.51
C VAL A 52 8.65 -4.63 8.14
N SER A 53 9.10 -4.85 6.91
CA SER A 53 10.40 -4.32 6.47
C SER A 53 10.30 -2.84 6.07
N LYS A 54 11.43 -2.14 6.14
CA LYS A 54 11.45 -0.73 5.76
C LYS A 54 10.98 -0.60 4.31
N GLN A 55 11.39 -1.56 3.50
CA GLN A 55 10.98 -1.57 2.11
C GLN A 55 10.11 -2.80 1.86
N HIS A 56 9.14 -2.99 2.74
CA HIS A 56 8.24 -4.14 2.68
C HIS A 56 7.51 -4.21 1.35
N CYS A 57 6.91 -3.10 0.95
CA CYS A 57 6.17 -3.05 -0.32
C CYS A 57 6.18 -1.64 -0.86
N LYS A 58 5.95 -1.50 -2.15
CA LYS A 58 5.94 -0.18 -2.76
C LYS A 58 4.82 -0.03 -3.77
N ILE A 59 4.16 1.10 -3.71
CA ILE A 59 3.09 1.40 -4.65
C ILE A 59 3.52 2.50 -5.61
N GLU A 60 3.85 2.10 -6.82
CA GLU A 60 4.27 3.05 -7.83
C GLU A 60 3.02 3.62 -8.49
N ILE A 61 2.94 4.93 -8.56
CA ILE A 61 1.76 5.57 -9.13
C ILE A 61 1.98 5.92 -10.60
N HIS A 62 1.00 5.55 -11.41
CA HIS A 62 1.07 5.78 -12.84
C HIS A 62 -0.08 6.66 -13.32
N GLU A 63 -0.08 6.94 -14.62
CA GLU A 63 -1.10 7.79 -15.25
C GLU A 63 -2.38 7.81 -14.42
N GLN A 64 -3.05 6.67 -14.32
CA GLN A 64 -4.29 6.62 -13.55
C GLN A 64 -4.40 5.32 -12.76
N GLU A 65 -3.30 4.60 -12.62
CA GLU A 65 -3.34 3.35 -11.89
C GLU A 65 -2.17 3.25 -10.91
N ALA A 66 -2.41 2.60 -9.79
CA ALA A 66 -1.36 2.40 -8.80
C ALA A 66 -0.80 0.99 -8.97
N ILE A 67 0.51 0.88 -8.93
CA ILE A 67 1.14 -0.43 -9.12
C ILE A 67 1.98 -0.85 -7.90
N LEU A 68 1.67 -2.04 -7.38
CA LEU A 68 2.37 -2.59 -6.22
C LEU A 68 3.75 -3.15 -6.60
N HIS A 69 4.73 -2.94 -5.70
CA HIS A 69 6.08 -3.42 -5.94
C HIS A 69 6.67 -4.04 -4.67
N ASN A 70 6.30 -5.29 -4.45
CA ASN A 70 6.73 -6.07 -3.28
C ASN A 70 8.18 -6.52 -3.38
N PHE A 71 8.95 -6.23 -2.32
CA PHE A 71 10.36 -6.62 -2.26
C PHE A 71 10.53 -7.85 -1.36
N SER A 72 9.76 -7.87 -0.27
CA SER A 72 9.83 -8.95 0.72
C SER A 72 9.63 -10.31 0.06
N SER A 73 10.44 -11.27 0.51
CA SER A 73 10.37 -12.64 0.01
C SER A 73 9.76 -13.56 1.06
N THR A 74 10.33 -13.54 2.26
CA THR A 74 9.85 -14.38 3.35
C THR A 74 8.39 -14.04 3.67
N ASN A 75 8.12 -12.74 3.81
CA ASN A 75 6.77 -12.27 4.11
C ASN A 75 6.29 -11.32 3.00
N PRO A 76 5.76 -11.85 1.93
CA PRO A 76 5.30 -11.03 0.79
C PRO A 76 4.00 -10.29 1.06
N THR A 77 3.90 -9.09 0.49
CA THR A 77 2.71 -8.29 0.64
C THR A 77 1.53 -9.05 0.03
N GLN A 78 0.33 -8.75 0.51
CA GLN A 78 -0.86 -9.46 0.04
C GLN A 78 -1.90 -8.50 -0.53
N VAL A 79 -2.64 -8.98 -1.51
CA VAL A 79 -3.69 -8.18 -2.12
C VAL A 79 -4.98 -8.99 -2.24
N ASN A 80 -6.09 -8.38 -1.90
CA ASN A 80 -7.36 -9.08 -1.98
C ASN A 80 -7.22 -10.48 -1.38
N GLY A 81 -6.15 -10.67 -0.62
CA GLY A 81 -5.90 -11.96 0.01
C GLY A 81 -4.87 -12.79 -0.76
N SER A 82 -4.60 -12.42 -2.00
CA SER A 82 -3.63 -13.17 -2.81
C SER A 82 -2.21 -12.70 -2.50
N VAL A 83 -1.29 -13.65 -2.45
CA VAL A 83 0.11 -13.34 -2.16
C VAL A 83 0.75 -12.61 -3.33
N ILE A 84 1.63 -11.68 -2.99
CA ILE A 84 2.32 -10.89 -4.02
C ILE A 84 3.74 -11.40 -4.21
N ASP A 85 3.91 -12.33 -5.14
CA ASP A 85 5.22 -12.87 -5.44
C ASP A 85 6.07 -11.81 -6.15
N GLU A 86 5.41 -11.07 -7.03
CA GLU A 86 6.07 -10.01 -7.79
C GLU A 86 5.12 -8.83 -7.93
N PRO A 87 5.58 -7.74 -8.49
CA PRO A 87 4.73 -6.53 -8.66
C PRO A 87 3.46 -6.85 -9.46
N VAL A 88 2.33 -6.27 -9.06
CA VAL A 88 1.08 -6.53 -9.76
C VAL A 88 0.28 -5.25 -9.97
N ARG A 89 -0.69 -5.33 -10.88
CA ARG A 89 -1.53 -4.19 -11.16
C ARG A 89 -2.75 -4.19 -10.24
N LEU A 90 -3.07 -3.04 -9.69
CA LEU A 90 -4.21 -2.93 -8.78
C LEU A 90 -5.38 -2.24 -9.47
N LYS A 91 -6.54 -2.84 -9.35
CA LYS A 91 -7.74 -2.28 -9.96
C LYS A 91 -8.39 -1.32 -8.96
N HIS A 92 -9.27 -0.46 -9.43
CA HIS A 92 -9.92 0.47 -8.52
C HIS A 92 -10.69 -0.31 -7.47
N GLY A 93 -10.47 0.02 -6.20
CA GLY A 93 -11.18 -0.67 -5.12
C GLY A 93 -10.34 -1.81 -4.53
N ASP A 94 -9.15 -2.01 -5.08
CA ASP A 94 -8.26 -3.07 -4.61
C ASP A 94 -7.71 -2.79 -3.22
N VAL A 95 -7.53 -3.85 -2.42
CA VAL A 95 -7.01 -3.71 -1.06
C VAL A 95 -5.69 -4.47 -0.90
N ILE A 96 -4.71 -3.79 -0.30
CA ILE A 96 -3.40 -4.39 -0.08
C ILE A 96 -3.20 -4.71 1.40
N THR A 97 -2.60 -5.84 1.67
CA THR A 97 -2.36 -6.25 3.04
C THR A 97 -0.93 -6.73 3.25
N ILE A 98 -0.34 -6.28 4.33
CA ILE A 98 1.02 -6.68 4.68
C ILE A 98 0.92 -7.73 5.81
N ILE A 99 1.89 -7.78 6.72
CA ILE A 99 1.88 -8.77 7.79
C ILE A 99 0.66 -8.58 8.70
N ASP A 100 0.35 -7.33 9.06
CA ASP A 100 -0.80 -7.08 9.95
C ASP A 100 -1.51 -5.76 9.65
N ARG A 101 -1.34 -5.22 8.45
CA ARG A 101 -2.00 -3.96 8.10
C ARG A 101 -2.67 -4.04 6.74
N SER A 102 -3.70 -3.23 6.55
CA SER A 102 -4.40 -3.22 5.27
C SER A 102 -4.48 -1.81 4.70
N PHE A 103 -4.27 -1.72 3.39
CA PHE A 103 -4.34 -0.43 2.70
C PHE A 103 -5.26 -0.53 1.51
N ARG A 104 -6.07 0.50 1.32
CA ARG A 104 -7.01 0.49 0.21
C ARG A 104 -6.60 1.49 -0.85
N TYR A 105 -6.61 1.06 -2.11
CA TYR A 105 -6.27 1.94 -3.20
C TYR A 105 -7.49 2.19 -4.06
N GLU A 106 -7.90 3.44 -4.15
CA GLU A 106 -9.07 3.77 -4.94
C GLU A 106 -8.89 5.10 -5.64
N ASN A 107 -9.21 5.12 -6.92
CA ASN A 107 -9.08 6.33 -7.72
C ASN A 107 -10.42 7.07 -7.80
N GLU A 108 -10.50 8.23 -7.15
CA GLU A 108 -11.73 9.02 -7.17
C GLU A 108 -12.00 9.54 -8.59
N MET A 9 -5.07 18.29 -13.69
CA MET A 9 -3.99 18.99 -12.92
C MET A 9 -4.30 18.93 -11.43
N TRP A 10 -5.42 18.29 -11.10
CA TRP A 10 -5.84 18.16 -9.70
C TRP A 10 -6.20 16.72 -9.38
N PRO A 11 -5.23 15.91 -9.05
CA PRO A 11 -5.45 14.46 -8.71
C PRO A 11 -6.42 14.29 -7.56
N THR A 12 -7.26 13.26 -7.66
CA THR A 12 -8.22 12.97 -6.61
C THR A 12 -7.99 11.57 -6.04
N ARG A 13 -6.76 11.09 -6.19
CA ARG A 13 -6.42 9.76 -5.70
C ARG A 13 -6.19 9.82 -4.20
N ARG A 14 -6.70 8.81 -3.49
CA ARG A 14 -6.53 8.76 -2.05
C ARG A 14 -6.27 7.34 -1.58
N LEU A 15 -5.46 7.21 -0.54
CA LEU A 15 -5.16 5.90 0.01
C LEU A 15 -5.76 5.86 1.42
N VAL A 16 -6.47 4.79 1.74
CA VAL A 16 -7.11 4.68 3.06
C VAL A 16 -6.61 3.46 3.80
N THR A 17 -6.33 3.63 5.08
CA THR A 17 -5.85 2.53 5.90
C THR A 17 -6.94 2.05 6.84
N ILE A 18 -7.24 0.75 6.80
CA ILE A 18 -8.27 0.20 7.68
C ILE A 18 -7.66 -0.16 9.03
N LYS A 19 -7.98 0.64 10.04
CA LYS A 19 -7.48 0.38 11.39
C LYS A 19 -8.05 -0.93 11.93
N ARG A 20 -9.35 -1.14 11.73
CA ARG A 20 -10.02 -2.34 12.20
C ARG A 20 -10.83 -2.97 11.08
N SER A 21 -10.97 -4.30 11.13
CA SER A 21 -11.74 -5.07 10.13
C SER A 21 -12.12 -4.21 8.92
N GLY A 22 -13.35 -3.68 8.93
CA GLY A 22 -13.82 -2.86 7.82
C GLY A 22 -14.03 -1.40 8.25
N VAL A 23 -13.65 -1.07 9.48
CA VAL A 23 -13.83 0.30 9.96
C VAL A 23 -12.81 1.23 9.31
N ASP A 24 -13.26 2.43 8.98
CA ASP A 24 -12.39 3.42 8.36
C ASP A 24 -11.30 3.84 9.34
N GLY A 25 -10.08 3.95 8.84
CA GLY A 25 -8.95 4.36 9.69
C GLY A 25 -8.26 5.58 9.11
N PRO A 26 -7.03 5.79 9.48
CA PRO A 26 -6.23 6.95 8.99
C PRO A 26 -6.09 6.95 7.46
N HIS A 27 -6.03 8.14 6.87
CA HIS A 27 -5.92 8.29 5.42
C HIS A 27 -4.52 8.76 5.04
N PHE A 28 -4.19 8.66 3.76
CA PHE A 28 -2.88 9.09 3.29
C PHE A 28 -2.98 9.75 1.90
N PRO A 29 -2.79 11.04 1.81
CA PRO A 29 -2.86 11.74 0.49
C PRO A 29 -1.63 11.44 -0.37
N LEU A 30 -1.80 11.38 -1.68
CA LEU A 30 -0.67 11.09 -2.56
C LEU A 30 -0.02 12.36 -3.07
N SER A 31 1.17 12.66 -2.54
CA SER A 31 1.90 13.84 -2.95
C SER A 31 3.14 13.41 -3.73
N LEU A 32 3.51 12.14 -3.58
CA LEU A 32 4.68 11.61 -4.28
C LEU A 32 4.25 10.51 -5.25
N SER A 33 4.82 10.54 -6.45
CA SER A 33 4.47 9.57 -7.48
C SER A 33 4.70 8.15 -6.98
N THR A 34 5.73 7.97 -6.16
CA THR A 34 6.04 6.64 -5.63
C THR A 34 5.74 6.57 -4.13
N CYS A 35 4.84 5.67 -3.76
CA CYS A 35 4.49 5.50 -2.35
C CYS A 35 5.18 4.25 -1.79
N LEU A 36 5.98 4.42 -0.74
CA LEU A 36 6.71 3.29 -0.16
C LEU A 36 6.20 2.94 1.25
N PHE A 37 6.15 1.64 1.53
CA PHE A 37 5.72 1.14 2.83
C PHE A 37 6.92 0.59 3.60
N GLY A 38 6.91 0.77 4.93
CA GLY A 38 8.03 0.25 5.71
C GLY A 38 8.20 0.99 7.03
N ARG A 39 9.02 0.40 7.90
CA ARG A 39 9.31 0.96 9.20
C ARG A 39 10.10 2.26 9.08
N GLY A 40 10.98 2.30 8.08
CA GLY A 40 11.81 3.47 7.86
C GLY A 40 10.98 4.70 7.50
N ILE A 41 11.48 5.85 7.89
CA ILE A 41 10.81 7.11 7.61
C ILE A 41 10.79 7.37 6.11
N GLU A 42 11.90 7.03 5.46
CA GLU A 42 12.01 7.23 4.02
C GLU A 42 10.77 6.71 3.30
N CYS A 43 9.93 5.98 4.03
CA CYS A 43 8.72 5.43 3.43
C CYS A 43 7.56 6.39 3.52
N ASP A 44 6.83 6.52 2.43
CA ASP A 44 5.67 7.41 2.38
C ASP A 44 4.65 6.92 3.38
N ILE A 45 4.55 5.59 3.47
CA ILE A 45 3.62 5.00 4.41
C ILE A 45 4.41 4.34 5.53
N ARG A 46 4.62 5.07 6.62
CA ARG A 46 5.38 4.53 7.75
C ARG A 46 4.56 3.48 8.49
N ILE A 47 5.22 2.40 8.86
CA ILE A 47 4.55 1.31 9.58
C ILE A 47 5.31 0.97 10.87
N GLN A 48 4.62 1.01 12.00
CA GLN A 48 5.27 0.70 13.27
C GLN A 48 5.01 -0.76 13.67
N LEU A 49 5.79 -1.66 13.07
CA LEU A 49 5.68 -3.08 13.37
C LEU A 49 6.99 -3.80 13.03
N PRO A 50 7.70 -4.34 13.98
CA PRO A 50 8.98 -5.06 13.71
C PRO A 50 8.83 -6.13 12.63
N VAL A 51 7.62 -6.69 12.51
CA VAL A 51 7.39 -7.74 11.51
C VAL A 51 7.44 -7.18 10.09
N VAL A 52 7.25 -5.87 9.94
CA VAL A 52 7.30 -5.25 8.61
C VAL A 52 8.75 -4.90 8.29
N SER A 53 9.11 -4.92 7.01
CA SER A 53 10.49 -4.62 6.63
C SER A 53 10.71 -3.12 6.39
N LYS A 54 11.98 -2.73 6.20
CA LYS A 54 12.31 -1.33 5.95
C LYS A 54 11.65 -0.87 4.66
N GLN A 55 11.67 -1.76 3.68
CA GLN A 55 11.06 -1.50 2.38
C GLN A 55 10.19 -2.69 2.03
N HIS A 56 9.09 -2.82 2.76
CA HIS A 56 8.17 -3.93 2.61
C HIS A 56 7.51 -3.99 1.24
N CYS A 57 6.96 -2.88 0.77
CA CYS A 57 6.29 -2.85 -0.52
C CYS A 57 6.02 -1.41 -0.94
N LYS A 58 5.75 -1.20 -2.23
CA LYS A 58 5.48 0.17 -2.68
C LYS A 58 4.41 0.23 -3.75
N ILE A 59 3.70 1.36 -3.78
CA ILE A 59 2.68 1.56 -4.78
C ILE A 59 3.15 2.60 -5.78
N GLU A 60 3.44 2.17 -7.00
CA GLU A 60 3.90 3.08 -8.04
C GLU A 60 2.72 3.63 -8.81
N ILE A 61 2.86 4.86 -9.30
CA ILE A 61 1.79 5.49 -10.02
C ILE A 61 2.07 5.52 -11.52
N HIS A 62 1.05 5.16 -12.31
CA HIS A 62 1.18 5.16 -13.76
C HIS A 62 0.16 6.13 -14.38
N GLU A 63 0.25 6.30 -15.69
CA GLU A 63 -0.63 7.20 -16.43
C GLU A 63 -1.97 7.43 -15.70
N GLN A 64 -2.71 6.35 -15.44
CA GLN A 64 -3.99 6.51 -14.75
C GLN A 64 -4.21 5.37 -13.74
N GLU A 65 -3.19 4.56 -13.54
CA GLU A 65 -3.32 3.44 -12.60
C GLU A 65 -2.11 3.33 -11.68
N ALA A 66 -2.29 2.62 -10.57
CA ALA A 66 -1.22 2.42 -9.62
C ALA A 66 -0.67 1.01 -9.74
N ILE A 67 0.62 0.83 -9.48
CA ILE A 67 1.24 -0.48 -9.58
C ILE A 67 2.04 -0.79 -8.31
N LEU A 68 1.90 -2.01 -7.80
CA LEU A 68 2.58 -2.40 -6.57
C LEU A 68 3.86 -3.20 -6.85
N HIS A 69 4.92 -2.91 -6.08
CA HIS A 69 6.19 -3.61 -6.26
C HIS A 69 6.69 -4.15 -4.92
N ASN A 70 6.11 -5.27 -4.50
CA ASN A 70 6.47 -5.91 -3.24
C ASN A 70 7.93 -6.36 -3.23
N PHE A 71 8.60 -6.06 -2.14
CA PHE A 71 10.01 -6.43 -1.98
C PHE A 71 10.18 -7.59 -1.01
N SER A 72 9.39 -7.58 0.07
CA SER A 72 9.47 -8.63 1.08
C SER A 72 9.31 -10.01 0.45
N SER A 73 10.10 -10.96 0.95
CA SER A 73 10.04 -12.32 0.43
C SER A 73 9.39 -13.26 1.45
N THR A 74 9.91 -13.27 2.66
CA THR A 74 9.37 -14.13 3.72
C THR A 74 7.94 -13.73 4.03
N ASN A 75 7.71 -12.43 4.15
CA ASN A 75 6.37 -11.92 4.44
C ASN A 75 5.96 -10.92 3.35
N PRO A 76 5.50 -11.41 2.23
CA PRO A 76 5.10 -10.53 1.09
C PRO A 76 3.78 -9.82 1.31
N THR A 77 3.65 -8.66 0.70
CA THR A 77 2.42 -7.90 0.78
C THR A 77 1.33 -8.72 0.09
N GLN A 78 0.08 -8.41 0.39
CA GLN A 78 -1.01 -9.18 -0.21
C GLN A 78 -2.05 -8.29 -0.86
N VAL A 79 -2.64 -8.80 -1.94
CA VAL A 79 -3.68 -8.06 -2.65
C VAL A 79 -4.94 -8.90 -2.78
N ASN A 80 -6.08 -8.33 -2.40
CA ASN A 80 -7.35 -9.04 -2.47
C ASN A 80 -7.20 -10.43 -1.83
N GLY A 81 -6.30 -10.54 -0.87
CA GLY A 81 -6.07 -11.80 -0.18
C GLY A 81 -5.13 -12.69 -0.96
N SER A 82 -4.74 -12.25 -2.17
CA SER A 82 -3.83 -13.03 -2.99
C SER A 82 -2.38 -12.66 -2.66
N VAL A 83 -1.50 -13.66 -2.62
CA VAL A 83 -0.10 -13.39 -2.30
C VAL A 83 0.59 -12.75 -3.48
N ILE A 84 1.47 -11.81 -3.17
CA ILE A 84 2.20 -11.08 -4.18
C ILE A 84 3.64 -11.60 -4.29
N ASP A 85 3.83 -12.66 -5.07
CA ASP A 85 5.17 -13.22 -5.25
C ASP A 85 6.07 -12.19 -5.91
N GLU A 86 5.50 -11.49 -6.88
CA GLU A 86 6.23 -10.47 -7.63
C GLU A 86 5.32 -9.26 -7.84
N PRO A 87 5.83 -8.19 -8.40
CA PRO A 87 5.02 -6.97 -8.65
C PRO A 87 3.79 -7.30 -9.48
N VAL A 88 2.65 -6.73 -9.10
CA VAL A 88 1.40 -7.00 -9.80
C VAL A 88 0.64 -5.71 -10.10
N ARG A 89 -0.29 -5.78 -11.05
CA ARG A 89 -1.09 -4.60 -11.43
C ARG A 89 -2.22 -4.39 -10.44
N LEU A 90 -2.47 -3.12 -10.11
CA LEU A 90 -3.55 -2.79 -9.19
C LEU A 90 -4.72 -2.16 -9.92
N LYS A 91 -5.91 -2.49 -9.44
CA LYS A 91 -7.14 -1.94 -9.99
C LYS A 91 -7.86 -1.16 -8.91
N HIS A 92 -8.66 -0.17 -9.30
CA HIS A 92 -9.36 0.64 -8.32
C HIS A 92 -10.32 -0.23 -7.50
N GLY A 93 -10.25 -0.07 -6.18
CA GLY A 93 -11.10 -0.84 -5.28
C GLY A 93 -10.33 -2.01 -4.66
N ASP A 94 -9.10 -2.20 -5.12
CA ASP A 94 -8.26 -3.28 -4.62
C ASP A 94 -7.80 -2.99 -3.19
N VAL A 95 -7.58 -4.05 -2.41
CA VAL A 95 -7.14 -3.89 -1.02
C VAL A 95 -5.76 -4.51 -0.82
N ILE A 96 -4.87 -3.78 -0.17
CA ILE A 96 -3.51 -4.27 0.07
C ILE A 96 -3.34 -4.63 1.54
N THR A 97 -2.78 -5.79 1.79
CA THR A 97 -2.57 -6.23 3.16
C THR A 97 -1.14 -6.70 3.39
N ILE A 98 -0.54 -6.23 4.48
CA ILE A 98 0.80 -6.60 4.85
C ILE A 98 0.71 -7.71 5.91
N ILE A 99 1.70 -7.83 6.78
CA ILE A 99 1.68 -8.88 7.80
C ILE A 99 0.51 -8.73 8.77
N ASP A 100 0.25 -7.50 9.25
CA ASP A 100 -0.84 -7.28 10.20
C ASP A 100 -1.58 -5.96 9.93
N ARG A 101 -1.41 -5.38 8.75
CA ARG A 101 -2.07 -4.12 8.44
C ARG A 101 -2.75 -4.17 7.07
N SER A 102 -3.79 -3.35 6.91
CA SER A 102 -4.50 -3.29 5.65
C SER A 102 -4.53 -1.88 5.08
N PHE A 103 -4.41 -1.78 3.77
CA PHE A 103 -4.43 -0.51 3.07
C PHE A 103 -5.35 -0.59 1.87
N ARG A 104 -6.01 0.51 1.54
CA ARG A 104 -6.92 0.52 0.41
C ARG A 104 -6.45 1.51 -0.66
N TYR A 105 -6.58 1.14 -1.92
CA TYR A 105 -6.18 2.02 -3.01
C TYR A 105 -7.41 2.46 -3.81
N GLU A 106 -7.80 3.73 -3.65
CA GLU A 106 -8.98 4.23 -4.35
C GLU A 106 -8.61 5.31 -5.36
N ASN A 107 -8.93 5.04 -6.62
CA ASN A 107 -8.66 6.01 -7.69
C ASN A 107 -9.96 6.54 -8.27
N GLU A 108 -10.38 7.71 -7.79
CA GLU A 108 -11.62 8.32 -8.26
C GLU A 108 -11.39 9.12 -9.54
N MET A 9 -9.83 18.42 -4.48
CA MET A 9 -9.08 17.60 -3.49
C MET A 9 -9.84 16.30 -3.22
N TRP A 10 -11.01 16.18 -3.81
CA TRP A 10 -11.83 14.98 -3.63
C TRP A 10 -11.64 13.98 -4.77
N PRO A 11 -11.43 14.45 -5.97
CA PRO A 11 -11.25 13.56 -7.16
C PRO A 11 -9.81 13.06 -7.29
N THR A 12 -8.95 13.49 -6.38
CA THR A 12 -7.56 13.06 -6.40
C THR A 12 -7.42 11.64 -5.84
N ARG A 13 -6.32 10.99 -6.17
CA ARG A 13 -6.08 9.63 -5.69
C ARG A 13 -5.71 9.67 -4.21
N ARG A 14 -6.26 8.75 -3.43
CA ARG A 14 -5.97 8.73 -1.99
C ARG A 14 -5.89 7.31 -1.44
N LEU A 15 -5.02 7.12 -0.45
CA LEU A 15 -4.87 5.82 0.19
C LEU A 15 -5.41 5.87 1.62
N VAL A 16 -6.29 4.95 1.98
CA VAL A 16 -6.84 4.91 3.34
C VAL A 16 -6.35 3.67 4.05
N THR A 17 -5.89 3.82 5.28
CA THR A 17 -5.39 2.68 6.03
C THR A 17 -6.40 2.17 7.05
N ILE A 18 -6.86 0.94 6.86
CA ILE A 18 -7.82 0.34 7.78
C ILE A 18 -7.12 -0.09 9.07
N LYS A 19 -7.72 0.26 10.19
CA LYS A 19 -7.15 -0.09 11.48
C LYS A 19 -7.85 -1.32 12.06
N ARG A 20 -7.14 -2.07 12.89
CA ARG A 20 -7.71 -3.26 13.49
C ARG A 20 -8.83 -2.85 14.45
N SER A 21 -9.98 -3.49 14.32
CA SER A 21 -11.13 -3.15 15.15
C SER A 21 -11.52 -1.70 14.88
N GLY A 22 -11.12 -1.19 13.72
CA GLY A 22 -11.42 0.18 13.33
C GLY A 22 -11.28 0.33 11.83
N VAL A 23 -12.41 0.51 11.16
CA VAL A 23 -12.41 0.65 9.72
C VAL A 23 -12.51 2.11 9.31
N ASP A 24 -11.64 2.51 8.40
CA ASP A 24 -11.62 3.88 7.89
C ASP A 24 -10.94 4.84 8.84
N GLY A 25 -9.72 4.49 9.27
CA GLY A 25 -8.95 5.32 10.17
C GLY A 25 -8.36 6.52 9.42
N PRO A 26 -7.20 6.98 9.82
CA PRO A 26 -6.51 8.12 9.15
C PRO A 26 -6.23 7.81 7.68
N HIS A 27 -6.28 8.83 6.85
CA HIS A 27 -6.04 8.66 5.42
C HIS A 27 -4.60 9.03 5.07
N PHE A 28 -4.27 8.97 3.78
CA PHE A 28 -2.92 9.29 3.35
C PHE A 28 -2.91 9.85 1.92
N PRO A 29 -2.99 11.15 1.77
CA PRO A 29 -2.96 11.81 0.42
C PRO A 29 -1.70 11.45 -0.34
N LEU A 30 -1.81 11.29 -1.66
CA LEU A 30 -0.65 10.93 -2.45
C LEU A 30 0.05 12.18 -2.97
N SER A 31 0.78 12.84 -2.08
CA SER A 31 1.53 14.05 -2.46
C SER A 31 2.65 13.68 -3.41
N LEU A 32 3.19 12.47 -3.26
CA LEU A 32 4.27 11.99 -4.10
C LEU A 32 3.77 10.91 -5.06
N SER A 33 4.31 10.91 -6.27
CA SER A 33 3.91 9.93 -7.28
C SER A 33 4.26 8.49 -6.86
N THR A 34 5.33 8.33 -6.09
CA THR A 34 5.75 6.98 -5.66
C THR A 34 5.49 6.76 -4.18
N CYS A 35 4.79 5.66 -3.87
CA CYS A 35 4.47 5.33 -2.50
C CYS A 35 5.29 4.13 -2.01
N LEU A 36 5.99 4.31 -0.89
CA LEU A 36 6.80 3.25 -0.31
C LEU A 36 6.25 2.84 1.06
N PHE A 37 6.16 1.53 1.27
CA PHE A 37 5.64 1.00 2.53
C PHE A 37 6.78 0.51 3.41
N GLY A 38 6.60 0.64 4.73
CA GLY A 38 7.63 0.17 5.66
C GLY A 38 7.76 1.06 6.89
N ARG A 39 8.20 0.44 7.97
CA ARG A 39 8.39 1.14 9.24
C ARG A 39 9.48 2.19 9.14
N GLY A 40 10.56 1.84 8.46
CA GLY A 40 11.68 2.77 8.29
C GLY A 40 11.18 4.16 7.89
N ILE A 41 11.97 5.18 8.24
CA ILE A 41 11.59 6.56 7.93
C ILE A 41 11.53 6.80 6.42
N GLU A 42 12.36 6.09 5.66
CA GLU A 42 12.39 6.27 4.22
C GLU A 42 11.04 5.94 3.57
N CYS A 43 10.20 5.17 4.26
CA CYS A 43 8.90 4.80 3.71
C CYS A 43 7.92 5.97 3.72
N ASP A 44 7.36 6.28 2.55
CA ASP A 44 6.39 7.35 2.46
C ASP A 44 5.18 6.95 3.28
N ILE A 45 4.84 5.68 3.23
CA ILE A 45 3.74 5.14 4.01
C ILE A 45 4.34 4.41 5.21
N ARG A 46 4.62 5.15 6.27
CA ARG A 46 5.24 4.59 7.46
C ARG A 46 4.31 3.61 8.18
N ILE A 47 4.87 2.47 8.57
CA ILE A 47 4.11 1.45 9.29
C ILE A 47 4.82 1.15 10.61
N GLN A 48 4.27 1.57 11.74
CA GLN A 48 4.94 1.28 13.01
C GLN A 48 4.71 -0.18 13.39
N LEU A 49 5.51 -1.04 12.78
CA LEU A 49 5.42 -2.47 13.06
C LEU A 49 6.77 -3.13 12.75
N PRO A 50 7.53 -3.54 13.75
CA PRO A 50 8.86 -4.18 13.54
C PRO A 50 8.79 -5.34 12.55
N VAL A 51 7.70 -6.08 12.58
CA VAL A 51 7.54 -7.23 11.70
C VAL A 51 7.48 -6.81 10.23
N VAL A 52 7.13 -5.56 9.96
CA VAL A 52 7.08 -5.08 8.58
C VAL A 52 8.46 -4.60 8.16
N SER A 53 8.81 -4.79 6.90
CA SER A 53 10.13 -4.38 6.42
C SER A 53 10.16 -2.88 6.07
N LYS A 54 11.38 -2.34 6.05
CA LYS A 54 11.55 -0.93 5.71
C LYS A 54 11.08 -0.67 4.29
N GLN A 55 11.36 -1.62 3.41
CA GLN A 55 10.92 -1.52 2.03
C GLN A 55 10.01 -2.70 1.76
N HIS A 56 9.02 -2.86 2.63
CA HIS A 56 8.09 -3.97 2.55
C HIS A 56 7.35 -4.00 1.22
N CYS A 57 6.76 -2.88 0.84
CA CYS A 57 6.03 -2.82 -0.41
C CYS A 57 6.06 -1.42 -0.99
N LYS A 58 5.78 -1.31 -2.28
CA LYS A 58 5.79 -0.01 -2.94
C LYS A 58 4.72 0.09 -4.00
N ILE A 59 3.96 1.18 -3.95
CA ILE A 59 2.94 1.40 -4.94
C ILE A 59 3.37 2.51 -5.90
N GLU A 60 3.68 2.12 -7.13
CA GLU A 60 4.11 3.08 -8.15
C GLU A 60 2.90 3.58 -8.93
N ILE A 61 2.77 4.90 -9.08
CA ILE A 61 1.65 5.44 -9.79
C ILE A 61 1.95 5.59 -11.28
N HIS A 62 1.05 5.06 -12.10
CA HIS A 62 1.21 5.14 -13.53
C HIS A 62 0.15 6.06 -14.13
N GLU A 63 0.17 6.21 -15.46
CA GLU A 63 -0.78 7.08 -16.14
C GLU A 63 -2.06 7.29 -15.34
N GLN A 64 -2.81 6.22 -15.11
CA GLN A 64 -4.05 6.32 -14.35
C GLN A 64 -4.24 5.14 -13.40
N GLU A 65 -3.19 4.36 -13.17
CA GLU A 65 -3.32 3.21 -12.28
C GLU A 65 -2.10 3.04 -11.40
N ALA A 66 -2.33 2.50 -10.19
CA ALA A 66 -1.26 2.29 -9.24
C ALA A 66 -0.70 0.86 -9.35
N ILE A 67 0.61 0.71 -9.21
CA ILE A 67 1.23 -0.61 -9.35
C ILE A 67 2.03 -0.99 -8.09
N LEU A 68 1.75 -2.16 -7.54
CA LEU A 68 2.43 -2.64 -6.34
C LEU A 68 3.82 -3.15 -6.68
N HIS A 69 4.77 -2.93 -5.77
CA HIS A 69 6.13 -3.37 -5.97
C HIS A 69 6.66 -4.00 -4.67
N ASN A 70 6.24 -5.25 -4.43
CA ASN A 70 6.65 -5.97 -3.23
C ASN A 70 8.12 -6.39 -3.28
N PHE A 71 8.82 -6.14 -2.18
CA PHE A 71 10.23 -6.49 -2.09
C PHE A 71 10.41 -7.67 -1.14
N SER A 72 9.57 -7.71 -0.10
CA SER A 72 9.64 -8.78 0.89
C SER A 72 9.48 -10.15 0.26
N SER A 73 10.29 -11.09 0.69
CA SER A 73 10.23 -12.46 0.16
C SER A 73 9.59 -13.39 1.18
N THR A 74 10.12 -13.38 2.40
CA THR A 74 9.58 -14.22 3.47
C THR A 74 8.14 -13.84 3.76
N ASN A 75 7.91 -12.54 3.91
CA ASN A 75 6.57 -12.05 4.17
C ASN A 75 6.11 -11.15 3.02
N PRO A 76 5.65 -11.72 1.93
CA PRO A 76 5.21 -10.91 0.77
C PRO A 76 3.89 -10.21 1.02
N THR A 77 3.75 -9.03 0.44
CA THR A 77 2.52 -8.28 0.60
C THR A 77 1.39 -9.08 -0.05
N GLN A 78 0.15 -8.79 0.31
CA GLN A 78 -0.97 -9.56 -0.23
C GLN A 78 -2.08 -8.66 -0.76
N VAL A 79 -2.81 -9.15 -1.76
CA VAL A 79 -3.94 -8.40 -2.33
C VAL A 79 -5.16 -9.30 -2.50
N ASN A 80 -6.30 -8.80 -2.03
CA ASN A 80 -7.55 -9.56 -2.13
C ASN A 80 -7.34 -10.99 -1.65
N GLY A 81 -6.40 -11.18 -0.73
CA GLY A 81 -6.12 -12.51 -0.21
C GLY A 81 -5.25 -13.32 -1.17
N SER A 82 -4.62 -12.64 -2.11
CA SER A 82 -3.76 -13.32 -3.07
C SER A 82 -2.30 -13.00 -2.78
N VAL A 83 -1.46 -14.02 -2.70
CA VAL A 83 -0.05 -13.78 -2.41
C VAL A 83 0.64 -13.13 -3.60
N ILE A 84 1.46 -12.14 -3.28
CA ILE A 84 2.18 -11.40 -4.29
C ILE A 84 3.69 -11.63 -4.17
N ASP A 85 4.23 -12.47 -5.05
CA ASP A 85 5.65 -12.77 -5.05
C ASP A 85 6.43 -11.62 -5.69
N GLU A 86 5.89 -11.08 -6.78
CA GLU A 86 6.54 -9.98 -7.49
C GLU A 86 5.54 -8.84 -7.74
N PRO A 87 5.99 -7.73 -8.27
CA PRO A 87 5.10 -6.55 -8.55
C PRO A 87 3.90 -6.94 -9.40
N VAL A 88 2.72 -6.44 -9.05
CA VAL A 88 1.52 -6.77 -9.81
C VAL A 88 0.68 -5.53 -10.06
N ARG A 89 -0.18 -5.61 -11.06
CA ARG A 89 -1.06 -4.50 -11.40
C ARG A 89 -2.25 -4.44 -10.45
N LEU A 90 -2.63 -3.23 -10.05
CA LEU A 90 -3.74 -3.05 -9.14
C LEU A 90 -4.90 -2.33 -9.80
N LYS A 91 -6.11 -2.75 -9.44
CA LYS A 91 -7.32 -2.15 -9.96
C LYS A 91 -7.98 -1.30 -8.87
N HIS A 92 -8.72 -0.27 -9.27
CA HIS A 92 -9.37 0.59 -8.30
C HIS A 92 -10.33 -0.23 -7.44
N GLY A 93 -10.25 -0.04 -6.13
CA GLY A 93 -11.09 -0.79 -5.20
C GLY A 93 -10.31 -1.98 -4.65
N ASP A 94 -9.08 -2.15 -5.14
CA ASP A 94 -8.22 -3.23 -4.71
C ASP A 94 -7.65 -2.94 -3.33
N VAL A 95 -7.50 -3.97 -2.51
CA VAL A 95 -6.98 -3.79 -1.15
C VAL A 95 -5.67 -4.57 -0.95
N ILE A 96 -4.68 -3.91 -0.34
CA ILE A 96 -3.37 -4.53 -0.09
C ILE A 96 -3.25 -4.90 1.38
N THR A 97 -2.75 -6.09 1.65
CA THR A 97 -2.58 -6.53 3.03
C THR A 97 -1.14 -6.99 3.29
N ILE A 98 -0.53 -6.40 4.30
CA ILE A 98 0.82 -6.75 4.68
C ILE A 98 0.72 -7.81 5.79
N ILE A 99 1.62 -7.83 6.76
CA ILE A 99 1.57 -8.85 7.80
C ILE A 99 0.28 -8.76 8.64
N ASP A 100 -0.10 -7.55 9.07
CA ASP A 100 -1.31 -7.42 9.89
C ASP A 100 -2.10 -6.14 9.59
N ARG A 101 -1.63 -5.32 8.65
CA ARG A 101 -2.37 -4.10 8.30
C ARG A 101 -2.72 -4.07 6.83
N SER A 102 -3.84 -3.45 6.50
CA SER A 102 -4.30 -3.37 5.13
C SER A 102 -4.45 -1.93 4.67
N PHE A 103 -4.31 -1.72 3.37
CA PHE A 103 -4.43 -0.39 2.80
C PHE A 103 -5.46 -0.38 1.66
N ARG A 104 -6.15 0.75 1.51
CA ARG A 104 -7.16 0.89 0.49
C ARG A 104 -6.62 1.76 -0.66
N TYR A 105 -6.62 1.22 -1.87
CA TYR A 105 -6.14 1.98 -3.02
C TYR A 105 -7.32 2.43 -3.87
N GLU A 106 -7.71 3.70 -3.68
CA GLU A 106 -8.86 4.25 -4.41
C GLU A 106 -8.44 5.29 -5.42
N ASN A 107 -8.67 4.99 -6.69
CA ASN A 107 -8.34 5.92 -7.75
C ASN A 107 -9.60 6.56 -8.30
N GLU A 108 -9.95 7.70 -7.76
CA GLU A 108 -11.14 8.42 -8.18
C GLU A 108 -10.80 9.35 -9.34
N MET A 9 -13.16 17.97 -1.10
CA MET A 9 -14.25 17.00 -1.40
C MET A 9 -13.62 15.62 -1.63
N TRP A 10 -13.17 15.38 -2.85
CA TRP A 10 -12.55 14.10 -3.18
C TRP A 10 -11.59 14.26 -4.35
N PRO A 11 -10.86 15.35 -4.43
CA PRO A 11 -9.89 15.59 -5.53
C PRO A 11 -8.68 14.67 -5.44
N THR A 12 -8.11 14.36 -6.59
CA THR A 12 -6.93 13.51 -6.66
C THR A 12 -7.25 12.10 -6.15
N ARG A 13 -6.20 11.28 -6.08
CA ARG A 13 -6.33 9.91 -5.62
C ARG A 13 -5.85 9.80 -4.18
N ARG A 14 -6.43 8.90 -3.41
CA ARG A 14 -6.04 8.75 -2.01
C ARG A 14 -5.92 7.29 -1.59
N LEU A 15 -5.12 7.07 -0.56
CA LEU A 15 -4.93 5.73 -0.01
C LEU A 15 -5.59 5.70 1.37
N VAL A 16 -6.30 4.61 1.68
CA VAL A 16 -6.96 4.50 2.97
C VAL A 16 -6.48 3.27 3.71
N THR A 17 -6.13 3.45 4.98
CA THR A 17 -5.62 2.36 5.78
C THR A 17 -6.63 1.92 6.83
N ILE A 18 -7.04 0.66 6.75
CA ILE A 18 -8.01 0.11 7.69
C ILE A 18 -7.33 -0.20 9.03
N LYS A 19 -7.92 0.25 10.13
CA LYS A 19 -7.33 -0.03 11.44
C LYS A 19 -7.31 -1.53 11.70
N ARG A 20 -8.39 -2.20 11.32
CA ARG A 20 -8.49 -3.66 11.52
C ARG A 20 -9.31 -4.31 10.42
N SER A 21 -10.61 -4.48 10.67
CA SER A 21 -11.49 -5.10 9.69
C SER A 21 -12.91 -4.55 9.80
N GLY A 22 -13.45 -4.08 8.68
CA GLY A 22 -14.81 -3.55 8.66
C GLY A 22 -14.88 -2.19 9.37
N VAL A 23 -13.71 -1.61 9.64
CA VAL A 23 -13.66 -0.33 10.32
C VAL A 23 -12.83 0.67 9.53
N ASP A 24 -13.41 1.85 9.30
CA ASP A 24 -12.71 2.90 8.55
C ASP A 24 -11.55 3.42 9.37
N GLY A 25 -10.43 3.67 8.71
CA GLY A 25 -9.25 4.18 9.39
C GLY A 25 -8.81 5.51 8.79
N PRO A 26 -7.64 5.98 9.14
CA PRO A 26 -7.10 7.28 8.63
C PRO A 26 -6.69 7.18 7.17
N HIS A 27 -6.75 8.29 6.47
CA HIS A 27 -6.37 8.30 5.06
C HIS A 27 -4.95 8.77 4.90
N PHE A 28 -4.43 8.62 3.70
CA PHE A 28 -3.07 9.03 3.40
C PHE A 28 -3.01 9.74 2.04
N PRO A 29 -3.04 11.04 2.03
CA PRO A 29 -2.97 11.83 0.76
C PRO A 29 -1.74 11.44 -0.05
N LEU A 30 -1.87 11.45 -1.37
CA LEU A 30 -0.77 11.05 -2.24
C LEU A 30 -0.21 12.24 -3.03
N SER A 31 1.08 12.50 -2.84
CA SER A 31 1.75 13.60 -3.54
C SER A 31 2.95 13.06 -4.32
N LEU A 32 3.65 12.12 -3.70
CA LEU A 32 4.81 11.51 -4.34
C LEU A 32 4.34 10.48 -5.36
N SER A 33 5.00 10.43 -6.52
CA SER A 33 4.62 9.49 -7.56
C SER A 33 4.95 8.07 -7.13
N THR A 34 5.79 7.95 -6.11
CA THR A 34 6.19 6.63 -5.62
C THR A 34 5.81 6.47 -4.15
N CYS A 35 5.03 5.43 -3.86
CA CYS A 35 4.61 5.16 -2.49
C CYS A 35 5.37 3.96 -1.94
N LEU A 36 6.06 4.16 -0.82
CA LEU A 36 6.84 3.09 -0.21
C LEU A 36 6.29 2.72 1.18
N PHE A 37 6.34 1.42 1.49
CA PHE A 37 5.84 0.92 2.76
C PHE A 37 6.96 0.38 3.64
N GLY A 38 6.87 0.63 4.95
CA GLY A 38 7.88 0.11 5.87
C GLY A 38 8.15 1.05 7.05
N ARG A 39 8.95 0.55 7.99
CA ARG A 39 9.31 1.31 9.18
C ARG A 39 10.14 2.54 8.82
N GLY A 40 10.98 2.40 7.81
CA GLY A 40 11.84 3.49 7.39
C GLY A 40 11.07 4.82 7.32
N ILE A 41 11.72 5.88 7.75
CA ILE A 41 11.11 7.20 7.74
C ILE A 41 10.86 7.68 6.32
N GLU A 42 11.74 7.28 5.40
CA GLU A 42 11.62 7.67 4.02
C GLU A 42 10.35 7.07 3.41
N CYS A 43 9.78 6.06 4.07
CA CYS A 43 8.58 5.40 3.56
C CYS A 43 7.41 6.37 3.54
N ASP A 44 6.77 6.50 2.39
CA ASP A 44 5.62 7.36 2.26
C ASP A 44 4.51 6.82 3.15
N ILE A 45 4.41 5.50 3.16
CA ILE A 45 3.42 4.85 3.99
C ILE A 45 4.13 4.20 5.16
N ARG A 46 4.45 5.02 6.16
CA ARG A 46 5.18 4.56 7.33
C ARG A 46 4.37 3.59 8.18
N ILE A 47 4.97 2.45 8.47
CA ILE A 47 4.34 1.42 9.28
C ILE A 47 5.19 1.11 10.50
N GLN A 48 4.59 1.10 11.68
CA GLN A 48 5.35 0.83 12.89
C GLN A 48 5.11 -0.61 13.37
N LEU A 49 5.85 -1.55 12.77
CA LEU A 49 5.76 -2.97 13.13
C LEU A 49 7.09 -3.67 12.81
N PRO A 50 7.81 -4.17 13.79
CA PRO A 50 9.10 -4.87 13.54
C PRO A 50 8.96 -5.97 12.50
N VAL A 51 7.82 -6.63 12.48
CA VAL A 51 7.58 -7.71 11.52
C VAL A 51 7.58 -7.19 10.08
N VAL A 52 7.14 -5.95 9.88
CA VAL A 52 7.13 -5.39 8.52
C VAL A 52 8.52 -4.88 8.16
N SER A 53 8.81 -4.80 6.86
CA SER A 53 10.14 -4.36 6.44
C SER A 53 10.15 -2.89 6.01
N LYS A 54 11.34 -2.28 6.04
CA LYS A 54 11.49 -0.89 5.64
C LYS A 54 11.06 -0.75 4.19
N GLN A 55 11.39 -1.77 3.41
CA GLN A 55 11.03 -1.82 1.99
C GLN A 55 10.09 -2.98 1.77
N HIS A 56 9.05 -3.06 2.59
CA HIS A 56 8.10 -4.15 2.52
C HIS A 56 7.37 -4.20 1.18
N CYS A 57 6.81 -3.07 0.77
CA CYS A 57 6.09 -3.01 -0.48
C CYS A 57 6.07 -1.58 -1.02
N LYS A 58 5.82 -1.45 -2.31
CA LYS A 58 5.81 -0.12 -2.94
C LYS A 58 4.69 0.02 -3.95
N ILE A 59 3.95 1.11 -3.83
CA ILE A 59 2.89 1.39 -4.77
C ILE A 59 3.35 2.50 -5.71
N GLU A 60 3.52 2.17 -6.99
CA GLU A 60 3.96 3.14 -7.97
C GLU A 60 2.78 3.66 -8.78
N ILE A 61 2.61 4.97 -8.80
CA ILE A 61 1.51 5.59 -9.51
C ILE A 61 1.88 5.90 -10.97
N HIS A 62 0.95 5.57 -11.87
CA HIS A 62 1.14 5.81 -13.29
C HIS A 62 0.18 6.90 -13.77
N GLU A 63 0.20 7.22 -15.05
CA GLU A 63 -0.66 8.26 -15.60
C GLU A 63 -2.02 8.28 -14.89
N GLN A 64 -2.67 7.12 -14.82
CA GLN A 64 -3.98 7.04 -14.15
C GLN A 64 -4.17 5.68 -13.47
N GLU A 65 -3.06 5.03 -13.11
CA GLU A 65 -3.15 3.72 -12.47
C GLU A 65 -2.12 3.56 -11.36
N ALA A 66 -2.41 2.67 -10.42
CA ALA A 66 -1.50 2.40 -9.32
C ALA A 66 -0.89 1.01 -9.50
N ILE A 67 0.42 0.89 -9.27
CA ILE A 67 1.10 -0.39 -9.45
C ILE A 67 1.86 -0.80 -8.18
N LEU A 68 1.66 -2.04 -7.73
CA LEU A 68 2.32 -2.54 -6.52
C LEU A 68 3.69 -3.09 -6.85
N HIS A 69 4.64 -2.89 -5.93
CA HIS A 69 5.99 -3.35 -6.12
C HIS A 69 6.52 -4.00 -4.84
N ASN A 70 6.12 -5.24 -4.63
CA ASN A 70 6.50 -6.02 -3.45
C ASN A 70 7.95 -6.50 -3.52
N PHE A 71 8.70 -6.25 -2.45
CA PHE A 71 10.10 -6.66 -2.37
C PHE A 71 10.26 -7.83 -1.40
N SER A 72 9.46 -7.82 -0.35
CA SER A 72 9.53 -8.85 0.69
C SER A 72 9.31 -10.25 0.13
N SER A 73 10.09 -11.21 0.64
CA SER A 73 9.98 -12.60 0.21
C SER A 73 9.39 -13.44 1.34
N THR A 74 10.03 -13.39 2.51
CA THR A 74 9.56 -14.14 3.66
C THR A 74 8.23 -13.58 4.12
N ASN A 75 8.09 -12.26 4.03
CA ASN A 75 6.85 -11.59 4.42
C ASN A 75 6.29 -10.84 3.22
N PRO A 76 5.67 -11.52 2.28
CA PRO A 76 5.10 -10.86 1.08
C PRO A 76 3.81 -10.11 1.37
N THR A 77 3.60 -9.04 0.62
CA THR A 77 2.39 -8.25 0.76
C THR A 77 1.24 -9.06 0.18
N GLN A 78 0.02 -8.72 0.55
CA GLN A 78 -1.13 -9.49 0.08
C GLN A 78 -2.17 -8.60 -0.59
N VAL A 79 -2.79 -9.14 -1.63
CA VAL A 79 -3.82 -8.40 -2.36
C VAL A 79 -5.13 -9.17 -2.44
N ASN A 80 -6.23 -8.48 -2.14
CA ASN A 80 -7.54 -9.10 -2.21
C ASN A 80 -7.52 -10.48 -1.56
N GLY A 81 -6.63 -10.68 -0.60
CA GLY A 81 -6.54 -11.96 0.09
C GLY A 81 -5.69 -12.98 -0.68
N SER A 82 -4.85 -12.48 -1.58
CA SER A 82 -3.98 -13.35 -2.36
C SER A 82 -2.51 -13.00 -2.12
N VAL A 83 -1.65 -14.02 -2.07
CA VAL A 83 -0.23 -13.79 -1.81
C VAL A 83 0.46 -13.18 -3.02
N ILE A 84 1.47 -12.36 -2.73
CA ILE A 84 2.22 -11.68 -3.77
C ILE A 84 3.68 -12.18 -3.77
N ASP A 85 4.06 -12.86 -4.85
CA ASP A 85 5.43 -13.38 -4.96
C ASP A 85 6.30 -12.42 -5.76
N GLU A 86 5.67 -11.40 -6.35
CA GLU A 86 6.39 -10.44 -7.16
C GLU A 86 5.48 -9.25 -7.48
N PRO A 87 6.00 -8.19 -8.07
CA PRO A 87 5.16 -7.00 -8.42
C PRO A 87 3.95 -7.40 -9.26
N VAL A 88 2.79 -6.79 -8.97
CA VAL A 88 1.58 -7.11 -9.73
C VAL A 88 0.79 -5.84 -10.02
N ARG A 89 -0.08 -5.93 -11.02
CA ARG A 89 -0.90 -4.78 -11.40
C ARG A 89 -1.91 -4.45 -10.32
N LEU A 90 -1.99 -3.18 -9.96
CA LEU A 90 -2.92 -2.75 -8.93
C LEU A 90 -3.99 -1.83 -9.54
N LYS A 91 -5.25 -2.24 -9.41
CA LYS A 91 -6.36 -1.47 -9.96
C LYS A 91 -7.12 -0.73 -8.88
N HIS A 92 -8.15 0.01 -9.28
CA HIS A 92 -8.95 0.76 -8.32
C HIS A 92 -9.94 -0.15 -7.59
N GLY A 93 -10.11 0.09 -6.29
CA GLY A 93 -11.03 -0.70 -5.48
C GLY A 93 -10.35 -1.90 -4.83
N ASP A 94 -9.09 -2.13 -5.18
CA ASP A 94 -8.34 -3.25 -4.62
C ASP A 94 -7.83 -2.94 -3.22
N VAL A 95 -7.61 -3.98 -2.43
CA VAL A 95 -7.11 -3.81 -1.08
C VAL A 95 -5.77 -4.53 -0.90
N ILE A 96 -4.83 -3.85 -0.25
CA ILE A 96 -3.50 -4.43 -0.02
C ILE A 96 -3.34 -4.78 1.45
N THR A 97 -2.86 -5.99 1.70
CA THR A 97 -2.65 -6.44 3.07
C THR A 97 -1.21 -6.88 3.31
N ILE A 98 -0.62 -6.35 4.37
CA ILE A 98 0.73 -6.70 4.75
C ILE A 98 0.67 -7.73 5.88
N ILE A 99 1.67 -7.80 6.76
CA ILE A 99 1.66 -8.79 7.83
C ILE A 99 0.49 -8.60 8.80
N ASP A 100 0.24 -7.36 9.23
CA ASP A 100 -0.86 -7.14 10.18
C ASP A 100 -1.68 -5.88 9.86
N ARG A 101 -1.34 -5.19 8.77
CA ARG A 101 -2.08 -3.98 8.41
C ARG A 101 -2.60 -4.05 6.98
N SER A 102 -3.63 -3.25 6.69
CA SER A 102 -4.22 -3.24 5.36
C SER A 102 -4.31 -1.83 4.80
N PHE A 103 -4.08 -1.73 3.49
CA PHE A 103 -4.14 -0.44 2.82
C PHE A 103 -5.05 -0.52 1.59
N ARG A 104 -5.78 0.55 1.33
CA ARG A 104 -6.68 0.57 0.21
C ARG A 104 -6.30 1.71 -0.75
N TYR A 105 -6.42 1.43 -2.04
CA TYR A 105 -6.11 2.42 -3.07
C TYR A 105 -7.37 2.76 -3.83
N GLU A 106 -7.86 3.99 -3.64
CA GLU A 106 -9.10 4.40 -4.32
C GLU A 106 -8.86 5.55 -5.28
N ASN A 107 -9.26 5.35 -6.53
CA ASN A 107 -9.13 6.39 -7.55
C ASN A 107 -10.51 6.71 -8.12
N GLU A 108 -11.21 7.64 -7.50
CA GLU A 108 -12.54 8.01 -7.95
C GLU A 108 -12.55 9.38 -8.63
N MET A 9 -4.80 18.80 -13.44
CA MET A 9 -3.67 18.21 -12.68
C MET A 9 -4.18 17.68 -11.35
N TRP A 10 -4.88 18.54 -10.61
CA TRP A 10 -5.44 18.18 -9.31
C TRP A 10 -5.75 16.68 -9.21
N PRO A 11 -4.83 15.89 -8.70
CA PRO A 11 -5.05 14.42 -8.54
C PRO A 11 -6.25 14.12 -7.63
N THR A 12 -6.95 13.03 -7.92
CA THR A 12 -8.12 12.66 -7.13
C THR A 12 -7.92 11.30 -6.46
N ARG A 13 -6.72 10.77 -6.59
CA ARG A 13 -6.40 9.47 -6.00
C ARG A 13 -6.10 9.62 -4.52
N ARG A 14 -6.59 8.68 -3.71
CA ARG A 14 -6.38 8.74 -2.27
C ARG A 14 -6.22 7.34 -1.68
N LEU A 15 -5.29 7.19 -0.74
CA LEU A 15 -5.06 5.89 -0.10
C LEU A 15 -5.55 5.97 1.35
N VAL A 16 -6.34 4.98 1.76
CA VAL A 16 -6.86 4.98 3.13
C VAL A 16 -6.38 3.72 3.85
N THR A 17 -5.88 3.89 5.06
CA THR A 17 -5.37 2.76 5.83
C THR A 17 -6.28 2.42 7.01
N ILE A 18 -6.79 1.19 7.01
CA ILE A 18 -7.67 0.71 8.06
C ILE A 18 -6.85 0.26 9.28
N LYS A 19 -7.26 0.69 10.48
CA LYS A 19 -6.55 0.29 11.69
C LYS A 19 -6.66 -1.22 11.91
N ARG A 20 -7.85 -1.76 11.66
CA ARG A 20 -8.09 -3.20 11.81
C ARG A 20 -9.10 -3.69 10.79
N SER A 21 -10.37 -3.72 11.18
CA SER A 21 -11.43 -4.17 10.28
C SER A 21 -12.75 -3.49 10.61
N GLY A 22 -13.34 -2.85 9.60
CA GLY A 22 -14.62 -2.17 9.80
C GLY A 22 -14.44 -0.85 10.54
N VAL A 23 -13.26 -0.25 10.41
CA VAL A 23 -12.97 1.02 11.08
C VAL A 23 -12.32 1.99 10.10
N ASP A 24 -12.56 3.28 10.34
CA ASP A 24 -12.01 4.32 9.47
C ASP A 24 -10.72 4.90 10.08
N GLY A 25 -9.60 4.63 9.43
CA GLY A 25 -8.32 5.11 9.91
C GLY A 25 -7.89 6.37 9.16
N PRO A 26 -6.70 6.85 9.43
CA PRO A 26 -6.16 8.08 8.76
C PRO A 26 -5.92 7.86 7.27
N HIS A 27 -6.10 8.92 6.48
CA HIS A 27 -5.92 8.81 5.04
C HIS A 27 -4.50 9.20 4.63
N PHE A 28 -4.10 8.82 3.42
CA PHE A 28 -2.77 9.14 2.94
C PHE A 28 -2.80 9.64 1.49
N PRO A 29 -2.73 10.94 1.26
CA PRO A 29 -2.75 11.48 -0.13
C PRO A 29 -1.44 11.18 -0.84
N LEU A 30 -1.48 11.05 -2.16
CA LEU A 30 -0.27 10.75 -2.91
C LEU A 30 0.56 11.99 -3.16
N SER A 31 1.36 12.35 -2.17
CA SER A 31 2.24 13.50 -2.29
C SER A 31 3.29 13.25 -3.36
N LEU A 32 3.79 12.01 -3.38
CA LEU A 32 4.80 11.61 -4.33
C LEU A 32 4.27 10.53 -5.28
N SER A 33 4.81 10.49 -6.49
CA SER A 33 4.39 9.50 -7.47
C SER A 33 4.73 8.09 -7.00
N THR A 34 5.75 7.97 -6.16
CA THR A 34 6.17 6.67 -5.65
C THR A 34 5.86 6.53 -4.16
N CYS A 35 5.02 5.56 -3.83
CA CYS A 35 4.66 5.31 -2.44
C CYS A 35 5.42 4.09 -1.90
N LEU A 36 6.03 4.25 -0.73
CA LEU A 36 6.81 3.17 -0.13
C LEU A 36 6.26 2.79 1.25
N PHE A 37 6.26 1.49 1.54
CA PHE A 37 5.75 0.97 2.81
C PHE A 37 6.86 0.37 3.65
N GLY A 38 6.79 0.54 4.98
CA GLY A 38 7.79 -0.04 5.84
C GLY A 38 8.10 0.82 7.07
N ARG A 39 8.88 0.24 7.97
CA ARG A 39 9.26 0.92 9.21
C ARG A 39 10.09 2.17 8.95
N GLY A 40 11.00 2.09 7.98
CA GLY A 40 11.86 3.23 7.67
C GLY A 40 11.03 4.50 7.49
N ILE A 41 11.56 5.62 7.97
CA ILE A 41 10.86 6.90 7.86
C ILE A 41 10.78 7.34 6.40
N GLU A 42 11.80 6.98 5.63
CA GLU A 42 11.83 7.35 4.22
C GLU A 42 10.60 6.82 3.51
N CYS A 43 9.92 5.85 4.11
CA CYS A 43 8.74 5.28 3.51
C CYS A 43 7.57 6.24 3.60
N ASP A 44 6.91 6.47 2.46
CA ASP A 44 5.76 7.36 2.42
C ASP A 44 4.66 6.82 3.31
N ILE A 45 4.53 5.51 3.29
CA ILE A 45 3.53 4.85 4.10
C ILE A 45 4.23 4.14 5.26
N ARG A 46 4.60 4.92 6.26
CA ARG A 46 5.32 4.39 7.42
C ARG A 46 4.43 3.49 8.25
N ILE A 47 4.97 2.33 8.63
CA ILE A 47 4.24 1.39 9.44
C ILE A 47 5.01 1.09 10.73
N GLN A 48 4.34 1.23 11.88
CA GLN A 48 5.01 0.95 13.14
C GLN A 48 4.72 -0.46 13.61
N LEU A 49 5.48 -1.41 13.07
CA LEU A 49 5.33 -2.80 13.45
C LEU A 49 6.65 -3.54 13.16
N PRO A 50 7.27 -4.19 14.11
CA PRO A 50 8.57 -4.90 13.88
C PRO A 50 8.46 -6.01 12.85
N VAL A 51 7.26 -6.56 12.70
CA VAL A 51 7.05 -7.65 11.75
C VAL A 51 7.21 -7.16 10.30
N VAL A 52 6.90 -5.89 10.05
CA VAL A 52 7.03 -5.33 8.69
C VAL A 52 8.47 -4.96 8.39
N SER A 53 8.80 -4.90 7.10
CA SER A 53 10.15 -4.54 6.67
C SER A 53 10.29 -3.04 6.43
N LYS A 54 11.53 -2.56 6.33
CA LYS A 54 11.79 -1.14 6.08
C LYS A 54 11.23 -0.74 4.73
N GLN A 55 11.34 -1.65 3.78
CA GLN A 55 10.83 -1.43 2.44
C GLN A 55 9.99 -2.64 2.07
N HIS A 56 8.95 -2.86 2.86
CA HIS A 56 8.07 -4.02 2.69
C HIS A 56 7.38 -4.03 1.31
N CYS A 57 6.75 -2.92 0.95
CA CYS A 57 6.06 -2.86 -0.33
C CYS A 57 6.06 -1.45 -0.89
N LYS A 58 5.85 -1.34 -2.20
CA LYS A 58 5.85 -0.04 -2.86
C LYS A 58 4.75 0.06 -3.91
N ILE A 59 3.94 1.11 -3.81
CA ILE A 59 2.90 1.33 -4.79
C ILE A 59 3.32 2.46 -5.73
N GLU A 60 3.56 2.11 -6.99
CA GLU A 60 3.97 3.09 -7.97
C GLU A 60 2.76 3.61 -8.74
N ILE A 61 2.70 4.92 -8.94
CA ILE A 61 1.59 5.51 -9.64
C ILE A 61 1.86 5.56 -11.14
N HIS A 62 0.92 5.07 -11.92
CA HIS A 62 1.07 5.06 -13.37
C HIS A 62 0.06 6.01 -13.99
N GLU A 63 0.02 6.05 -15.32
CA GLU A 63 -0.88 6.94 -16.05
C GLU A 63 -2.10 7.32 -15.19
N GLN A 64 -2.90 6.32 -14.80
CA GLN A 64 -4.06 6.58 -13.97
C GLN A 64 -4.32 5.42 -13.02
N GLU A 65 -3.31 4.60 -12.80
CA GLU A 65 -3.47 3.44 -11.91
C GLU A 65 -2.25 3.26 -11.00
N ALA A 66 -2.48 2.66 -9.84
CA ALA A 66 -1.40 2.42 -8.88
C ALA A 66 -0.83 1.01 -9.12
N ILE A 67 0.48 0.85 -8.98
CA ILE A 67 1.10 -0.45 -9.20
C ILE A 67 1.95 -0.88 -8.00
N LEU A 68 1.68 -2.07 -7.48
CA LEU A 68 2.40 -2.61 -6.32
C LEU A 68 3.78 -3.13 -6.71
N HIS A 69 4.73 -2.96 -5.79
CA HIS A 69 6.10 -3.41 -6.01
C HIS A 69 6.68 -3.97 -4.71
N ASN A 70 6.30 -5.21 -4.42
CA ASN A 70 6.75 -5.89 -3.19
C ASN A 70 8.23 -6.24 -3.24
N PHE A 71 8.90 -6.02 -2.10
CA PHE A 71 10.33 -6.33 -1.98
C PHE A 71 10.52 -7.55 -1.09
N SER A 72 9.67 -7.66 -0.06
CA SER A 72 9.76 -8.75 0.90
C SER A 72 9.64 -10.11 0.22
N SER A 73 10.47 -11.04 0.68
CA SER A 73 10.47 -12.39 0.15
C SER A 73 9.83 -13.36 1.13
N THR A 74 10.37 -13.39 2.36
CA THR A 74 9.84 -14.27 3.39
C THR A 74 8.39 -13.91 3.72
N ASN A 75 8.13 -12.62 3.83
CA ASN A 75 6.79 -12.13 4.15
C ASN A 75 6.27 -11.22 3.04
N PRO A 76 5.79 -11.77 1.95
CA PRO A 76 5.26 -10.95 0.81
C PRO A 76 3.95 -10.25 1.14
N THR A 77 3.74 -9.12 0.48
CA THR A 77 2.52 -8.34 0.64
C THR A 77 1.36 -9.12 0.02
N GLN A 78 0.13 -8.72 0.32
CA GLN A 78 -1.03 -9.45 -0.20
C GLN A 78 -2.03 -8.52 -0.88
N VAL A 79 -2.60 -8.99 -1.98
CA VAL A 79 -3.59 -8.22 -2.70
C VAL A 79 -4.87 -9.05 -2.89
N ASN A 80 -6.00 -8.47 -2.52
CA ASN A 80 -7.27 -9.16 -2.65
C ASN A 80 -7.17 -10.56 -2.05
N GLY A 81 -6.26 -10.73 -1.10
CA GLY A 81 -6.06 -12.02 -0.45
C GLY A 81 -4.97 -12.84 -1.13
N SER A 82 -4.57 -12.42 -2.33
CA SER A 82 -3.54 -13.14 -3.07
C SER A 82 -2.14 -12.70 -2.62
N VAL A 83 -1.21 -13.65 -2.57
CA VAL A 83 0.15 -13.34 -2.16
C VAL A 83 0.89 -12.63 -3.29
N ILE A 84 1.75 -11.69 -2.93
CA ILE A 84 2.51 -10.96 -3.94
C ILE A 84 3.95 -11.45 -3.99
N ASP A 85 4.26 -12.21 -5.04
CA ASP A 85 5.61 -12.73 -5.22
C ASP A 85 6.44 -11.73 -6.02
N GLU A 86 5.77 -11.04 -6.93
CA GLU A 86 6.42 -10.04 -7.76
C GLU A 86 5.48 -8.86 -7.97
N PRO A 87 5.93 -7.79 -8.58
CA PRO A 87 5.06 -6.59 -8.81
C PRO A 87 3.78 -6.99 -9.54
N VAL A 88 2.65 -6.42 -9.10
CA VAL A 88 1.36 -6.74 -9.72
C VAL A 88 0.56 -5.48 -9.99
N ARG A 89 -0.41 -5.58 -10.90
CA ARG A 89 -1.24 -4.43 -11.25
C ARG A 89 -2.43 -4.33 -10.29
N LEU A 90 -2.76 -3.10 -9.91
CA LEU A 90 -3.86 -2.89 -8.98
C LEU A 90 -5.08 -2.32 -9.70
N LYS A 91 -6.26 -2.75 -9.26
CA LYS A 91 -7.51 -2.26 -9.82
C LYS A 91 -8.21 -1.39 -8.79
N HIS A 92 -8.99 -0.42 -9.22
CA HIS A 92 -9.68 0.45 -8.28
C HIS A 92 -10.60 -0.38 -7.38
N GLY A 93 -10.49 -0.14 -6.07
CA GLY A 93 -11.30 -0.87 -5.11
C GLY A 93 -10.51 -2.02 -4.50
N ASP A 94 -9.34 -2.27 -5.08
CA ASP A 94 -8.46 -3.34 -4.60
C ASP A 94 -7.90 -2.98 -3.22
N VAL A 95 -7.68 -3.99 -2.39
CA VAL A 95 -7.15 -3.77 -1.05
C VAL A 95 -5.79 -4.45 -0.90
N ILE A 96 -4.81 -3.71 -0.38
CA ILE A 96 -3.48 -4.26 -0.18
C ILE A 96 -3.27 -4.54 1.29
N THR A 97 -2.71 -5.71 1.59
CA THR A 97 -2.50 -6.08 2.98
C THR A 97 -1.09 -6.57 3.23
N ILE A 98 -0.47 -6.03 4.28
CA ILE A 98 0.88 -6.44 4.64
C ILE A 98 0.79 -7.66 5.55
N ILE A 99 1.69 -7.77 6.51
CA ILE A 99 1.67 -8.89 7.42
C ILE A 99 0.38 -8.88 8.24
N ASP A 100 -0.02 -7.70 8.73
CA ASP A 100 -1.24 -7.59 9.54
C ASP A 100 -1.91 -6.23 9.36
N ARG A 101 -1.51 -5.48 8.34
CA ARG A 101 -2.09 -4.16 8.11
C ARG A 101 -2.72 -4.05 6.72
N SER A 102 -3.97 -3.58 6.67
CA SER A 102 -4.69 -3.44 5.41
C SER A 102 -4.66 -1.99 4.90
N PHE A 103 -4.53 -1.86 3.59
CA PHE A 103 -4.51 -0.54 2.95
C PHE A 103 -5.54 -0.50 1.82
N ARG A 104 -6.18 0.65 1.64
CA ARG A 104 -7.18 0.78 0.60
C ARG A 104 -6.71 1.70 -0.51
N TYR A 105 -6.92 1.30 -1.76
CA TYR A 105 -6.51 2.10 -2.91
C TYR A 105 -7.74 2.45 -3.74
N GLU A 106 -8.15 3.71 -3.68
CA GLU A 106 -9.34 4.16 -4.41
C GLU A 106 -8.97 5.20 -5.46
N ASN A 107 -9.35 4.94 -6.70
CA ASN A 107 -9.09 5.88 -7.79
C ASN A 107 -10.40 6.25 -8.48
N GLU A 108 -11.02 7.33 -8.03
CA GLU A 108 -12.28 7.76 -8.62
C GLU A 108 -12.12 9.09 -9.35
N MET A 9 -2.15 21.96 -5.43
CA MET A 9 -2.38 20.59 -5.97
C MET A 9 -3.84 20.19 -5.74
N TRP A 10 -4.29 19.15 -6.44
CA TRP A 10 -5.66 18.68 -6.31
C TRP A 10 -5.74 17.21 -6.72
N PRO A 11 -5.13 16.34 -5.96
CA PRO A 11 -5.13 14.89 -6.27
C PRO A 11 -6.50 14.22 -6.10
N THR A 12 -6.76 13.22 -6.94
CA THR A 12 -8.03 12.50 -6.89
C THR A 12 -7.80 11.06 -6.48
N ARG A 13 -6.59 10.79 -6.05
CA ARG A 13 -6.21 9.46 -5.63
C ARG A 13 -5.77 9.49 -4.17
N ARG A 14 -6.29 8.59 -3.37
CA ARG A 14 -5.92 8.54 -1.96
C ARG A 14 -5.83 7.11 -1.46
N LEU A 15 -5.04 6.91 -0.41
CA LEU A 15 -4.85 5.59 0.16
C LEU A 15 -5.50 5.55 1.55
N VAL A 16 -6.26 4.49 1.83
CA VAL A 16 -6.92 4.37 3.12
C VAL A 16 -6.45 3.11 3.85
N THR A 17 -6.18 3.25 5.15
CA THR A 17 -5.70 2.13 5.93
C THR A 17 -6.82 1.54 6.79
N ILE A 18 -7.16 0.27 6.51
CA ILE A 18 -8.21 -0.42 7.26
C ILE A 18 -7.67 -0.90 8.61
N LYS A 19 -8.41 -0.59 9.69
CA LYS A 19 -8.00 -1.03 11.03
C LYS A 19 -8.57 -2.42 11.28
N ARG A 20 -8.43 -2.91 12.51
CA ARG A 20 -8.95 -4.23 12.85
C ARG A 20 -10.46 -4.26 12.66
N SER A 21 -11.13 -3.21 13.11
CA SER A 21 -12.59 -3.13 12.97
C SER A 21 -12.96 -2.77 11.54
N GLY A 22 -14.15 -3.15 11.13
CA GLY A 22 -14.63 -2.85 9.78
C GLY A 22 -14.72 -1.35 9.58
N VAL A 23 -14.34 -0.61 10.62
CA VAL A 23 -14.39 0.85 10.56
C VAL A 23 -13.15 1.41 9.88
N ASP A 24 -13.37 2.34 8.97
CA ASP A 24 -12.28 2.97 8.24
C ASP A 24 -11.44 3.85 9.16
N GLY A 25 -10.12 3.80 8.94
CA GLY A 25 -9.19 4.61 9.73
C GLY A 25 -8.71 5.82 8.93
N PRO A 26 -7.63 6.43 9.35
CA PRO A 26 -7.03 7.63 8.68
C PRO A 26 -6.63 7.36 7.25
N HIS A 27 -6.71 8.39 6.41
CA HIS A 27 -6.35 8.26 5.01
C HIS A 27 -4.96 8.82 4.77
N PHE A 28 -4.36 8.43 3.66
CA PHE A 28 -3.02 8.87 3.33
C PHE A 28 -2.99 9.38 1.88
N PRO A 29 -2.84 10.66 1.66
CA PRO A 29 -2.80 11.21 0.27
C PRO A 29 -1.47 10.92 -0.40
N LEU A 30 -1.48 10.80 -1.71
CA LEU A 30 -0.25 10.49 -2.44
C LEU A 30 0.66 11.71 -2.54
N SER A 31 1.46 11.92 -1.50
CA SER A 31 2.40 13.04 -1.48
C SER A 31 3.39 12.92 -2.62
N LEU A 32 3.88 11.71 -2.86
CA LEU A 32 4.85 11.47 -3.92
C LEU A 32 4.31 10.43 -4.91
N SER A 33 4.80 10.49 -6.15
CA SER A 33 4.34 9.56 -7.19
C SER A 33 4.64 8.13 -6.79
N THR A 34 5.69 7.93 -6.02
CA THR A 34 6.07 6.60 -5.58
C THR A 34 5.73 6.42 -4.10
N CYS A 35 4.85 5.46 -3.81
CA CYS A 35 4.48 5.21 -2.43
C CYS A 35 5.26 4.02 -1.88
N LEU A 36 6.03 4.25 -0.83
CA LEU A 36 6.82 3.19 -0.22
C LEU A 36 6.29 2.85 1.19
N PHE A 37 6.24 1.55 1.48
CA PHE A 37 5.76 1.05 2.77
C PHE A 37 6.92 0.58 3.63
N GLY A 38 6.81 0.73 4.95
CA GLY A 38 7.87 0.26 5.83
C GLY A 38 8.17 1.22 6.96
N ARG A 39 8.86 0.70 7.96
CA ARG A 39 9.25 1.48 9.12
C ARG A 39 10.18 2.61 8.73
N GLY A 40 11.05 2.36 7.76
CA GLY A 40 11.97 3.40 7.30
C GLY A 40 11.22 4.71 7.11
N ILE A 41 11.88 5.81 7.42
CA ILE A 41 11.26 7.12 7.28
C ILE A 41 10.99 7.44 5.81
N GLU A 42 11.91 7.03 4.94
CA GLU A 42 11.73 7.28 3.52
C GLU A 42 10.40 6.69 3.05
N CYS A 43 9.85 5.74 3.80
CA CYS A 43 8.59 5.12 3.41
C CYS A 43 7.46 6.13 3.47
N ASP A 44 6.80 6.34 2.33
CA ASP A 44 5.70 7.28 2.27
C ASP A 44 4.60 6.79 3.20
N ILE A 45 4.46 5.48 3.24
CA ILE A 45 3.46 4.86 4.08
C ILE A 45 4.18 4.21 5.25
N ARG A 46 4.61 5.05 6.20
CA ARG A 46 5.33 4.56 7.36
C ARG A 46 4.45 3.69 8.23
N ILE A 47 4.93 2.47 8.48
CA ILE A 47 4.19 1.53 9.29
C ILE A 47 4.98 1.25 10.57
N GLN A 48 4.34 1.46 11.72
CA GLN A 48 5.04 1.22 12.98
C GLN A 48 4.81 -0.21 13.46
N LEU A 49 5.58 -1.15 12.91
CA LEU A 49 5.46 -2.55 13.30
C LEU A 49 6.77 -3.31 13.02
N PRO A 50 7.43 -3.86 14.03
CA PRO A 50 8.69 -4.62 13.82
C PRO A 50 8.60 -5.69 12.72
N VAL A 51 7.44 -6.36 12.62
CA VAL A 51 7.26 -7.42 11.63
C VAL A 51 7.35 -6.88 10.19
N VAL A 52 6.83 -5.68 9.97
CA VAL A 52 6.87 -5.07 8.64
C VAL A 52 8.30 -4.70 8.30
N SER A 53 8.69 -4.90 7.05
CA SER A 53 10.06 -4.58 6.65
C SER A 53 10.20 -3.10 6.30
N LYS A 54 11.46 -2.62 6.29
CA LYS A 54 11.73 -1.22 5.95
C LYS A 54 11.31 -0.96 4.51
N GLN A 55 11.58 -1.92 3.63
CA GLN A 55 11.19 -1.81 2.23
C GLN A 55 10.23 -2.95 1.90
N HIS A 56 9.17 -3.05 2.70
CA HIS A 56 8.19 -4.12 2.56
C HIS A 56 7.55 -4.13 1.16
N CYS A 57 7.11 -2.97 0.70
CA CYS A 57 6.46 -2.88 -0.62
C CYS A 57 6.25 -1.43 -1.02
N LYS A 58 6.00 -1.18 -2.31
CA LYS A 58 5.77 0.20 -2.72
C LYS A 58 4.75 0.28 -3.84
N ILE A 59 3.96 1.36 -3.82
CA ILE A 59 2.98 1.57 -4.87
C ILE A 59 3.43 2.65 -5.84
N GLU A 60 3.73 2.23 -7.07
CA GLU A 60 4.14 3.17 -8.11
C GLU A 60 2.91 3.66 -8.84
N ILE A 61 2.97 4.89 -9.32
CA ILE A 61 1.84 5.48 -10.00
C ILE A 61 2.12 5.70 -11.48
N HIS A 62 1.14 5.39 -12.32
CA HIS A 62 1.28 5.58 -13.76
C HIS A 62 0.29 6.62 -14.25
N GLU A 63 0.29 6.87 -15.55
CA GLU A 63 -0.60 7.88 -16.13
C GLU A 63 -1.96 7.87 -15.44
N GLN A 64 -2.58 6.70 -15.35
CA GLN A 64 -3.87 6.59 -14.68
C GLN A 64 -3.99 5.26 -13.96
N GLU A 65 -2.87 4.72 -13.50
CA GLU A 65 -2.90 3.44 -12.79
C GLU A 65 -1.86 3.40 -11.66
N ALA A 66 -2.14 2.56 -10.67
CA ALA A 66 -1.24 2.39 -9.53
C ALA A 66 -0.66 0.98 -9.56
N ILE A 67 0.64 0.87 -9.43
CA ILE A 67 1.30 -0.44 -9.47
C ILE A 67 2.13 -0.68 -8.23
N LEU A 68 2.14 -1.93 -7.79
CA LEU A 68 2.86 -2.32 -6.58
C LEU A 68 4.14 -3.08 -6.90
N HIS A 69 5.16 -2.86 -6.08
CA HIS A 69 6.43 -3.54 -6.27
C HIS A 69 6.92 -4.11 -4.93
N ASN A 70 6.33 -5.23 -4.56
CA ASN A 70 6.67 -5.91 -3.32
C ASN A 70 8.11 -6.43 -3.35
N PHE A 71 8.79 -6.23 -2.23
CA PHE A 71 10.18 -6.68 -2.10
C PHE A 71 10.28 -7.82 -1.09
N SER A 72 9.44 -7.76 -0.05
CA SER A 72 9.49 -8.77 1.02
C SER A 72 9.28 -10.18 0.47
N SER A 73 10.10 -11.11 0.96
CA SER A 73 10.02 -12.51 0.52
C SER A 73 9.46 -13.41 1.63
N THR A 74 10.00 -13.29 2.84
CA THR A 74 9.54 -14.09 3.96
C THR A 74 8.09 -13.76 4.29
N ASN A 75 7.76 -12.49 4.09
CA ASN A 75 6.40 -12.02 4.34
C ASN A 75 6.00 -11.05 3.22
N PRO A 76 5.60 -11.57 2.09
CA PRO A 76 5.22 -10.70 0.94
C PRO A 76 3.89 -9.99 1.15
N THR A 77 3.77 -8.81 0.58
CA THR A 77 2.55 -8.05 0.69
C THR A 77 1.43 -8.82 0.03
N GLN A 78 0.19 -8.58 0.45
CA GLN A 78 -0.94 -9.33 -0.11
C GLN A 78 -2.02 -8.40 -0.65
N VAL A 79 -2.75 -8.88 -1.65
CA VAL A 79 -3.82 -8.09 -2.27
C VAL A 79 -5.07 -8.93 -2.48
N ASN A 80 -6.21 -8.35 -2.17
CA ASN A 80 -7.47 -9.05 -2.34
C ASN A 80 -7.41 -10.41 -1.66
N GLY A 81 -6.44 -10.57 -0.76
CA GLY A 81 -6.29 -11.83 -0.03
C GLY A 81 -5.29 -12.76 -0.71
N SER A 82 -4.87 -12.39 -1.91
CA SER A 82 -3.91 -13.19 -2.66
C SER A 82 -2.50 -12.84 -2.22
N VAL A 83 -1.52 -13.53 -2.79
CA VAL A 83 -0.14 -13.26 -2.45
C VAL A 83 0.56 -12.57 -3.61
N ILE A 84 1.36 -11.58 -3.28
CA ILE A 84 2.06 -10.81 -4.28
C ILE A 84 3.55 -11.20 -4.33
N ASP A 85 3.86 -12.26 -5.06
CA ASP A 85 5.25 -12.72 -5.18
C ASP A 85 6.09 -11.69 -5.94
N GLU A 86 5.49 -11.09 -6.94
CA GLU A 86 6.19 -10.10 -7.75
C GLU A 86 5.30 -8.86 -7.91
N PRO A 87 5.80 -7.82 -8.51
CA PRO A 87 5.01 -6.57 -8.72
C PRO A 87 3.72 -6.85 -9.51
N VAL A 88 2.63 -6.23 -9.10
CA VAL A 88 1.35 -6.44 -9.78
C VAL A 88 0.57 -5.14 -9.89
N ARG A 89 -0.39 -5.12 -10.79
CA ARG A 89 -1.25 -3.95 -10.96
C ARG A 89 -2.56 -4.16 -10.24
N LEU A 90 -3.01 -3.15 -9.52
CA LEU A 90 -4.26 -3.27 -8.77
C LEU A 90 -5.35 -2.39 -9.39
N LYS A 91 -6.58 -2.91 -9.41
CA LYS A 91 -7.70 -2.15 -9.94
C LYS A 91 -8.31 -1.33 -8.81
N HIS A 92 -9.04 -0.29 -9.17
CA HIS A 92 -9.64 0.57 -8.16
C HIS A 92 -10.51 -0.25 -7.21
N GLY A 93 -10.47 0.12 -5.93
CA GLY A 93 -11.24 -0.58 -4.92
C GLY A 93 -10.51 -1.80 -4.38
N ASP A 94 -9.26 -1.99 -4.82
CA ASP A 94 -8.46 -3.12 -4.35
C ASP A 94 -7.92 -2.89 -2.95
N VAL A 95 -7.69 -3.98 -2.23
CA VAL A 95 -7.20 -3.90 -0.86
C VAL A 95 -5.84 -4.61 -0.72
N ILE A 96 -4.89 -3.93 -0.09
CA ILE A 96 -3.56 -4.50 0.12
C ILE A 96 -3.35 -4.85 1.60
N THR A 97 -2.84 -6.06 1.84
CA THR A 97 -2.61 -6.49 3.22
C THR A 97 -1.17 -6.94 3.45
N ILE A 98 -0.57 -6.40 4.50
CA ILE A 98 0.79 -6.77 4.88
C ILE A 98 0.71 -7.83 5.98
N ILE A 99 1.72 -7.94 6.84
CA ILE A 99 1.69 -8.94 7.90
C ILE A 99 0.54 -8.69 8.87
N ASP A 100 0.35 -7.43 9.27
CA ASP A 100 -0.72 -7.12 10.21
C ASP A 100 -1.39 -5.79 9.89
N ARG A 101 -1.04 -5.18 8.77
CA ARG A 101 -1.62 -3.90 8.38
C ARG A 101 -2.26 -4.01 7.01
N SER A 102 -3.22 -3.13 6.71
CA SER A 102 -3.89 -3.18 5.42
C SER A 102 -4.08 -1.80 4.80
N PHE A 103 -4.10 -1.76 3.48
CA PHE A 103 -4.27 -0.50 2.76
C PHE A 103 -5.19 -0.67 1.56
N ARG A 104 -5.90 0.40 1.24
CA ARG A 104 -6.81 0.39 0.10
C ARG A 104 -6.36 1.39 -0.95
N TYR A 105 -6.52 1.04 -2.21
CA TYR A 105 -6.14 1.93 -3.30
C TYR A 105 -7.38 2.42 -4.03
N GLU A 106 -7.76 3.66 -3.77
CA GLU A 106 -8.95 4.22 -4.40
C GLU A 106 -8.60 5.35 -5.38
N ASN A 107 -9.08 5.21 -6.61
CA ASN A 107 -8.83 6.21 -7.64
C ASN A 107 -10.16 6.72 -8.22
N GLU A 108 -10.74 7.72 -7.57
CA GLU A 108 -12.01 8.28 -8.02
C GLU A 108 -11.85 9.75 -8.40
N MET A 9 -7.53 16.24 -16.60
CA MET A 9 -8.46 15.62 -15.61
C MET A 9 -7.97 15.92 -14.19
N TRP A 10 -6.67 16.14 -14.04
CA TRP A 10 -6.09 16.42 -12.73
C TRP A 10 -6.82 15.62 -11.66
N PRO A 11 -6.75 14.32 -11.74
CA PRO A 11 -7.42 13.40 -10.77
C PRO A 11 -6.69 13.35 -9.42
N THR A 12 -7.44 13.05 -8.37
CA THR A 12 -6.87 12.97 -7.03
C THR A 12 -6.94 11.53 -6.51
N ARG A 13 -5.82 11.03 -6.01
CA ARG A 13 -5.78 9.67 -5.49
C ARG A 13 -5.25 9.68 -4.06
N ARG A 14 -5.78 8.78 -3.23
CA ARG A 14 -5.34 8.71 -1.86
C ARG A 14 -5.34 7.28 -1.35
N LEU A 15 -4.39 6.97 -0.49
CA LEU A 15 -4.31 5.62 0.08
C LEU A 15 -5.12 5.57 1.37
N VAL A 16 -5.83 4.48 1.58
CA VAL A 16 -6.66 4.36 2.78
C VAL A 16 -6.25 3.14 3.59
N THR A 17 -6.08 3.34 4.90
CA THR A 17 -5.70 2.26 5.78
C THR A 17 -6.81 1.95 6.76
N ILE A 18 -7.21 0.69 6.82
CA ILE A 18 -8.29 0.29 7.71
C ILE A 18 -7.77 0.12 9.12
N LYS A 19 -8.24 0.97 10.03
CA LYS A 19 -7.83 0.91 11.42
C LYS A 19 -8.37 -0.38 12.05
N ARG A 20 -9.65 -0.65 11.79
CA ARG A 20 -10.30 -1.85 12.31
C ARG A 20 -11.13 -2.50 11.21
N SER A 21 -11.28 -3.82 11.26
CA SER A 21 -12.06 -4.52 10.26
C SER A 21 -13.47 -3.95 10.20
N GLY A 22 -13.89 -3.51 9.02
CA GLY A 22 -15.21 -2.93 8.85
C GLY A 22 -15.17 -1.41 8.97
N VAL A 23 -13.96 -0.86 9.05
CA VAL A 23 -13.80 0.59 9.17
C VAL A 23 -12.82 1.08 8.10
N ASP A 24 -12.96 2.34 7.68
CA ASP A 24 -12.08 2.90 6.66
C ASP A 24 -10.95 3.68 7.28
N GLY A 25 -10.86 3.60 8.60
CA GLY A 25 -9.81 4.29 9.36
C GLY A 25 -9.35 5.58 8.68
N PRO A 26 -8.14 6.02 8.96
CA PRO A 26 -7.57 7.28 8.39
C PRO A 26 -7.07 7.11 6.95
N HIS A 27 -6.91 8.23 6.26
CA HIS A 27 -6.42 8.20 4.88
C HIS A 27 -5.02 8.82 4.77
N PHE A 28 -4.29 8.43 3.74
CA PHE A 28 -2.93 8.94 3.54
C PHE A 28 -2.83 9.66 2.20
N PRO A 29 -2.37 10.90 2.17
CA PRO A 29 -2.23 11.67 0.91
C PRO A 29 -1.02 11.21 0.09
N LEU A 30 -1.14 11.25 -1.24
CA LEU A 30 -0.05 10.84 -2.10
C LEU A 30 0.85 12.02 -2.44
N SER A 31 1.76 12.34 -1.53
CA SER A 31 2.68 13.46 -1.73
C SER A 31 3.52 13.21 -2.98
N LEU A 32 3.98 11.98 -3.14
CA LEU A 32 4.79 11.62 -4.30
C LEU A 32 4.10 10.54 -5.12
N SER A 33 4.37 10.53 -6.42
CA SER A 33 3.76 9.54 -7.31
C SER A 33 4.11 8.13 -6.85
N THR A 34 5.35 7.95 -6.44
CA THR A 34 5.81 6.64 -6.00
C THR A 34 5.49 6.45 -4.52
N CYS A 35 4.61 5.49 -4.21
CA CYS A 35 4.28 5.24 -2.82
C CYS A 35 5.13 4.10 -2.25
N LEU A 36 5.72 4.34 -1.09
CA LEU A 36 6.58 3.34 -0.47
C LEU A 36 6.02 2.93 0.91
N PHE A 37 6.05 1.63 1.17
CA PHE A 37 5.56 1.09 2.43
C PHE A 37 6.72 0.62 3.28
N GLY A 38 6.64 0.82 4.59
CA GLY A 38 7.70 0.38 5.46
C GLY A 38 7.76 1.14 6.77
N ARG A 39 8.33 0.49 7.76
CA ARG A 39 8.46 1.07 9.09
C ARG A 39 9.40 2.26 9.09
N GLY A 40 10.49 2.16 8.33
CA GLY A 40 11.46 3.26 8.26
C GLY A 40 10.78 4.54 7.78
N ILE A 41 11.39 5.67 8.11
CA ILE A 41 10.85 6.98 7.72
C ILE A 41 10.90 7.16 6.20
N GLU A 42 11.92 6.58 5.57
CA GLU A 42 12.10 6.70 4.13
C GLU A 42 10.84 6.29 3.37
N CYS A 43 9.95 5.55 4.04
CA CYS A 43 8.71 5.11 3.40
C CYS A 43 7.63 6.17 3.46
N ASP A 44 7.02 6.44 2.31
CA ASP A 44 5.95 7.43 2.23
C ASP A 44 4.78 6.98 3.09
N ILE A 45 4.53 5.68 3.04
CA ILE A 45 3.45 5.09 3.82
C ILE A 45 4.09 4.39 5.03
N ARG A 46 4.41 5.19 6.04
CA ARG A 46 5.06 4.66 7.23
C ARG A 46 4.14 3.72 7.99
N ILE A 47 4.66 2.54 8.32
CA ILE A 47 3.88 1.53 9.04
C ILE A 47 4.49 1.29 10.42
N GLN A 48 3.71 1.44 11.48
CA GLN A 48 4.26 1.21 12.81
C GLN A 48 4.14 -0.26 13.23
N LEU A 49 5.07 -1.06 12.73
CA LEU A 49 5.11 -2.48 13.05
C LEU A 49 6.54 -3.01 12.82
N PRO A 50 7.27 -3.39 13.85
CA PRO A 50 8.67 -3.90 13.68
C PRO A 50 8.79 -5.03 12.65
N VAL A 51 7.75 -5.84 12.54
CA VAL A 51 7.77 -6.96 11.59
C VAL A 51 7.84 -6.49 10.13
N VAL A 52 7.28 -5.31 9.84
CA VAL A 52 7.30 -4.79 8.47
C VAL A 52 8.71 -4.33 8.09
N SER A 53 9.05 -4.48 6.81
CA SER A 53 10.38 -4.10 6.32
C SER A 53 10.41 -2.61 5.94
N LYS A 54 11.62 -2.07 5.80
CA LYS A 54 11.78 -0.66 5.43
C LYS A 54 11.17 -0.41 4.05
N GLN A 55 11.36 -1.37 3.15
CA GLN A 55 10.81 -1.29 1.82
C GLN A 55 9.95 -2.52 1.57
N HIS A 56 8.95 -2.70 2.43
CA HIS A 56 8.09 -3.87 2.35
C HIS A 56 7.34 -3.95 1.03
N CYS A 57 6.66 -2.87 0.65
CA CYS A 57 5.92 -2.85 -0.59
C CYS A 57 5.91 -1.45 -1.19
N LYS A 58 5.67 -1.38 -2.49
CA LYS A 58 5.68 -0.10 -3.17
C LYS A 58 4.58 0.01 -4.21
N ILE A 59 3.82 1.09 -4.15
CA ILE A 59 2.79 1.32 -5.14
C ILE A 59 3.32 2.32 -6.16
N GLU A 60 3.78 1.81 -7.29
CA GLU A 60 4.30 2.68 -8.33
C GLU A 60 3.15 3.24 -9.14
N ILE A 61 3.06 4.56 -9.16
CA ILE A 61 1.97 5.21 -9.87
C ILE A 61 2.44 5.75 -11.21
N HIS A 62 1.79 5.27 -12.27
CA HIS A 62 2.13 5.71 -13.61
C HIS A 62 1.03 6.56 -14.21
N GLU A 63 1.10 6.78 -15.51
CA GLU A 63 0.15 7.62 -16.23
C GLU A 63 -1.20 7.75 -15.50
N GLN A 64 -1.91 6.65 -15.29
CA GLN A 64 -3.21 6.74 -14.63
C GLN A 64 -3.54 5.54 -13.73
N GLU A 65 -2.54 4.85 -13.19
CA GLU A 65 -2.85 3.71 -12.32
C GLU A 65 -1.74 3.43 -11.30
N ALA A 66 -2.14 2.84 -10.17
CA ALA A 66 -1.19 2.48 -9.12
C ALA A 66 -0.74 1.02 -9.30
N ILE A 67 0.57 0.79 -9.17
CA ILE A 67 1.10 -0.56 -9.36
C ILE A 67 1.93 -1.00 -8.15
N LEU A 68 1.59 -2.17 -7.59
CA LEU A 68 2.30 -2.71 -6.42
C LEU A 68 3.67 -3.23 -6.80
N HIS A 69 4.63 -3.08 -5.87
CA HIS A 69 6.00 -3.55 -6.10
C HIS A 69 6.57 -4.13 -4.80
N ASN A 70 6.16 -5.36 -4.51
CA ASN A 70 6.60 -6.06 -3.29
C ASN A 70 8.08 -6.41 -3.34
N PHE A 71 8.77 -6.16 -2.24
CA PHE A 71 10.19 -6.46 -2.14
C PHE A 71 10.41 -7.67 -1.23
N SER A 72 9.61 -7.76 -0.18
CA SER A 72 9.73 -8.84 0.79
C SER A 72 9.46 -10.20 0.17
N SER A 73 10.29 -11.18 0.54
CA SER A 73 10.15 -12.53 0.03
C SER A 73 9.56 -13.44 1.10
N THR A 74 10.18 -13.46 2.28
CA THR A 74 9.69 -14.28 3.38
C THR A 74 8.29 -13.84 3.79
N ASN A 75 8.12 -12.54 3.94
CA ASN A 75 6.81 -11.98 4.30
C ASN A 75 6.30 -11.13 3.15
N PRO A 76 5.77 -11.74 2.13
CA PRO A 76 5.25 -11.01 0.94
C PRO A 76 3.96 -10.26 1.23
N THR A 77 3.76 -9.17 0.51
CA THR A 77 2.55 -8.36 0.67
C THR A 77 1.37 -9.14 0.08
N GLN A 78 0.16 -8.79 0.51
CA GLN A 78 -1.03 -9.49 0.05
C GLN A 78 -2.04 -8.53 -0.57
N VAL A 79 -2.69 -8.97 -1.64
CA VAL A 79 -3.69 -8.14 -2.30
C VAL A 79 -4.99 -8.90 -2.49
N ASN A 80 -6.10 -8.29 -2.08
CA ASN A 80 -7.40 -8.91 -2.21
C ASN A 80 -7.40 -10.33 -1.64
N GLY A 81 -6.56 -10.55 -0.63
CA GLY A 81 -6.48 -11.86 0.01
C GLY A 81 -5.60 -12.83 -0.78
N SER A 82 -4.70 -12.29 -1.59
CA SER A 82 -3.81 -13.14 -2.38
C SER A 82 -2.36 -12.69 -2.19
N VAL A 83 -1.45 -13.65 -2.09
CA VAL A 83 -0.04 -13.32 -1.88
C VAL A 83 0.57 -12.65 -3.10
N ILE A 84 1.54 -11.79 -2.85
CA ILE A 84 2.21 -11.07 -3.91
C ILE A 84 3.64 -11.58 -4.13
N ASP A 85 3.79 -12.53 -5.04
CA ASP A 85 5.10 -13.09 -5.35
C ASP A 85 5.98 -12.04 -6.02
N GLU A 86 5.37 -11.25 -6.91
CA GLU A 86 6.08 -10.20 -7.64
C GLU A 86 5.15 -9.01 -7.87
N PRO A 87 5.64 -7.93 -8.43
CA PRO A 87 4.79 -6.73 -8.69
C PRO A 87 3.55 -7.08 -9.50
N VAL A 88 2.42 -6.51 -9.11
CA VAL A 88 1.16 -6.79 -9.80
C VAL A 88 0.38 -5.50 -10.04
N ARG A 89 -0.55 -5.55 -10.98
CA ARG A 89 -1.36 -4.38 -11.29
C ARG A 89 -2.53 -4.27 -10.32
N LEU A 90 -2.78 -3.05 -9.86
CA LEU A 90 -3.86 -2.82 -8.91
C LEU A 90 -5.07 -2.21 -9.59
N LYS A 91 -6.24 -2.68 -9.19
CA LYS A 91 -7.49 -2.17 -9.72
C LYS A 91 -8.15 -1.33 -8.63
N HIS A 92 -8.99 -0.38 -9.02
CA HIS A 92 -9.62 0.48 -8.02
C HIS A 92 -10.49 -0.35 -7.07
N GLY A 93 -10.41 -0.03 -5.79
CA GLY A 93 -11.21 -0.74 -4.79
C GLY A 93 -10.48 -1.96 -4.25
N ASP A 94 -9.22 -2.16 -4.68
CA ASP A 94 -8.45 -3.31 -4.23
C ASP A 94 -7.94 -3.09 -2.81
N VAL A 95 -7.67 -4.18 -2.09
CA VAL A 95 -7.16 -4.08 -0.73
C VAL A 95 -5.78 -4.71 -0.64
N ILE A 96 -4.83 -3.96 -0.09
CA ILE A 96 -3.46 -4.43 0.04
C ILE A 96 -3.18 -4.69 1.52
N THR A 97 -2.59 -5.81 1.85
CA THR A 97 -2.30 -6.11 3.24
C THR A 97 -0.86 -6.56 3.44
N ILE A 98 -0.20 -5.96 4.42
CA ILE A 98 1.17 -6.32 4.74
C ILE A 98 1.17 -7.54 5.66
N ILE A 99 2.12 -7.60 6.58
CA ILE A 99 2.20 -8.73 7.49
C ILE A 99 0.97 -8.83 8.40
N ASP A 100 0.52 -7.70 8.95
CA ASP A 100 -0.65 -7.74 9.84
C ASP A 100 -1.56 -6.52 9.68
N ARG A 101 -1.34 -5.71 8.65
CA ARG A 101 -2.18 -4.52 8.46
C ARG A 101 -2.79 -4.48 7.06
N SER A 102 -4.01 -3.94 6.98
CA SER A 102 -4.70 -3.83 5.70
C SER A 102 -4.63 -2.40 5.15
N PHE A 103 -4.39 -2.31 3.85
CA PHE A 103 -4.30 -1.02 3.17
C PHE A 103 -5.20 -1.02 1.94
N ARG A 104 -5.77 0.14 1.63
CA ARG A 104 -6.67 0.24 0.50
C ARG A 104 -6.25 1.37 -0.45
N TYR A 105 -6.41 1.13 -1.74
CA TYR A 105 -6.09 2.13 -2.75
C TYR A 105 -7.38 2.60 -3.41
N GLU A 106 -7.70 3.89 -3.23
CA GLU A 106 -8.93 4.44 -3.78
C GLU A 106 -8.66 5.57 -4.76
N ASN A 107 -9.05 5.37 -6.02
CA ASN A 107 -8.85 6.38 -7.05
C ASN A 107 -10.12 7.20 -7.27
N GLU A 108 -10.08 8.48 -6.90
CA GLU A 108 -11.24 9.36 -7.08
C GLU A 108 -11.10 10.18 -8.36
N MET A 9 -2.17 21.68 -10.01
CA MET A 9 -3.17 20.59 -9.90
C MET A 9 -2.78 19.67 -8.74
N TRP A 10 -3.76 19.34 -7.90
CA TRP A 10 -3.51 18.46 -6.77
C TRP A 10 -3.79 17.01 -7.17
N PRO A 11 -3.30 16.07 -6.41
CA PRO A 11 -3.50 14.62 -6.68
C PRO A 11 -4.94 14.17 -6.45
N THR A 12 -5.37 13.19 -7.24
CA THR A 12 -6.74 12.68 -7.13
C THR A 12 -6.75 11.24 -6.64
N ARG A 13 -5.63 10.82 -6.06
CA ARG A 13 -5.52 9.45 -5.55
C ARG A 13 -5.57 9.46 -4.04
N ARG A 14 -6.33 8.53 -3.46
CA ARG A 14 -6.45 8.46 -2.01
C ARG A 14 -6.22 7.05 -1.50
N LEU A 15 -5.45 6.93 -0.42
CA LEU A 15 -5.17 5.63 0.16
C LEU A 15 -5.71 5.64 1.59
N VAL A 16 -6.45 4.60 1.96
CA VAL A 16 -7.04 4.56 3.30
C VAL A 16 -6.76 3.23 4.00
N THR A 17 -6.68 3.28 5.32
CA THR A 17 -6.43 2.07 6.10
C THR A 17 -7.75 1.33 6.39
N ILE A 18 -7.64 0.06 6.75
CA ILE A 18 -8.83 -0.77 7.04
C ILE A 18 -8.94 -1.13 8.51
N LYS A 19 -10.16 -1.02 9.04
CA LYS A 19 -10.45 -1.33 10.43
C LYS A 19 -10.62 -2.84 10.61
N ARG A 20 -11.13 -3.25 11.77
CA ARG A 20 -11.32 -4.67 12.05
C ARG A 20 -10.03 -5.44 11.77
N SER A 21 -9.81 -5.78 10.50
CA SER A 21 -8.60 -6.50 10.11
C SER A 21 -7.38 -5.65 10.47
N GLY A 22 -7.49 -4.36 10.21
CA GLY A 22 -6.42 -3.42 10.52
C GLY A 22 -6.97 -2.25 11.32
N VAL A 23 -6.56 -1.04 10.96
CA VAL A 23 -7.04 0.15 11.63
C VAL A 23 -7.43 1.23 10.64
N ASP A 24 -8.71 1.27 10.28
CA ASP A 24 -9.18 2.30 9.38
C ASP A 24 -9.17 3.61 10.13
N GLY A 25 -9.78 4.61 9.55
CA GLY A 25 -9.83 5.92 10.18
C GLY A 25 -9.04 6.96 9.39
N PRO A 26 -7.74 7.01 9.59
CA PRO A 26 -6.86 7.99 8.89
C PRO A 26 -6.63 7.62 7.42
N HIS A 27 -6.37 8.65 6.62
CA HIS A 27 -6.13 8.46 5.19
C HIS A 27 -4.73 8.90 4.83
N PHE A 28 -4.26 8.47 3.67
CA PHE A 28 -2.92 8.85 3.22
C PHE A 28 -2.96 9.42 1.81
N PRO A 29 -3.10 10.71 1.66
CA PRO A 29 -3.11 11.36 0.31
C PRO A 29 -1.80 11.10 -0.41
N LEU A 30 -1.85 10.99 -1.73
CA LEU A 30 -0.65 10.73 -2.49
C LEU A 30 -0.11 12.01 -3.09
N SER A 31 1.07 12.41 -2.63
CA SER A 31 1.70 13.63 -3.11
C SER A 31 2.93 13.26 -3.94
N LEU A 32 3.21 11.96 -4.01
CA LEU A 32 4.35 11.46 -4.75
C LEU A 32 3.92 10.42 -5.77
N SER A 33 4.69 10.31 -6.86
CA SER A 33 4.37 9.33 -7.90
C SER A 33 4.84 7.94 -7.48
N THR A 34 5.50 7.87 -6.34
CA THR A 34 6.00 6.60 -5.83
C THR A 34 5.67 6.44 -4.35
N CYS A 35 4.83 5.46 -4.03
CA CYS A 35 4.45 5.21 -2.65
C CYS A 35 5.23 4.03 -2.09
N LEU A 36 5.85 4.23 -0.93
CA LEU A 36 6.68 3.18 -0.32
C LEU A 36 6.19 2.82 1.08
N PHE A 37 6.17 1.51 1.35
CA PHE A 37 5.74 0.98 2.65
C PHE A 37 6.95 0.53 3.45
N GLY A 38 6.94 0.71 4.77
CA GLY A 38 8.09 0.27 5.56
C GLY A 38 8.20 0.97 6.90
N ARG A 39 9.04 0.40 7.76
CA ARG A 39 9.27 0.95 9.11
C ARG A 39 9.97 2.31 9.03
N GLY A 40 10.89 2.42 8.08
CA GLY A 40 11.66 3.66 7.91
C GLY A 40 10.79 4.82 7.45
N ILE A 41 11.14 6.02 7.89
CA ILE A 41 10.42 7.22 7.51
C ILE A 41 10.53 7.44 6.01
N GLU A 42 11.70 7.13 5.45
CA GLU A 42 11.92 7.30 4.03
C GLU A 42 10.73 6.76 3.25
N CYS A 43 10.00 5.84 3.88
CA CYS A 43 8.83 5.25 3.24
C CYS A 43 7.69 6.27 3.22
N ASP A 44 7.06 6.45 2.07
CA ASP A 44 5.96 7.39 1.98
C ASP A 44 4.86 6.93 2.90
N ILE A 45 4.69 5.62 2.97
CA ILE A 45 3.69 5.03 3.82
C ILE A 45 4.39 4.36 5.00
N ARG A 46 4.62 5.12 6.06
CA ARG A 46 5.32 4.62 7.23
C ARG A 46 4.44 3.67 8.04
N ILE A 47 5.04 2.55 8.44
CA ILE A 47 4.32 1.57 9.24
C ILE A 47 5.09 1.28 10.54
N GLN A 48 4.42 1.41 11.68
CA GLN A 48 5.09 1.14 12.95
C GLN A 48 4.86 -0.29 13.38
N LEU A 49 5.64 -1.21 12.81
CA LEU A 49 5.54 -2.62 13.15
C LEU A 49 6.86 -3.33 12.82
N PRO A 50 7.56 -3.86 13.81
CA PRO A 50 8.85 -4.57 13.56
C PRO A 50 8.74 -5.66 12.50
N VAL A 51 7.58 -6.32 12.45
CA VAL A 51 7.35 -7.39 11.48
C VAL A 51 7.43 -6.87 10.04
N VAL A 52 6.94 -5.66 9.83
CA VAL A 52 6.98 -5.05 8.49
C VAL A 52 8.43 -4.66 8.16
N SER A 53 8.86 -4.95 6.94
CA SER A 53 10.23 -4.65 6.52
C SER A 53 10.45 -3.16 6.25
N LYS A 54 11.72 -2.79 6.06
CA LYS A 54 12.09 -1.39 5.79
C LYS A 54 11.49 -0.94 4.47
N GLN A 55 11.46 -1.86 3.51
CA GLN A 55 10.90 -1.59 2.20
C GLN A 55 10.01 -2.77 1.85
N HIS A 56 9.02 -2.99 2.70
CA HIS A 56 8.10 -4.11 2.57
C HIS A 56 7.37 -4.12 1.24
N CYS A 57 6.77 -2.99 0.87
CA CYS A 57 6.03 -2.93 -0.38
C CYS A 57 6.05 -1.53 -0.96
N LYS A 58 5.86 -1.44 -2.26
CA LYS A 58 5.88 -0.15 -2.93
C LYS A 58 4.78 -0.07 -3.98
N ILE A 59 3.96 0.97 -3.88
CA ILE A 59 2.92 1.16 -4.85
C ILE A 59 3.33 2.27 -5.81
N GLU A 60 3.69 1.88 -7.03
CA GLU A 60 4.12 2.86 -8.02
C GLU A 60 2.92 3.53 -8.65
N ILE A 61 2.89 4.85 -8.57
CA ILE A 61 1.79 5.61 -9.13
C ILE A 61 2.09 6.06 -10.55
N HIS A 62 1.20 5.70 -11.46
CA HIS A 62 1.34 6.07 -12.86
C HIS A 62 0.36 7.18 -13.19
N GLU A 63 0.44 7.71 -14.40
CA GLU A 63 -0.44 8.80 -14.81
C GLU A 63 -1.87 8.59 -14.33
N GLN A 64 -2.37 7.35 -14.45
CA GLN A 64 -3.73 7.08 -14.01
C GLN A 64 -3.88 5.68 -13.40
N GLU A 65 -2.78 5.12 -12.91
CA GLU A 65 -2.84 3.79 -12.31
C GLU A 65 -1.78 3.59 -11.23
N ALA A 66 -2.07 2.73 -10.27
CA ALA A 66 -1.14 2.43 -9.18
C ALA A 66 -0.66 0.99 -9.28
N ILE A 67 0.65 0.78 -9.15
CA ILE A 67 1.22 -0.56 -9.28
C ILE A 67 2.04 -0.98 -8.05
N LEU A 68 1.73 -2.17 -7.54
CA LEU A 68 2.41 -2.72 -6.36
C LEU A 68 3.80 -3.27 -6.71
N HIS A 69 4.74 -3.11 -5.76
CA HIS A 69 6.10 -3.59 -5.95
C HIS A 69 6.64 -4.18 -4.64
N ASN A 70 6.22 -5.42 -4.36
CA ASN A 70 6.62 -6.12 -3.14
C ASN A 70 8.09 -6.55 -3.17
N PHE A 71 8.79 -6.25 -2.08
CA PHE A 71 10.20 -6.62 -1.96
C PHE A 71 10.37 -7.81 -1.01
N SER A 72 9.51 -7.85 0.01
CA SER A 72 9.57 -8.91 1.01
C SER A 72 9.45 -10.30 0.37
N SER A 73 10.33 -11.20 0.80
CA SER A 73 10.32 -12.57 0.29
C SER A 73 9.68 -13.51 1.32
N THR A 74 10.18 -13.45 2.54
CA THR A 74 9.66 -14.29 3.62
C THR A 74 8.19 -13.95 3.89
N ASN A 75 7.90 -12.66 3.99
CA ASN A 75 6.54 -12.21 4.23
C ASN A 75 6.10 -11.30 3.09
N PRO A 76 5.63 -11.84 1.99
CA PRO A 76 5.21 -11.01 0.83
C PRO A 76 3.92 -10.26 1.11
N THR A 77 3.80 -9.08 0.50
CA THR A 77 2.60 -8.28 0.67
C THR A 77 1.43 -9.06 0.08
N GLN A 78 0.22 -8.76 0.55
CA GLN A 78 -0.96 -9.47 0.08
C GLN A 78 -2.03 -8.54 -0.48
N VAL A 79 -2.68 -9.00 -1.56
CA VAL A 79 -3.72 -8.21 -2.20
C VAL A 79 -5.01 -9.01 -2.34
N ASN A 80 -6.13 -8.40 -1.97
CA ASN A 80 -7.42 -9.05 -2.08
C ASN A 80 -7.36 -10.48 -1.53
N GLY A 81 -6.50 -10.70 -0.56
CA GLY A 81 -6.36 -12.02 0.04
C GLY A 81 -5.52 -12.93 -0.86
N SER A 82 -4.77 -12.32 -1.78
CA SER A 82 -3.93 -13.08 -2.68
C SER A 82 -2.46 -12.73 -2.46
N VAL A 83 -1.61 -13.75 -2.46
CA VAL A 83 -0.19 -13.53 -2.24
C VAL A 83 0.44 -12.79 -3.41
N ILE A 84 1.47 -12.01 -3.10
CA ILE A 84 2.17 -11.24 -4.11
C ILE A 84 3.56 -11.82 -4.38
N ASP A 85 3.66 -12.74 -5.33
CA ASP A 85 4.95 -13.33 -5.66
C ASP A 85 5.89 -12.29 -6.25
N GLU A 86 5.34 -11.43 -7.10
CA GLU A 86 6.12 -10.38 -7.74
C GLU A 86 5.26 -9.14 -7.95
N PRO A 87 5.82 -8.06 -8.38
CA PRO A 87 5.04 -6.81 -8.61
C PRO A 87 3.86 -7.10 -9.53
N VAL A 88 2.70 -6.54 -9.19
CA VAL A 88 1.50 -6.77 -9.98
C VAL A 88 0.71 -5.49 -10.17
N ARG A 89 -0.15 -5.49 -11.18
CA ARG A 89 -0.99 -4.34 -11.45
C ARG A 89 -2.17 -4.32 -10.48
N LEU A 90 -2.47 -3.14 -9.96
CA LEU A 90 -3.57 -3.00 -9.01
C LEU A 90 -4.80 -2.40 -9.67
N LYS A 91 -5.96 -3.00 -9.40
CA LYS A 91 -7.20 -2.49 -9.94
C LYS A 91 -7.83 -1.54 -8.94
N HIS A 92 -8.62 -0.59 -9.44
CA HIS A 92 -9.26 0.38 -8.57
C HIS A 92 -10.17 -0.33 -7.57
N GLY A 93 -10.02 0.02 -6.29
CA GLY A 93 -10.83 -0.60 -5.23
C GLY A 93 -10.11 -1.80 -4.62
N ASP A 94 -8.86 -2.01 -5.02
CA ASP A 94 -8.07 -3.13 -4.49
C ASP A 94 -7.62 -2.85 -3.06
N VAL A 95 -7.34 -3.91 -2.32
CA VAL A 95 -6.90 -3.79 -0.94
C VAL A 95 -5.50 -4.36 -0.78
N ILE A 96 -4.64 -3.60 -0.10
CA ILE A 96 -3.26 -4.03 0.13
C ILE A 96 -3.15 -4.56 1.55
N THR A 97 -2.56 -5.74 1.71
CA THR A 97 -2.41 -6.31 3.05
C THR A 97 -0.99 -6.80 3.29
N ILE A 98 -0.40 -6.33 4.39
CA ILE A 98 0.94 -6.74 4.77
C ILE A 98 0.83 -7.78 5.89
N ILE A 99 1.81 -7.89 6.75
CA ILE A 99 1.77 -8.89 7.81
C ILE A 99 0.60 -8.65 8.77
N ASP A 100 0.37 -7.40 9.17
CA ASP A 100 -0.73 -7.13 10.11
C ASP A 100 -1.47 -5.83 9.78
N ARG A 101 -1.04 -5.11 8.75
CA ARG A 101 -1.69 -3.85 8.39
C ARG A 101 -2.16 -3.88 6.94
N SER A 102 -3.28 -3.21 6.67
CA SER A 102 -3.82 -3.18 5.32
C SER A 102 -4.18 -1.77 4.87
N PHE A 103 -4.08 -1.54 3.55
CA PHE A 103 -4.39 -0.23 2.98
C PHE A 103 -5.37 -0.37 1.82
N ARG A 104 -6.18 0.65 1.61
CA ARG A 104 -7.15 0.65 0.52
C ARG A 104 -6.69 1.56 -0.59
N TYR A 105 -6.78 1.09 -1.82
CA TYR A 105 -6.35 1.88 -2.97
C TYR A 105 -7.54 2.26 -3.85
N GLU A 106 -7.89 3.54 -3.81
CA GLU A 106 -9.02 4.04 -4.60
C GLU A 106 -8.61 5.26 -5.41
N ASN A 107 -8.78 5.15 -6.72
CA ASN A 107 -8.45 6.26 -7.62
C ASN A 107 -9.69 7.10 -7.90
N GLU A 108 -9.70 8.33 -7.41
CA GLU A 108 -10.84 9.21 -7.61
C GLU A 108 -10.63 10.13 -8.81
N MET A 9 -13.80 18.42 -13.56
CA MET A 9 -13.06 17.16 -13.29
C MET A 9 -11.74 17.46 -12.60
N TRP A 10 -11.54 16.84 -11.45
CA TRP A 10 -10.32 17.01 -10.66
C TRP A 10 -10.12 15.80 -9.75
N PRO A 11 -10.03 14.62 -10.32
CA PRO A 11 -9.84 13.36 -9.54
C PRO A 11 -8.50 13.32 -8.83
N THR A 12 -8.48 12.72 -7.64
CA THR A 12 -7.25 12.63 -6.86
C THR A 12 -7.04 11.20 -6.36
N ARG A 13 -5.82 10.72 -6.54
CA ARG A 13 -5.48 9.38 -6.07
C ARG A 13 -5.20 9.44 -4.57
N ARG A 14 -5.80 8.52 -3.82
CA ARG A 14 -5.59 8.51 -2.37
C ARG A 14 -5.55 7.09 -1.83
N LEU A 15 -4.73 6.90 -0.80
CA LEU A 15 -4.61 5.60 -0.16
C LEU A 15 -5.24 5.67 1.21
N VAL A 16 -6.08 4.70 1.52
CA VAL A 16 -6.74 4.69 2.82
C VAL A 16 -6.32 3.46 3.61
N THR A 17 -5.98 3.68 4.88
CA THR A 17 -5.56 2.59 5.74
C THR A 17 -6.66 2.22 6.72
N ILE A 18 -7.08 0.96 6.70
CA ILE A 18 -8.12 0.50 7.59
C ILE A 18 -7.57 0.27 8.99
N LYS A 19 -8.04 1.07 9.95
CA LYS A 19 -7.59 0.92 11.34
C LYS A 19 -8.02 -0.46 11.87
N ARG A 20 -9.25 -0.85 11.52
CA ARG A 20 -9.79 -2.14 11.94
C ARG A 20 -10.66 -2.71 10.82
N SER A 21 -10.68 -4.04 10.68
CA SER A 21 -11.46 -4.66 9.62
C SER A 21 -12.94 -4.33 9.79
N GLY A 22 -13.60 -3.96 8.70
CA GLY A 22 -15.01 -3.64 8.76
C GLY A 22 -15.27 -2.14 8.89
N VAL A 23 -14.24 -1.38 9.29
CA VAL A 23 -14.40 0.06 9.47
C VAL A 23 -13.29 0.85 8.79
N ASP A 24 -13.65 1.96 8.16
CA ASP A 24 -12.67 2.80 7.48
C ASP A 24 -11.84 3.58 8.52
N GLY A 25 -10.55 3.68 8.27
CA GLY A 25 -9.64 4.39 9.18
C GLY A 25 -9.13 5.69 8.53
N PRO A 26 -8.09 6.27 9.07
CA PRO A 26 -7.48 7.53 8.54
C PRO A 26 -6.99 7.37 7.10
N HIS A 27 -7.02 8.46 6.36
CA HIS A 27 -6.59 8.43 4.96
C HIS A 27 -5.15 8.87 4.80
N PHE A 28 -4.64 8.74 3.58
CA PHE A 28 -3.26 9.10 3.27
C PHE A 28 -3.16 9.74 1.89
N PRO A 29 -3.23 11.05 1.80
CA PRO A 29 -3.12 11.80 0.51
C PRO A 29 -1.81 11.50 -0.22
N LEU A 30 -1.83 11.52 -1.54
CA LEU A 30 -0.63 11.20 -2.31
C LEU A 30 -0.04 12.46 -2.97
N SER A 31 1.22 12.77 -2.62
CA SER A 31 1.90 13.92 -3.20
C SER A 31 3.05 13.44 -4.08
N LEU A 32 3.48 12.21 -3.84
CA LEU A 32 4.56 11.60 -4.59
C LEU A 32 4.04 10.46 -5.45
N SER A 33 4.46 10.43 -6.70
CA SER A 33 4.02 9.38 -7.61
C SER A 33 4.52 8.01 -7.16
N THR A 34 5.49 7.99 -6.26
CA THR A 34 6.03 6.72 -5.77
C THR A 34 5.77 6.56 -4.27
N CYS A 35 4.87 5.65 -3.93
CA CYS A 35 4.55 5.42 -2.51
C CYS A 35 5.24 4.15 -2.00
N LEU A 36 5.93 4.25 -0.86
CA LEU A 36 6.64 3.11 -0.30
C LEU A 36 6.16 2.78 1.12
N PHE A 37 6.20 1.48 1.46
CA PHE A 37 5.75 0.99 2.77
C PHE A 37 6.91 0.49 3.62
N GLY A 38 6.83 0.69 4.93
CA GLY A 38 7.88 0.20 5.82
C GLY A 38 8.15 1.16 6.98
N ARG A 39 8.94 0.68 7.93
CA ARG A 39 9.28 1.47 9.11
C ARG A 39 10.11 2.69 8.76
N GLY A 40 10.98 2.56 7.77
CA GLY A 40 11.83 3.67 7.38
C GLY A 40 11.03 4.95 7.20
N ILE A 41 11.67 6.07 7.52
CA ILE A 41 11.02 7.36 7.39
C ILE A 41 10.78 7.66 5.91
N GLU A 42 11.77 7.29 5.09
CA GLU A 42 11.68 7.52 3.65
C GLU A 42 10.42 6.87 3.08
N CYS A 43 9.79 6.01 3.87
CA CYS A 43 8.58 5.34 3.43
C CYS A 43 7.39 6.29 3.43
N ASP A 44 6.72 6.43 2.27
CA ASP A 44 5.55 7.29 2.18
C ASP A 44 4.48 6.76 3.10
N ILE A 45 4.37 5.44 3.15
CA ILE A 45 3.41 4.78 4.01
C ILE A 45 4.16 4.13 5.16
N ARG A 46 4.52 4.95 6.15
CA ARG A 46 5.28 4.48 7.30
C ARG A 46 4.45 3.54 8.18
N ILE A 47 5.05 2.41 8.54
CA ILE A 47 4.38 1.43 9.39
C ILE A 47 5.19 1.15 10.64
N GLN A 48 4.57 1.34 11.81
CA GLN A 48 5.26 1.10 13.07
C GLN A 48 5.01 -0.34 13.55
N LEU A 49 5.75 -1.27 12.98
CA LEU A 49 5.62 -2.68 13.36
C LEU A 49 6.92 -3.41 13.02
N PRO A 50 7.56 -4.10 13.94
CA PRO A 50 8.85 -4.79 13.67
C PRO A 50 8.72 -5.89 12.63
N VAL A 51 7.53 -6.45 12.48
CA VAL A 51 7.32 -7.52 11.52
C VAL A 51 7.40 -7.00 10.07
N VAL A 52 6.98 -5.76 9.85
CA VAL A 52 7.03 -5.18 8.50
C VAL A 52 8.46 -4.84 8.13
N SER A 53 8.85 -5.12 6.89
CA SER A 53 10.22 -4.85 6.46
C SER A 53 10.40 -3.36 6.17
N LYS A 54 11.65 -2.92 6.09
CA LYS A 54 11.95 -1.52 5.82
C LYS A 54 11.35 -1.09 4.49
N GLN A 55 11.43 -1.98 3.51
CA GLN A 55 10.87 -1.71 2.19
C GLN A 55 9.96 -2.86 1.83
N HIS A 56 8.94 -3.05 2.68
CA HIS A 56 8.00 -4.15 2.53
C HIS A 56 7.27 -4.12 1.19
N CYS A 57 6.66 -2.99 0.86
CA CYS A 57 5.93 -2.90 -0.41
C CYS A 57 5.97 -1.49 -0.96
N LYS A 58 5.69 -1.37 -2.26
CA LYS A 58 5.72 -0.07 -2.91
C LYS A 58 4.67 0.05 -3.99
N ILE A 59 3.85 1.08 -3.88
CA ILE A 59 2.83 1.32 -4.87
C ILE A 59 3.30 2.38 -5.85
N GLU A 60 3.80 1.95 -7.00
CA GLU A 60 4.28 2.88 -8.02
C GLU A 60 3.09 3.45 -8.76
N ILE A 61 2.88 4.74 -8.59
CA ILE A 61 1.75 5.40 -9.21
C ILE A 61 2.18 6.20 -10.42
N HIS A 62 1.59 5.86 -11.55
CA HIS A 62 1.87 6.56 -12.78
C HIS A 62 0.65 7.37 -13.17
N GLU A 63 0.84 8.37 -13.98
CA GLU A 63 -0.25 9.25 -14.39
C GLU A 63 -1.56 8.49 -14.61
N GLN A 64 -1.50 7.18 -14.87
CA GLN A 64 -2.73 6.45 -15.14
C GLN A 64 -3.21 5.50 -14.03
N GLU A 65 -2.31 4.80 -13.33
CA GLU A 65 -2.80 3.87 -12.30
C GLU A 65 -1.77 3.55 -11.22
N ALA A 66 -2.25 2.95 -10.12
CA ALA A 66 -1.38 2.56 -9.01
C ALA A 66 -0.87 1.14 -9.26
N ILE A 67 0.44 0.97 -9.13
CA ILE A 67 1.07 -0.33 -9.37
C ILE A 67 1.88 -0.77 -8.15
N LEU A 68 1.62 -2.00 -7.67
CA LEU A 68 2.32 -2.53 -6.50
C LEU A 68 3.72 -3.03 -6.85
N HIS A 69 4.64 -2.92 -5.89
CA HIS A 69 6.01 -3.38 -6.08
C HIS A 69 6.56 -3.99 -4.78
N ASN A 70 6.17 -5.24 -4.54
CA ASN A 70 6.60 -5.97 -3.34
C ASN A 70 8.07 -6.37 -3.40
N PHE A 71 8.76 -6.21 -2.27
CA PHE A 71 10.17 -6.58 -2.16
C PHE A 71 10.36 -7.78 -1.25
N SER A 72 9.51 -7.86 -0.22
CA SER A 72 9.60 -8.93 0.76
C SER A 72 9.41 -10.29 0.10
N SER A 73 10.20 -11.26 0.55
CA SER A 73 10.13 -12.61 0.00
C SER A 73 9.41 -13.54 0.96
N THR A 74 9.96 -13.70 2.17
CA THR A 74 9.35 -14.58 3.16
C THR A 74 7.95 -14.10 3.52
N ASN A 75 7.83 -12.82 3.82
CA ASN A 75 6.54 -12.24 4.16
C ASN A 75 6.13 -11.23 3.10
N PRO A 76 5.63 -11.70 1.99
CA PRO A 76 5.22 -10.80 0.87
C PRO A 76 3.92 -10.10 1.15
N THR A 77 3.76 -8.92 0.57
CA THR A 77 2.53 -8.20 0.73
C THR A 77 1.40 -9.06 0.18
N GLN A 78 0.17 -8.72 0.48
CA GLN A 78 -0.96 -9.53 0.03
C GLN A 78 -2.09 -8.66 -0.49
N VAL A 79 -2.82 -9.19 -1.48
CA VAL A 79 -3.94 -8.46 -2.05
C VAL A 79 -5.20 -9.32 -2.05
N ASN A 80 -6.29 -8.74 -1.56
CA ASN A 80 -7.55 -9.47 -1.52
C ASN A 80 -7.37 -10.85 -0.92
N GLY A 81 -6.40 -10.98 -0.02
CA GLY A 81 -6.15 -12.27 0.60
C GLY A 81 -5.22 -13.12 -0.27
N SER A 82 -4.87 -12.61 -1.44
CA SER A 82 -3.98 -13.34 -2.34
C SER A 82 -2.54 -13.10 -1.93
N VAL A 83 -1.62 -13.80 -2.57
CA VAL A 83 -0.21 -13.62 -2.25
C VAL A 83 0.51 -12.99 -3.44
N ILE A 84 1.41 -12.08 -3.11
CA ILE A 84 2.16 -11.36 -4.12
C ILE A 84 3.60 -11.85 -4.16
N ASP A 85 3.96 -12.53 -5.25
CA ASP A 85 5.32 -13.05 -5.41
C ASP A 85 6.16 -12.11 -6.28
N GLU A 86 5.52 -11.06 -6.81
CA GLU A 86 6.20 -10.09 -7.67
C GLU A 86 5.30 -8.87 -7.89
N PRO A 87 5.81 -7.82 -8.50
CA PRO A 87 5.00 -6.58 -8.78
C PRO A 87 3.74 -6.93 -9.56
N VAL A 88 2.61 -6.32 -9.20
CA VAL A 88 1.36 -6.59 -9.90
C VAL A 88 0.54 -5.33 -10.13
N ARG A 89 -0.37 -5.41 -11.10
CA ARG A 89 -1.24 -4.28 -11.42
C ARG A 89 -2.38 -4.21 -10.41
N LEU A 90 -2.66 -3.03 -9.89
CA LEU A 90 -3.72 -2.88 -8.93
C LEU A 90 -4.94 -2.22 -9.57
N LYS A 91 -6.10 -2.74 -9.22
CA LYS A 91 -7.35 -2.22 -9.73
C LYS A 91 -8.01 -1.37 -8.65
N HIS A 92 -8.88 -0.46 -9.05
CA HIS A 92 -9.54 0.40 -8.09
C HIS A 92 -10.39 -0.43 -7.11
N GLY A 93 -10.25 -0.12 -5.82
CA GLY A 93 -11.02 -0.84 -4.80
C GLY A 93 -10.24 -2.02 -4.22
N ASP A 94 -9.10 -2.34 -4.81
CA ASP A 94 -8.29 -3.46 -4.32
C ASP A 94 -7.76 -3.15 -2.92
N VAL A 95 -7.62 -4.20 -2.11
CA VAL A 95 -7.14 -4.04 -0.74
C VAL A 95 -5.79 -4.73 -0.58
N ILE A 96 -4.83 -4.03 0.01
CA ILE A 96 -3.51 -4.60 0.23
C ILE A 96 -3.33 -4.95 1.68
N THR A 97 -2.80 -6.14 1.92
CA THR A 97 -2.58 -6.59 3.28
C THR A 97 -1.14 -7.00 3.50
N ILE A 98 -0.51 -6.36 4.48
CA ILE A 98 0.85 -6.68 4.83
C ILE A 98 0.79 -7.73 5.95
N ILE A 99 1.81 -7.83 6.78
CA ILE A 99 1.80 -8.85 7.84
C ILE A 99 0.66 -8.63 8.84
N ASP A 100 0.42 -7.38 9.26
CA ASP A 100 -0.63 -7.12 10.25
C ASP A 100 -1.50 -5.91 9.91
N ARG A 101 -1.20 -5.20 8.81
CA ARG A 101 -2.00 -4.02 8.46
C ARG A 101 -2.58 -4.14 7.06
N SER A 102 -3.62 -3.34 6.81
CA SER A 102 -4.28 -3.35 5.51
C SER A 102 -4.37 -1.94 4.95
N PHE A 103 -4.26 -1.85 3.63
CA PHE A 103 -4.33 -0.58 2.93
C PHE A 103 -5.30 -0.66 1.77
N ARG A 104 -5.91 0.47 1.44
CA ARG A 104 -6.87 0.49 0.36
C ARG A 104 -6.43 1.48 -0.70
N TYR A 105 -6.55 1.08 -1.97
CA TYR A 105 -6.15 1.94 -3.07
C TYR A 105 -7.38 2.38 -3.85
N GLU A 106 -7.69 3.68 -3.76
CA GLU A 106 -8.86 4.22 -4.44
C GLU A 106 -8.49 5.26 -5.49
N ASN A 107 -8.90 5.00 -6.71
CA ASN A 107 -8.64 5.92 -7.81
C ASN A 107 -9.95 6.49 -8.32
N GLU A 108 -10.28 7.71 -7.91
CA GLU A 108 -11.52 8.35 -8.34
C GLU A 108 -11.43 8.82 -9.78
#